data_7Q13
#
_entry.id   7Q13
#
_cell.length_a   1.00
_cell.length_b   1.00
_cell.length_c   1.00
_cell.angle_alpha   90.00
_cell.angle_beta   90.00
_cell.angle_gamma   90.00
#
_symmetry.space_group_name_H-M   'P 1'
#
loop_
_entity.id
_entity.type
_entity.pdbx_description
1 polymer 'Glycogen [starch] synthase, muscle'
2 polymer Glycogenin-1
3 non-polymer 6-O-phosphono-alpha-D-glucopyranose
4 non-polymer "URIDINE-5'-DIPHOSPHATE"
5 non-polymer alpha-D-glucopyranose
#
loop_
_entity_poly.entity_id
_entity_poly.type
_entity_poly.pdbx_seq_one_letter_code
_entity_poly.pdbx_strand_id
1 'polypeptide(L)'
;MPLNRTLSMSSLPGLEDWEDEFDLENAVLFEVAWEVANKVGGIYTVLQTKAKVTGDEWGDNYFLVGPYTEQGVRTQVELL
EAPTPALKRTLDSMNSKGCKVYFGRWLIEGGPLVVLLDVGASAWALERWKGELWDTCNIGVPWYDREANDAVLFGFLTTW
FLGEFLAQSEEKPHVVAHFHEWLAGVGLCLCRARRLPVATIFTTHATLLGRYLCAGAVDFYNNLENFNVDKEAGERQIYH
RYCMERAAAHCAHVFTTVSQITAIEAQHLLKRKPDIVTPNGLNVKKFSAMHEFQNLHAQSKARIQEFVRGHFYGHLDFNL
DKTLYFFIAGRYEFSNKGADVFLEALARLNYLLRVNGSEQTVVAFFIMPARTNNFNVETLKGQAVRKQLWDTANTVKEKF
GRKLYESLLVGSLPDMNKMLDKEDFTMMKRAIFATQRQSFPPVCTHNMLDDSSDPILTTIRRIGLFNSSADRVKVIFHPE
FLSSTSPLLPVDYEEFVRGCHLGVFPSYYEPWGYTPAECTVMGIPSISTNLSGFGCFMEEHIADPSAYGIYILDRRFRSL
DDSCSQLTSFLYSFCQQSRRQRIIQRNRTERLSDLLDWKYLGRYYMSARHMALSKAFPEHFTYEPNEADAAQGYRYPRPA
SVPPSPSLSRHSSPHQSEDEEDPRNGPLEEDGERYDEDEEAAKDRRNIRAPEWPRRASCTSSTSGSKRNSVDTATSSSLS
TPSEPLSPTSSLGEERN
;
A,B,C,D
2 'polypeptide(L)'
;MTDQAFVTLTTNDAYAKGALVLGSSLKQHRTTRRLVVLATPQVSDSMRKVLETVFDEVIMVDVLDSGDSAHLTLMKRPEL
GVTLTKLHCWSLTQYSKCVFMDADTLVLANIDDLFDREELSAAPDPGWPDCFNSGVFVYQPSVETYNQLLHLASEQGSFD
GGDQGILNTFFSSWATTDIRKHLPFIYNLSSISIYSYLPAFKVFGASAKVVHFLGRVKPWNYTYDPKTKSVKSEAHDPNM
THPEFLILWWNIFTTNVLPLLQQFGLVKDTCSYVNVLSDLVYTLAFSCGFCRKEDVSGAISHLSLGEIPAMAQPFVSSEE
RKERWEQGQADYMGADSFDNIKRKLDTYLQ
;
E,F,G,H
#
# COMPACT_ATOMS: atom_id res chain seq x y z
N LEU A 29 32.09 31.40 27.95
CA LEU A 29 32.19 31.67 26.53
C LEU A 29 30.92 32.34 26.00
N PHE A 30 31.10 33.39 25.21
CA PHE A 30 29.99 34.14 24.61
C PHE A 30 30.23 34.24 23.11
N GLU A 31 29.58 33.37 22.34
CA GLU A 31 29.67 33.41 20.88
C GLU A 31 28.51 34.24 20.33
N VAL A 32 28.66 35.56 20.48
CA VAL A 32 27.62 36.48 20.05
C VAL A 32 27.65 36.63 18.54
N ALA A 33 26.48 36.53 17.90
CA ALA A 33 26.36 36.63 16.45
C ALA A 33 24.92 36.95 16.09
N TRP A 34 24.73 37.38 14.85
CA TRP A 34 23.42 37.75 14.35
C TRP A 34 22.62 36.60 13.77
N GLU A 35 23.27 35.50 13.37
CA GLU A 35 22.58 34.38 12.75
C GLU A 35 22.64 33.19 13.72
N VAL A 36 21.68 33.13 14.63
CA VAL A 36 21.61 32.02 15.59
C VAL A 36 20.21 31.42 15.53
N ALA A 37 19.23 32.24 15.14
CA ALA A 37 17.83 31.81 15.17
C ALA A 37 17.20 31.97 13.80
N ASN A 38 17.69 32.93 13.03
CA ASN A 38 17.24 33.15 11.67
C ASN A 38 18.18 32.43 10.70
N LYS A 39 17.59 31.82 9.67
CA LYS A 39 18.34 30.97 8.75
C LYS A 39 18.99 31.83 7.67
N VAL A 40 20.30 31.95 7.75
CA VAL A 40 21.13 32.55 6.69
C VAL A 40 22.27 31.59 6.42
N GLY A 41 22.74 31.57 5.17
CA GLY A 41 23.74 30.58 4.78
C GLY A 41 25.00 30.65 5.62
N GLY A 42 25.53 31.86 5.82
CA GLY A 42 26.69 32.04 6.66
C GLY A 42 26.33 32.11 8.14
N ILE A 43 27.38 32.04 8.97
CA ILE A 43 27.29 32.22 10.41
C ILE A 43 26.43 31.14 11.05
N TYR A 44 25.18 31.01 10.58
CA TYR A 44 24.25 30.06 11.16
C TYR A 44 24.80 28.63 11.10
N THR A 45 25.26 28.20 9.92
CA THR A 45 25.74 26.84 9.77
C THR A 45 26.99 26.59 10.61
N VAL A 46 27.94 27.53 10.60
CA VAL A 46 29.19 27.30 11.34
C VAL A 46 28.91 27.23 12.84
N LEU A 47 28.05 28.12 13.36
CA LEU A 47 27.72 28.06 14.78
C LEU A 47 26.96 26.78 15.12
N GLN A 48 26.00 26.39 14.27
CA GLN A 48 25.21 25.20 14.55
C GLN A 48 26.06 23.94 14.53
N THR A 49 27.06 23.89 13.64
CA THR A 49 27.95 22.74 13.61
C THR A 49 28.97 22.77 14.74
N LYS A 50 29.43 23.95 15.15
CA LYS A 50 30.45 24.04 16.19
C LYS A 50 29.87 23.78 17.58
N ALA A 51 28.61 24.17 17.81
CA ALA A 51 28.03 24.17 19.16
C ALA A 51 28.21 22.82 19.85
N LYS A 52 28.02 21.71 19.12
CA LYS A 52 28.07 20.40 19.74
C LYS A 52 29.44 20.15 20.38
N VAL A 53 30.52 20.30 19.59
CA VAL A 53 31.84 20.00 20.11
C VAL A 53 32.26 21.05 21.13
N THR A 54 31.98 22.33 20.87
CA THR A 54 32.39 23.38 21.79
C THR A 54 31.64 23.32 23.11
N GLY A 55 30.50 22.63 23.16
CA GLY A 55 29.79 22.45 24.41
C GLY A 55 30.16 21.17 25.12
N ASP A 56 30.38 20.09 24.36
CA ASP A 56 30.78 18.83 24.99
C ASP A 56 32.19 18.89 25.55
N GLU A 57 33.09 19.65 24.91
CA GLU A 57 34.45 19.75 25.43
C GLU A 57 34.54 20.66 26.64
N TRP A 58 33.68 21.69 26.72
CA TRP A 58 33.78 22.67 27.79
C TRP A 58 32.70 22.48 28.85
N GLY A 59 31.43 22.41 28.45
CA GLY A 59 30.37 22.18 29.42
C GLY A 59 29.21 23.16 29.33
N ASP A 60 28.64 23.52 30.48
CA ASP A 60 27.47 24.38 30.55
C ASP A 60 27.83 25.85 30.66
N ASN A 61 29.12 26.19 30.65
CA ASN A 61 29.58 27.58 30.67
C ASN A 61 29.57 28.21 29.28
N TYR A 62 28.90 27.60 28.32
CA TYR A 62 28.85 28.08 26.95
C TYR A 62 27.54 28.83 26.72
N PHE A 63 27.63 30.09 26.29
CA PHE A 63 26.49 30.95 26.12
C PHE A 63 26.47 31.53 24.71
N LEU A 64 25.29 31.59 24.11
CA LEU A 64 25.10 32.05 22.74
C LEU A 64 24.11 33.20 22.72
N VAL A 65 24.48 34.27 22.01
CA VAL A 65 23.70 35.51 22.00
C VAL A 65 23.32 35.83 20.57
N GLY A 66 22.04 36.17 20.37
CA GLY A 66 21.54 36.51 19.05
C GLY A 66 20.26 37.31 19.10
N PRO A 67 19.76 37.70 17.92
CA PRO A 67 18.57 38.54 17.85
C PRO A 67 17.27 37.78 17.81
N TYR A 68 16.15 38.51 17.80
CA TYR A 68 14.81 37.94 17.69
C TYR A 68 14.11 38.56 16.50
N THR A 69 13.65 37.72 15.59
CA THR A 69 12.90 38.15 14.41
C THR A 69 11.59 37.39 14.36
N GLU A 70 10.50 38.11 14.06
CA GLU A 70 9.18 37.50 13.98
C GLU A 70 9.02 36.79 12.63
N GLN A 71 9.81 35.72 12.48
CA GLN A 71 9.80 34.92 11.26
C GLN A 71 9.69 33.43 11.53
N GLY A 72 9.35 33.02 12.74
CA GLY A 72 9.30 31.63 13.11
C GLY A 72 10.51 31.11 13.85
N VAL A 73 11.40 31.99 14.33
CA VAL A 73 12.60 31.54 15.03
C VAL A 73 12.24 30.85 16.34
N ARG A 74 11.09 31.19 16.93
CA ARG A 74 10.69 30.54 18.17
C ARG A 74 10.25 29.10 17.97
N THR A 75 9.94 28.71 16.73
CA THR A 75 9.57 27.33 16.46
C THR A 75 10.76 26.40 16.70
N GLN A 76 11.96 26.83 16.30
CA GLN A 76 13.16 26.04 16.47
C GLN A 76 13.85 26.24 17.82
N VAL A 77 13.35 27.16 18.65
CA VAL A 77 13.98 27.51 19.91
C VAL A 77 13.00 27.25 21.04
N GLU A 78 13.42 26.47 22.04
CA GLU A 78 12.61 26.23 23.24
C GLU A 78 12.95 27.33 24.24
N LEU A 79 12.17 28.40 24.19
CA LEU A 79 12.41 29.55 25.06
C LEU A 79 12.12 29.19 26.52
N LEU A 80 12.91 29.76 27.43
CA LEU A 80 12.75 29.58 28.87
C LEU A 80 12.61 30.95 29.50
N GLU A 81 11.37 31.46 29.54
CA GLU A 81 11.12 32.73 30.22
C GLU A 81 11.23 32.59 31.73
N ALA A 82 10.82 31.44 32.27
CA ALA A 82 10.90 31.21 33.70
C ALA A 82 12.36 31.17 34.15
N PRO A 83 12.63 31.54 35.42
CA PRO A 83 14.01 31.51 35.91
C PRO A 83 14.59 30.11 35.83
N THR A 84 15.87 30.06 35.46
CA THR A 84 16.59 28.80 35.26
C THR A 84 18.02 28.98 35.77
N PRO A 85 18.55 28.00 36.52
CA PRO A 85 19.93 28.11 37.02
C PRO A 85 20.95 28.16 35.89
N ALA A 86 22.24 28.22 36.22
CA ALA A 86 23.30 28.48 35.24
C ALA A 86 23.09 29.87 34.62
N LEU A 87 23.43 30.88 35.44
CA LEU A 87 23.10 32.29 35.22
C LEU A 87 21.60 32.50 35.35
N LYS A 88 21.09 32.27 36.57
CA LYS A 88 19.72 32.59 36.94
C LYS A 88 19.55 34.02 37.43
N ARG A 89 20.65 34.73 37.71
CA ARG A 89 20.57 36.03 38.35
C ARG A 89 20.10 37.13 37.40
N THR A 90 20.42 37.01 36.11
CA THR A 90 20.05 38.07 35.18
C THR A 90 18.54 38.10 34.94
N LEU A 91 17.87 36.95 35.04
CA LEU A 91 16.44 36.90 34.77
C LEU A 91 15.65 37.75 35.76
N ASP A 92 16.02 37.68 37.05
CA ASP A 92 15.38 38.49 38.07
C ASP A 92 16.20 39.73 38.41
N SER A 93 17.27 40.01 37.66
CA SER A 93 18.08 41.21 37.88
C SER A 93 17.83 42.29 36.83
N MET A 94 17.60 41.91 35.57
CA MET A 94 17.51 42.89 34.48
C MET A 94 16.31 42.68 33.56
N ASN A 95 15.74 41.48 33.47
CA ASN A 95 14.68 41.23 32.51
C ASN A 95 13.47 42.12 32.75
N SER A 96 13.09 42.32 34.01
CA SER A 96 11.97 43.20 34.34
C SER A 96 12.44 44.64 34.52
N LYS A 97 13.16 45.16 33.52
CA LYS A 97 13.65 46.53 33.56
C LYS A 97 13.50 47.24 32.22
N GLY A 98 12.57 46.82 31.38
CA GLY A 98 12.37 47.42 30.08
C GLY A 98 13.08 46.72 28.93
N CYS A 99 13.64 45.54 29.16
CA CYS A 99 14.34 44.77 28.14
C CYS A 99 13.59 43.46 27.91
N LYS A 100 14.18 42.58 27.10
CA LYS A 100 13.51 41.34 26.73
C LYS A 100 14.58 40.32 26.38
N VAL A 101 14.80 39.35 27.27
CA VAL A 101 15.86 38.36 27.12
C VAL A 101 15.28 36.97 27.41
N TYR A 102 15.52 36.02 26.51
CA TYR A 102 15.05 34.65 26.66
C TYR A 102 16.22 33.68 26.69
N PHE A 103 15.93 32.46 27.15
CA PHE A 103 16.91 31.38 27.22
C PHE A 103 16.37 30.18 26.45
N GLY A 104 17.20 29.61 25.56
CA GLY A 104 16.74 28.56 24.68
C GLY A 104 17.76 27.44 24.52
N ARG A 105 17.29 26.34 23.90
CA ARG A 105 18.06 25.12 23.71
C ARG A 105 18.39 24.83 22.24
N TRP A 106 17.62 25.41 21.31
CA TRP A 106 17.73 25.28 19.85
C TRP A 106 17.21 23.97 19.29
N LEU A 107 16.78 23.03 20.13
CA LEU A 107 16.39 21.69 19.71
C LEU A 107 17.61 20.86 19.30
N ILE A 108 18.79 21.47 19.26
CA ILE A 108 20.04 20.73 19.08
C ILE A 108 20.63 20.45 20.45
N GLU A 109 20.96 19.19 20.71
CA GLU A 109 21.42 18.77 22.03
C GLU A 109 22.94 18.82 22.14
N GLY A 110 23.53 19.97 21.82
CA GLY A 110 24.93 20.19 22.04
C GLY A 110 25.16 21.05 23.28
N GLY A 111 24.12 21.13 24.11
CA GLY A 111 24.10 22.02 25.24
C GLY A 111 24.22 23.50 24.90
N PRO A 112 23.47 23.97 23.88
CA PRO A 112 23.57 25.39 23.48
C PRO A 112 22.59 26.28 24.23
N LEU A 113 22.93 26.65 25.45
CA LEU A 113 22.11 27.58 26.22
C LEU A 113 22.22 28.95 25.56
N VAL A 114 21.24 29.29 24.73
CA VAL A 114 21.30 30.49 23.91
C VAL A 114 20.55 31.61 24.61
N VAL A 115 21.12 32.81 24.55
CA VAL A 115 20.54 34.01 25.15
C VAL A 115 19.94 34.82 24.01
N LEU A 116 18.64 34.64 23.80
CA LEU A 116 17.94 35.33 22.71
C LEU A 116 17.55 36.73 23.14
N LEU A 117 17.77 37.70 22.24
CA LEU A 117 17.54 39.11 22.51
C LEU A 117 16.53 39.66 21.51
N ASP A 118 15.50 40.34 22.00
CA ASP A 118 14.52 40.96 21.12
C ASP A 118 15.05 42.29 20.60
N VAL A 119 14.77 42.56 19.33
CA VAL A 119 15.26 43.77 18.67
C VAL A 119 14.22 44.90 18.71
N GLY A 120 12.98 44.59 18.37
CA GLY A 120 11.95 45.61 18.37
C GLY A 120 11.40 45.95 19.73
N ALA A 121 11.65 45.11 20.74
CA ALA A 121 11.14 45.38 22.08
C ALA A 121 11.78 46.64 22.67
N SER A 122 13.09 46.81 22.49
CA SER A 122 13.83 47.94 23.04
C SER A 122 14.39 48.75 21.88
N ALA A 123 13.58 49.66 21.34
CA ALA A 123 14.02 50.52 20.25
C ALA A 123 13.54 51.96 20.41
N TRP A 124 12.97 52.32 21.56
CA TRP A 124 12.40 53.64 21.78
C TRP A 124 13.44 54.69 22.16
N ALA A 125 14.68 54.28 22.45
CA ALA A 125 15.73 55.20 22.90
C ALA A 125 16.97 55.05 22.03
N LEU A 126 16.78 55.05 20.71
CA LEU A 126 17.91 54.95 19.81
C LEU A 126 18.77 56.21 19.82
N GLU A 127 18.17 57.37 20.15
CA GLU A 127 18.93 58.61 20.17
C GLU A 127 20.01 58.60 21.24
N ARG A 128 19.69 58.10 22.44
CA ARG A 128 20.69 58.05 23.49
C ARG A 128 21.80 57.05 23.16
N TRP A 129 21.47 55.95 22.48
CA TRP A 129 22.52 55.01 22.07
C TRP A 129 23.40 55.61 20.98
N LYS A 130 22.81 56.38 20.07
CA LYS A 130 23.61 57.09 19.07
C LYS A 130 24.54 58.10 19.73
N GLY A 131 24.04 58.83 20.73
CA GLY A 131 24.89 59.74 21.48
C GLY A 131 26.00 59.03 22.22
N GLU A 132 25.69 57.86 22.78
CA GLU A 132 26.71 57.07 23.46
C GLU A 132 27.80 56.61 22.48
N LEU A 133 27.39 56.20 21.28
CA LEU A 133 28.36 55.83 20.25
C LEU A 133 29.21 57.03 19.86
N TRP A 134 28.59 58.21 19.72
CA TRP A 134 29.35 59.42 19.41
C TRP A 134 30.38 59.71 20.49
N ASP A 135 29.98 59.58 21.77
CA ASP A 135 30.91 59.81 22.86
C ASP A 135 32.04 58.79 22.86
N THR A 136 31.74 57.53 22.56
CA THR A 136 32.72 56.46 22.72
C THR A 136 33.67 56.37 21.53
N CYS A 137 33.14 56.10 20.33
CA CYS A 137 34.00 55.80 19.19
C CYS A 137 33.66 56.57 17.92
N ASN A 138 32.81 57.60 18.02
CA ASN A 138 32.45 58.43 16.86
C ASN A 138 31.86 57.59 15.73
N ILE A 139 31.16 56.51 16.10
CA ILE A 139 30.62 55.59 15.10
C ILE A 139 29.11 55.48 15.26
N GLY A 140 28.51 54.61 14.47
CA GLY A 140 27.07 54.41 14.49
C GLY A 140 26.61 53.86 13.15
N VAL A 141 25.33 54.08 12.87
CA VAL A 141 24.74 53.63 11.62
C VAL A 141 23.77 54.67 11.09
N PRO A 142 23.90 55.09 9.83
CA PRO A 142 22.90 56.00 9.26
C PRO A 142 21.57 55.29 9.05
N TRP A 143 20.52 56.09 9.05
CA TRP A 143 19.13 55.65 8.90
C TRP A 143 18.78 55.14 7.50
N TYR A 144 19.73 55.01 6.56
CA TYR A 144 19.41 54.44 5.26
C TYR A 144 19.12 52.95 5.34
N ASP A 145 19.94 52.19 6.06
CA ASP A 145 19.79 50.74 6.17
C ASP A 145 19.40 50.37 7.59
N ARG A 146 18.27 49.67 7.73
CA ARG A 146 17.81 49.26 9.05
C ARG A 146 18.50 48.00 9.54
N GLU A 147 19.17 47.26 8.64
CA GLU A 147 19.89 46.06 9.05
C GLU A 147 20.99 46.41 10.04
N ALA A 148 21.81 47.41 9.72
CA ALA A 148 22.91 47.77 10.59
C ALA A 148 22.42 48.46 11.87
N ASN A 149 21.32 49.21 11.79
CA ASN A 149 20.73 49.78 13.01
C ASN A 149 20.26 48.68 13.96
N ASP A 150 19.61 47.65 13.42
CA ASP A 150 19.21 46.51 14.25
C ASP A 150 20.43 45.81 14.82
N ALA A 151 21.49 45.68 14.02
CA ALA A 151 22.72 45.07 14.52
C ALA A 151 23.32 45.85 15.69
N VAL A 152 23.35 47.18 15.57
CA VAL A 152 23.92 48.00 16.64
C VAL A 152 23.04 47.94 17.89
N LEU A 153 21.72 47.95 17.71
CA LEU A 153 20.82 47.84 18.85
C LEU A 153 21.02 46.50 19.56
N PHE A 154 21.15 45.42 18.80
CA PHE A 154 21.43 44.12 19.38
C PHE A 154 22.77 44.11 20.11
N GLY A 155 23.76 44.82 19.56
CA GLY A 155 25.04 44.92 20.25
C GLY A 155 24.94 45.63 21.58
N PHE A 156 24.20 46.73 21.62
CA PHE A 156 23.94 47.41 22.90
C PHE A 156 23.28 46.48 23.90
N LEU A 157 22.25 45.75 23.45
CA LEU A 157 21.55 44.85 24.38
C LEU A 157 22.48 43.74 24.88
N THR A 158 23.31 43.20 23.99
CA THR A 158 24.25 42.16 24.38
C THR A 158 25.25 42.69 25.41
N THR A 159 25.76 43.91 25.19
CA THR A 159 26.70 44.49 26.13
C THR A 159 26.06 44.73 27.49
N TRP A 160 24.80 45.20 27.50
CA TRP A 160 24.09 45.36 28.77
C TRP A 160 23.93 44.02 29.48
N PHE A 161 23.56 42.97 28.73
CA PHE A 161 23.38 41.66 29.35
C PHE A 161 24.70 41.14 29.93
N LEU A 162 25.80 41.31 29.19
CA LEU A 162 27.09 40.85 29.67
C LEU A 162 27.55 41.62 30.90
N GLY A 163 27.35 42.94 30.90
CA GLY A 163 27.70 43.73 32.07
C GLY A 163 26.87 43.38 33.29
N GLU A 164 25.56 43.16 33.09
CA GLU A 164 24.71 42.76 34.19
C GLU A 164 25.12 41.40 34.73
N PHE A 165 25.49 40.47 33.85
CA PHE A 165 25.96 39.16 34.31
C PHE A 165 27.24 39.29 35.13
N LEU A 166 28.18 40.13 34.68
CA LEU A 166 29.40 40.31 35.45
C LEU A 166 29.10 40.95 36.81
N ALA A 167 28.18 41.92 36.86
CA ALA A 167 27.82 42.54 38.12
C ALA A 167 27.18 41.53 39.07
N GLN A 168 26.31 40.66 38.56
CA GLN A 168 25.62 39.70 39.40
C GLN A 168 26.54 38.58 39.87
N SER A 169 27.51 38.19 39.05
CA SER A 169 28.37 37.05 39.36
C SER A 169 29.59 37.44 40.20
N GLU A 170 29.70 38.70 40.62
CA GLU A 170 30.80 39.20 41.43
C GLU A 170 32.16 39.05 40.75
N GLU A 171 32.16 38.94 39.41
CA GLU A 171 33.36 38.83 38.61
C GLU A 171 34.25 37.66 39.01
N LYS A 172 33.66 36.60 39.57
CA LYS A 172 34.44 35.43 39.95
C LYS A 172 35.12 34.76 38.77
N PRO A 173 34.44 34.45 37.66
CA PRO A 173 35.13 33.88 36.50
C PRO A 173 35.56 34.95 35.51
N HIS A 174 36.47 34.56 34.63
CA HIS A 174 36.97 35.42 33.57
C HIS A 174 36.42 34.87 32.25
N VAL A 175 35.22 35.32 31.88
CA VAL A 175 34.55 34.80 30.70
C VAL A 175 35.20 35.38 29.45
N VAL A 176 35.12 34.62 28.35
CA VAL A 176 35.70 35.00 27.07
C VAL A 176 34.55 35.36 26.12
N ALA A 177 34.63 36.55 25.54
CA ALA A 177 33.62 37.02 24.60
C ALA A 177 34.16 36.93 23.19
N HIS A 178 33.44 36.20 22.32
CA HIS A 178 33.83 36.00 20.94
C HIS A 178 32.75 36.56 20.02
N PHE A 179 33.19 37.23 18.95
CA PHE A 179 32.32 37.99 18.08
C PHE A 179 32.49 37.52 16.64
N HIS A 180 31.37 37.49 15.90
CA HIS A 180 31.34 37.06 14.51
C HIS A 180 30.77 38.18 13.65
N GLU A 181 31.48 38.52 12.56
CA GLU A 181 31.00 39.45 11.54
C GLU A 181 30.82 40.86 12.10
N TRP A 182 30.47 41.81 11.22
CA TRP A 182 30.21 43.18 11.63
C TRP A 182 28.81 43.38 12.18
N LEU A 183 27.92 42.40 12.00
CA LEU A 183 26.59 42.50 12.60
C LEU A 183 26.62 42.38 14.11
N ALA A 184 27.75 41.97 14.69
CA ALA A 184 27.93 41.93 16.14
C ALA A 184 29.27 42.52 16.54
N GLY A 185 29.79 43.47 15.77
CA GLY A 185 31.10 44.05 16.02
C GLY A 185 31.12 45.29 16.89
N VAL A 186 29.96 45.91 17.11
CA VAL A 186 29.90 47.07 18.01
C VAL A 186 30.15 46.65 19.46
N GLY A 187 29.99 45.36 19.76
CA GLY A 187 30.29 44.88 21.10
C GLY A 187 31.73 45.11 21.49
N LEU A 188 32.66 45.00 20.55
CA LEU A 188 34.07 45.22 20.85
C LEU A 188 34.30 46.62 21.40
N CYS A 189 33.84 47.64 20.67
CA CYS A 189 34.06 49.02 21.11
C CYS A 189 33.25 49.34 22.35
N LEU A 190 32.03 48.80 22.44
CA LEU A 190 31.23 49.06 23.63
C LEU A 190 31.87 48.48 24.89
N CYS A 191 32.45 47.28 24.80
CA CYS A 191 33.13 46.69 25.94
C CYS A 191 34.46 47.36 26.22
N ARG A 192 35.18 47.82 25.18
CA ARG A 192 36.45 48.49 25.41
C ARG A 192 36.25 49.86 26.05
N ALA A 193 35.14 50.55 25.73
CA ALA A 193 34.86 51.83 26.37
C ALA A 193 34.61 51.66 27.86
N ARG A 194 33.90 50.60 28.25
CA ARG A 194 33.58 50.34 29.65
C ARG A 194 34.67 49.55 30.37
N ARG A 195 35.71 49.11 29.65
CA ARG A 195 36.86 48.42 30.25
C ARG A 195 36.43 47.18 31.03
N LEU A 196 35.48 46.44 30.49
CA LEU A 196 35.03 45.21 31.14
C LEU A 196 36.13 44.16 31.08
N PRO A 197 36.48 43.53 32.20
CA PRO A 197 37.59 42.54 32.21
C PRO A 197 37.22 41.20 31.57
N VAL A 198 37.19 41.20 30.24
CA VAL A 198 36.89 40.00 29.47
C VAL A 198 37.93 39.84 28.37
N ALA A 199 38.08 38.60 27.91
CA ALA A 199 39.00 38.28 26.82
C ALA A 199 38.24 38.38 25.50
N THR A 200 38.64 39.31 24.65
CA THR A 200 37.93 39.63 23.42
C THR A 200 38.55 38.89 22.24
N ILE A 201 37.74 38.11 21.54
CA ILE A 201 38.13 37.46 20.29
C ILE A 201 37.15 37.90 19.21
N PHE A 202 37.67 38.28 18.06
CA PHE A 202 36.86 38.66 16.92
C PHE A 202 37.26 37.84 15.71
N THR A 203 36.27 37.24 15.05
CA THR A 203 36.51 36.39 13.88
C THR A 203 35.60 36.87 12.76
N THR A 204 36.19 37.52 11.75
CA THR A 204 35.45 37.94 10.58
C THR A 204 35.54 36.86 9.52
N HIS A 205 34.37 36.39 9.06
CA HIS A 205 34.31 35.33 8.06
C HIS A 205 34.21 35.87 6.65
N ALA A 206 34.06 37.18 6.48
CA ALA A 206 33.98 37.78 5.15
C ALA A 206 34.24 39.26 5.26
N THR A 207 35.32 39.73 4.66
CA THR A 207 35.58 41.17 4.55
C THR A 207 34.61 41.72 3.52
N LEU A 208 33.51 42.32 4.00
CA LEU A 208 32.43 42.73 3.11
C LEU A 208 32.89 43.76 2.09
N LEU A 209 33.90 44.57 2.43
CA LEU A 209 34.45 45.51 1.47
C LEU A 209 35.02 44.76 0.26
N GLY A 210 35.72 43.65 0.50
CA GLY A 210 36.17 42.84 -0.60
C GLY A 210 35.03 42.30 -1.43
N ARG A 211 33.93 41.88 -0.78
CA ARG A 211 32.78 41.37 -1.50
C ARG A 211 32.20 42.42 -2.43
N TYR A 212 32.07 43.65 -1.94
CA TYR A 212 31.44 44.70 -2.74
C TYR A 212 32.37 45.34 -3.76
N LEU A 213 33.69 45.23 -3.59
CA LEU A 213 34.59 45.59 -4.68
C LEU A 213 34.66 44.50 -5.75
N CYS A 214 34.59 43.22 -5.36
CA CYS A 214 34.63 42.16 -6.37
C CYS A 214 33.39 42.14 -7.25
N ALA A 215 32.31 42.76 -6.82
CA ALA A 215 31.11 42.91 -7.65
C ALA A 215 31.09 44.22 -8.43
N GLY A 216 32.14 45.04 -8.31
CA GLY A 216 32.18 46.33 -8.96
C GLY A 216 32.86 46.31 -10.32
N ALA A 217 32.97 45.11 -10.91
CA ALA A 217 33.59 44.93 -12.23
C ALA A 217 35.01 45.47 -12.27
N VAL A 218 35.76 45.24 -11.18
CA VAL A 218 37.15 45.65 -11.08
C VAL A 218 37.96 44.48 -10.54
N ASP A 219 39.16 44.29 -11.07
CA ASP A 219 40.02 43.21 -10.62
C ASP A 219 40.41 43.44 -9.16
N PHE A 220 40.49 42.35 -8.40
CA PHE A 220 40.69 42.45 -6.96
C PHE A 220 41.87 41.60 -6.50
N TYR A 221 42.19 40.55 -7.24
CA TYR A 221 43.23 39.61 -6.82
C TYR A 221 44.58 39.90 -7.44
N ASN A 222 44.64 40.63 -8.56
CA ASN A 222 45.94 40.99 -9.14
C ASN A 222 46.75 41.85 -8.19
N ASN A 223 46.11 42.83 -7.56
CA ASN A 223 46.77 43.68 -6.58
C ASN A 223 45.86 43.83 -5.36
N LEU A 224 46.47 44.03 -4.20
CA LEU A 224 45.72 44.25 -2.97
C LEU A 224 46.25 45.45 -2.21
N GLU A 225 47.54 45.77 -2.42
CA GLU A 225 48.18 46.88 -1.73
C GLU A 225 47.93 48.22 -2.40
N ASN A 226 47.32 48.24 -3.58
CA ASN A 226 47.05 49.47 -4.30
C ASN A 226 45.67 50.04 -4.04
N PHE A 227 44.89 49.41 -3.17
CA PHE A 227 43.54 49.89 -2.88
C PHE A 227 43.59 51.03 -1.87
N ASN A 228 42.71 52.01 -2.08
CA ASN A 228 42.52 53.12 -1.14
C ASN A 228 41.19 52.84 -0.44
N VAL A 229 41.27 52.45 0.83
CA VAL A 229 40.08 51.99 1.55
C VAL A 229 39.09 53.13 1.76
N ASP A 230 39.58 54.31 2.16
CA ASP A 230 38.67 55.40 2.49
C ASP A 230 37.98 55.95 1.24
N LYS A 231 38.72 56.02 0.12
CA LYS A 231 38.11 56.49 -1.13
C LYS A 231 37.02 55.53 -1.60
N GLU A 232 37.27 54.22 -1.51
CA GLU A 232 36.29 53.24 -1.96
C GLU A 232 35.10 53.17 -1.03
N ALA A 233 35.31 53.36 0.28
CA ALA A 233 34.23 53.29 1.26
C ALA A 233 33.38 54.55 1.14
N GLY A 234 32.11 54.37 0.79
CA GLY A 234 31.17 55.48 0.77
C GLY A 234 30.48 55.69 -0.55
N GLU A 235 31.23 55.58 -1.66
CA GLU A 235 30.59 55.55 -2.97
C GLU A 235 29.75 54.30 -3.13
N ARG A 236 30.24 53.17 -2.65
CA ARG A 236 29.46 51.95 -2.51
C ARG A 236 28.98 51.74 -1.08
N GLN A 237 29.09 52.76 -0.23
CA GLN A 237 28.88 52.71 1.21
C GLN A 237 30.01 51.94 1.89
N ILE A 238 29.69 51.17 2.93
CA ILE A 238 30.64 50.45 3.77
C ILE A 238 31.70 51.42 4.27
N TYR A 239 31.27 52.58 4.78
CA TYR A 239 32.22 53.46 5.45
C TYR A 239 32.13 53.30 6.97
N HIS A 240 30.94 53.48 7.52
CA HIS A 240 30.76 53.22 8.95
C HIS A 240 31.02 51.75 9.27
N ARG A 241 30.58 50.85 8.40
CA ARG A 241 30.84 49.42 8.60
C ARG A 241 32.33 49.13 8.59
N TYR A 242 33.06 49.69 7.62
CA TYR A 242 34.50 49.50 7.57
C TYR A 242 35.19 50.08 8.81
N CYS A 243 34.78 51.27 9.23
CA CYS A 243 35.40 51.89 10.40
C CYS A 243 35.18 51.06 11.64
N MET A 244 33.95 50.58 11.86
CA MET A 244 33.69 49.79 13.06
C MET A 244 34.37 48.42 12.98
N GLU A 245 34.45 47.85 11.78
CA GLU A 245 35.17 46.58 11.62
C GLU A 245 36.64 46.74 11.97
N ARG A 246 37.28 47.79 11.46
CA ARG A 246 38.70 47.99 11.75
C ARG A 246 38.92 48.36 13.21
N ALA A 247 38.00 49.13 13.80
CA ALA A 247 38.11 49.44 15.22
C ALA A 247 38.00 48.17 16.06
N ALA A 248 37.07 47.28 15.71
CA ALA A 248 36.97 46.01 16.42
C ALA A 248 38.23 45.16 16.24
N ALA A 249 38.76 45.13 15.02
CA ALA A 249 39.98 44.36 14.77
C ALA A 249 41.16 44.89 15.57
N HIS A 250 41.28 46.22 15.67
CA HIS A 250 42.39 46.80 16.43
C HIS A 250 42.21 46.59 17.92
N CYS A 251 41.00 46.81 18.43
CA CYS A 251 40.76 46.75 19.87
C CYS A 251 40.59 45.32 20.39
N ALA A 252 40.25 44.36 19.52
CA ALA A 252 40.10 42.99 19.97
C ALA A 252 41.45 42.42 20.40
N HIS A 253 41.44 41.70 21.52
CA HIS A 253 42.67 41.08 22.00
C HIS A 253 43.15 40.01 21.03
N VAL A 254 42.24 39.22 20.47
CA VAL A 254 42.59 38.18 19.51
C VAL A 254 41.76 38.39 18.25
N PHE A 255 42.46 38.49 17.11
CA PHE A 255 41.77 38.65 15.81
C PHE A 255 41.95 37.35 15.04
N THR A 256 40.93 36.91 14.32
CA THR A 256 40.99 35.61 13.61
C THR A 256 40.24 35.72 12.29
N THR A 257 40.58 34.88 11.31
CA THR A 257 39.87 34.88 9.99
C THR A 257 39.60 33.45 9.57
N VAL A 258 38.76 33.25 8.54
CA VAL A 258 38.40 31.86 8.12
C VAL A 258 39.57 31.13 7.47
N SER A 259 40.03 31.54 6.29
CA SER A 259 41.08 30.78 5.59
C SER A 259 42.39 31.55 5.58
N GLN A 260 43.45 30.95 5.01
CA GLN A 260 44.75 31.65 4.89
C GLN A 260 44.57 32.81 3.91
N ILE A 261 43.79 32.60 2.85
CA ILE A 261 43.53 33.66 1.84
C ILE A 261 42.77 34.81 2.53
N THR A 262 41.93 34.49 3.52
CA THR A 262 41.19 35.55 4.26
C THR A 262 42.17 36.43 5.02
N ALA A 263 43.10 35.84 5.75
CA ALA A 263 44.11 36.57 6.48
C ALA A 263 44.91 37.49 5.55
N ILE A 264 45.09 37.07 4.30
CA ILE A 264 45.86 37.85 3.34
C ILE A 264 45.20 39.19 3.10
N GLU A 265 43.88 39.19 2.82
CA GLU A 265 43.28 40.51 2.60
C GLU A 265 43.05 41.22 3.92
N ALA A 266 42.91 40.47 5.02
CA ALA A 266 42.71 41.09 6.34
C ALA A 266 43.92 41.92 6.76
N GLN A 267 45.12 41.38 6.61
CA GLN A 267 46.33 42.11 6.99
C GLN A 267 46.67 43.20 5.99
N HIS A 268 46.25 43.06 4.74
CA HIS A 268 46.56 44.04 3.70
C HIS A 268 45.51 45.14 3.58
N LEU A 269 44.34 44.97 4.19
CA LEU A 269 43.27 45.96 4.10
C LEU A 269 42.87 46.49 5.46
N LEU A 270 42.63 45.62 6.44
CA LEU A 270 42.32 46.06 7.79
C LEU A 270 43.56 46.40 8.60
N LYS A 271 44.75 46.09 8.09
CA LYS A 271 46.01 46.39 8.77
C LYS A 271 46.06 45.78 10.17
N ARG A 272 45.52 44.56 10.28
CA ARG A 272 45.54 43.83 11.55
C ARG A 272 45.67 42.35 11.21
N LYS A 273 46.89 41.84 11.27
CA LYS A 273 47.14 40.44 10.91
C LYS A 273 46.47 39.52 11.93
N PRO A 274 45.64 38.57 11.49
CA PRO A 274 45.01 37.65 12.44
C PRO A 274 46.04 36.87 13.23
N ASP A 275 45.72 36.60 14.49
CA ASP A 275 46.63 35.84 15.35
C ASP A 275 46.83 34.43 14.83
N ILE A 276 45.77 33.77 14.39
CA ILE A 276 45.84 32.39 13.90
C ILE A 276 44.72 32.18 12.91
N VAL A 277 44.95 31.26 11.96
CA VAL A 277 43.93 30.90 10.99
C VAL A 277 43.00 29.86 11.60
N THR A 278 41.70 30.02 11.35
CA THR A 278 40.68 29.15 11.93
C THR A 278 39.78 28.61 10.82
N PRO A 279 40.18 27.51 10.19
CA PRO A 279 39.35 26.92 9.12
C PRO A 279 38.00 26.47 9.64
N ASN A 280 36.99 26.59 8.77
CA ASN A 280 35.63 26.25 9.15
C ASN A 280 35.38 24.75 8.95
N GLY A 281 34.84 24.11 9.98
CA GLY A 281 34.56 22.69 9.95
C GLY A 281 33.08 22.39 9.81
N LEU A 282 32.77 21.10 9.95
CA LEU A 282 31.39 20.62 9.85
C LEU A 282 31.21 19.44 10.80
N ASN A 283 29.96 19.23 11.22
CA ASN A 283 29.59 18.07 12.03
C ASN A 283 29.20 16.95 11.08
N VAL A 284 30.18 16.11 10.74
CA VAL A 284 29.93 15.01 9.82
C VAL A 284 29.02 13.98 10.50
N LYS A 285 28.05 13.48 9.74
CA LYS A 285 27.15 12.45 10.24
C LYS A 285 27.73 11.08 9.91
N LYS A 286 28.35 10.45 10.90
CA LYS A 286 28.95 9.14 10.69
C LYS A 286 27.87 8.07 10.73
N PHE A 287 27.95 7.13 9.80
CA PHE A 287 27.01 6.02 9.72
C PHE A 287 27.73 4.72 10.08
N SER A 288 26.94 3.73 10.53
CA SER A 288 27.49 2.45 10.92
C SER A 288 28.14 1.71 9.76
N ALA A 289 27.80 2.08 8.53
CA ALA A 289 28.40 1.49 7.34
C ALA A 289 29.00 2.58 6.46
N MET A 290 30.07 2.23 5.76
CA MET A 290 30.78 3.21 4.95
C MET A 290 29.96 3.65 3.74
N HIS A 291 29.12 2.77 3.22
CA HIS A 291 28.42 2.99 1.95
C HIS A 291 27.02 3.58 2.12
N GLU A 292 26.62 3.94 3.35
CA GLU A 292 25.27 4.43 3.56
C GLU A 292 25.01 5.73 2.81
N PHE A 293 26.04 6.55 2.63
CA PHE A 293 25.86 7.76 1.84
C PHE A 293 25.53 7.45 0.40
N GLN A 294 26.01 6.31 -0.12
CA GLN A 294 25.61 5.88 -1.45
C GLN A 294 24.12 5.56 -1.52
N ASN A 295 23.59 4.88 -0.50
CA ASN A 295 22.16 4.58 -0.47
C ASN A 295 21.34 5.86 -0.35
N LEU A 296 21.80 6.80 0.48
CA LEU A 296 21.12 8.09 0.57
C LEU A 296 21.13 8.82 -0.76
N HIS A 297 22.27 8.76 -1.47
CA HIS A 297 22.34 9.35 -2.81
C HIS A 297 21.34 8.69 -3.75
N ALA A 298 21.22 7.36 -3.68
CA ALA A 298 20.30 6.64 -4.54
C ALA A 298 18.86 7.08 -4.29
N GLN A 299 18.46 7.13 -3.02
CA GLN A 299 17.09 7.51 -2.68
C GLN A 299 16.81 8.96 -3.10
N SER A 300 17.75 9.86 -2.81
CA SER A 300 17.55 11.26 -3.15
C SER A 300 17.53 11.47 -4.65
N LYS A 301 18.35 10.73 -5.40
CA LYS A 301 18.32 10.80 -6.85
C LYS A 301 17.02 10.24 -7.39
N ALA A 302 16.44 9.24 -6.74
CA ALA A 302 15.12 8.77 -7.14
C ALA A 302 14.08 9.87 -6.96
N ARG A 303 14.14 10.60 -5.85
CA ARG A 303 13.21 11.72 -5.65
C ARG A 303 13.42 12.81 -6.69
N ILE A 304 14.68 13.12 -7.01
CA ILE A 304 14.96 14.10 -8.05
C ILE A 304 14.47 13.61 -9.41
N GLN A 305 14.56 12.30 -9.66
CA GLN A 305 14.04 11.72 -10.89
C GLN A 305 12.53 11.88 -10.97
N GLU A 306 11.84 11.69 -9.84
CA GLU A 306 10.40 11.94 -9.82
C GLU A 306 10.09 13.39 -10.14
N PHE A 307 10.85 14.32 -9.57
CA PHE A 307 10.65 15.73 -9.89
C PHE A 307 10.90 16.01 -11.37
N VAL A 308 11.93 15.39 -11.94
CA VAL A 308 12.27 15.61 -13.34
C VAL A 308 11.17 15.05 -14.24
N ARG A 309 10.66 13.86 -13.92
CA ARG A 309 9.55 13.30 -14.67
C ARG A 309 8.34 14.22 -14.60
N GLY A 310 8.08 14.81 -13.43
CA GLY A 310 7.01 15.79 -13.33
C GLY A 310 7.24 17.00 -14.21
N HIS A 311 8.44 17.56 -14.16
CA HIS A 311 8.74 18.78 -14.90
C HIS A 311 8.75 18.54 -16.41
N PHE A 312 9.40 17.47 -16.85
CA PHE A 312 9.47 17.14 -18.27
C PHE A 312 8.41 16.10 -18.63
N TYR A 313 7.15 16.52 -18.53
CA TYR A 313 6.05 15.65 -18.91
C TYR A 313 5.68 15.90 -20.37
N GLY A 314 5.50 14.82 -21.12
CA GLY A 314 5.31 14.91 -22.55
C GLY A 314 6.60 15.16 -23.31
N HIS A 315 7.74 15.16 -22.64
CA HIS A 315 9.04 15.40 -23.27
C HIS A 315 10.10 14.45 -22.73
N LEU A 316 9.70 13.28 -22.24
CA LEU A 316 10.64 12.29 -21.72
C LEU A 316 11.24 11.46 -22.86
N ASP A 317 11.91 12.17 -23.77
CA ASP A 317 12.54 11.54 -24.92
C ASP A 317 14.01 11.19 -24.68
N PHE A 318 14.51 11.40 -23.47
CA PHE A 318 15.89 11.10 -23.13
C PHE A 318 15.94 10.04 -22.03
N ASN A 319 16.93 9.16 -22.10
CA ASN A 319 17.11 8.14 -21.08
C ASN A 319 17.41 8.80 -19.74
N LEU A 320 16.73 8.34 -18.68
CA LEU A 320 16.94 8.87 -17.35
C LEU A 320 18.10 8.19 -16.62
N ASP A 321 18.56 7.03 -17.12
CA ASP A 321 19.75 6.40 -16.55
C ASP A 321 21.03 7.08 -17.02
N LYS A 322 20.97 7.85 -18.09
CA LYS A 322 22.10 8.63 -18.58
C LYS A 322 22.01 10.09 -18.18
N THR A 323 21.26 10.40 -17.12
CA THR A 323 21.05 11.77 -16.68
C THR A 323 21.89 12.07 -15.45
N LEU A 324 22.65 13.15 -15.52
CA LEU A 324 23.49 13.61 -14.43
C LEU A 324 22.97 14.94 -13.91
N TYR A 325 22.94 15.08 -12.59
CA TYR A 325 22.37 16.25 -11.94
C TYR A 325 23.49 17.12 -11.37
N PHE A 326 23.74 18.23 -12.03
CA PHE A 326 24.65 19.26 -11.54
C PHE A 326 23.84 20.35 -10.85
N PHE A 327 24.49 21.08 -9.95
CA PHE A 327 23.78 22.14 -9.25
C PHE A 327 24.79 23.16 -8.72
N ILE A 328 24.33 24.40 -8.58
CA ILE A 328 25.08 25.46 -7.93
C ILE A 328 24.13 26.15 -6.96
N ALA A 329 24.48 26.15 -5.68
CA ALA A 329 23.61 26.65 -4.63
C ALA A 329 24.26 27.85 -3.94
N GLY A 330 23.61 28.33 -2.89
CA GLY A 330 24.07 29.48 -2.14
C GLY A 330 23.25 30.72 -2.44
N ARG A 331 23.72 31.83 -1.88
CA ARG A 331 23.04 33.10 -2.07
C ARG A 331 23.15 33.57 -3.52
N TYR A 332 22.20 34.41 -3.92
CA TYR A 332 22.07 34.85 -5.31
C TYR A 332 23.10 35.94 -5.59
N GLU A 333 24.34 35.52 -5.79
CA GLU A 333 25.40 36.39 -6.31
C GLU A 333 25.82 35.84 -7.66
N PHE A 334 25.70 36.66 -8.70
CA PHE A 334 25.97 36.17 -10.06
C PHE A 334 27.46 36.04 -10.31
N SER A 335 28.19 37.15 -10.22
CA SER A 335 29.62 37.15 -10.53
C SER A 335 30.49 36.68 -9.37
N ASN A 336 29.94 36.58 -8.17
CA ASN A 336 30.72 36.14 -7.02
C ASN A 336 30.63 34.64 -6.78
N LYS A 337 29.43 34.06 -6.89
CA LYS A 337 29.26 32.63 -6.73
C LYS A 337 29.60 31.85 -8.00
N GLY A 338 29.89 32.55 -9.10
CA GLY A 338 30.29 31.89 -10.34
C GLY A 338 29.14 31.21 -11.06
N ALA A 339 28.10 31.98 -11.39
CA ALA A 339 26.98 31.45 -12.15
C ALA A 339 27.07 31.73 -13.64
N ASP A 340 27.73 32.82 -14.03
CA ASP A 340 27.90 33.11 -15.45
C ASP A 340 28.84 32.10 -16.11
N VAL A 341 29.96 31.81 -15.47
CA VAL A 341 30.91 30.86 -16.02
C VAL A 341 30.30 29.46 -16.05
N PHE A 342 29.51 29.11 -15.04
CA PHE A 342 28.84 27.82 -15.04
C PHE A 342 27.87 27.70 -16.20
N LEU A 343 27.13 28.77 -16.49
CA LEU A 343 26.17 28.71 -17.59
C LEU A 343 26.87 28.67 -18.94
N GLU A 344 27.97 29.42 -19.09
CA GLU A 344 28.76 29.32 -20.32
C GLU A 344 29.30 27.91 -20.51
N ALA A 345 29.81 27.30 -19.43
CA ALA A 345 30.30 25.93 -19.52
C ALA A 345 29.17 24.95 -19.82
N LEU A 346 27.98 25.21 -19.28
CA LEU A 346 26.84 24.36 -19.60
C LEU A 346 26.47 24.43 -21.07
N ALA A 347 26.47 25.65 -21.64
CA ALA A 347 26.18 25.80 -23.06
C ALA A 347 27.23 25.09 -23.91
N ARG A 348 28.50 25.25 -23.56
CA ARG A 348 29.57 24.61 -24.32
C ARG A 348 29.46 23.09 -24.21
N LEU A 349 29.20 22.56 -23.00
CA LEU A 349 29.06 21.14 -22.83
C LEU A 349 27.86 20.60 -23.59
N ASN A 350 26.78 21.38 -23.66
CA ASN A 350 25.64 21.01 -24.49
C ASN A 350 26.05 20.91 -25.95
N TYR A 351 26.84 21.87 -26.43
CA TYR A 351 27.29 21.84 -27.82
C TYR A 351 28.14 20.60 -28.10
N LEU A 352 29.09 20.30 -27.21
CA LEU A 352 29.92 19.10 -27.41
C LEU A 352 29.09 17.82 -27.34
N LEU A 353 28.14 17.75 -26.40
CA LEU A 353 27.32 16.55 -26.31
C LEU A 353 26.42 16.38 -27.54
N ARG A 354 25.97 17.49 -28.13
CA ARG A 354 25.17 17.41 -29.34
C ARG A 354 26.02 16.97 -30.53
N VAL A 355 27.19 17.57 -30.70
CA VAL A 355 28.02 17.25 -31.86
C VAL A 355 28.72 15.89 -31.70
N ASN A 356 28.76 15.35 -30.49
CA ASN A 356 29.38 14.04 -30.27
C ASN A 356 28.40 12.88 -30.40
N GLY A 357 27.11 13.17 -30.58
CA GLY A 357 26.11 12.13 -30.68
C GLY A 357 26.00 11.30 -29.42
N SER A 358 25.96 11.95 -28.27
CA SER A 358 25.97 11.28 -26.98
C SER A 358 24.55 11.09 -26.46
N GLU A 359 24.34 9.94 -25.82
CA GLU A 359 23.07 9.66 -25.15
C GLU A 359 23.00 10.25 -23.75
N GLN A 360 24.13 10.73 -23.22
CA GLN A 360 24.12 11.36 -21.90
C GLN A 360 23.39 12.69 -21.94
N THR A 361 22.62 12.97 -20.89
CA THR A 361 21.98 14.25 -20.69
C THR A 361 22.28 14.74 -19.29
N VAL A 362 22.31 16.07 -19.13
CA VAL A 362 22.70 16.68 -17.87
C VAL A 362 21.61 17.66 -17.46
N VAL A 363 21.06 17.49 -16.27
CA VAL A 363 20.10 18.43 -15.70
C VAL A 363 20.81 19.27 -14.66
N ALA A 364 20.89 20.56 -14.90
CA ALA A 364 21.62 21.49 -14.04
C ALA A 364 20.64 22.33 -13.25
N PHE A 365 20.74 22.26 -11.93
CA PHE A 365 19.89 23.02 -11.03
C PHE A 365 20.59 24.31 -10.61
N PHE A 366 19.79 25.34 -10.35
CA PHE A 366 20.27 26.64 -9.90
C PHE A 366 19.46 27.03 -8.68
N ILE A 367 20.02 26.79 -7.49
CA ILE A 367 19.33 27.12 -6.23
C ILE A 367 19.91 28.46 -5.77
N MET A 368 19.28 29.54 -6.24
CA MET A 368 19.66 30.89 -5.84
C MET A 368 18.41 31.69 -5.51
N PRO A 369 18.20 32.07 -4.26
CA PRO A 369 16.95 32.73 -3.87
C PRO A 369 16.81 34.11 -4.51
N ALA A 370 15.79 34.24 -5.36
CA ALA A 370 15.35 35.53 -5.85
C ALA A 370 13.88 35.68 -5.50
N ARG A 371 13.44 36.92 -5.23
CA ARG A 371 12.07 37.10 -4.80
C ARG A 371 11.12 36.71 -5.92
N THR A 372 10.12 35.92 -5.57
CA THR A 372 9.07 35.51 -6.49
C THR A 372 7.73 35.91 -5.90
N ASN A 373 6.65 35.52 -6.57
CA ASN A 373 5.31 35.67 -6.00
C ASN A 373 4.68 34.34 -5.65
N ASN A 374 4.83 33.34 -6.52
CA ASN A 374 4.43 31.96 -6.28
C ASN A 374 5.02 31.11 -7.41
N PHE A 375 4.65 29.84 -7.46
CA PHE A 375 5.03 29.00 -8.57
C PHE A 375 4.29 29.43 -9.84
N ASN A 376 4.79 28.97 -10.98
CA ASN A 376 4.06 29.15 -12.21
C ASN A 376 3.16 27.94 -12.45
N VAL A 377 2.16 28.13 -13.30
CA VAL A 377 1.17 27.08 -13.53
C VAL A 377 1.82 25.86 -14.17
N GLU A 378 2.83 26.06 -15.00
CA GLU A 378 3.40 24.94 -15.76
C GLU A 378 4.04 23.91 -14.85
N THR A 379 4.79 24.33 -13.83
CA THR A 379 5.53 23.39 -13.00
C THR A 379 4.58 22.58 -12.11
N LEU A 380 3.65 23.27 -11.44
CA LEU A 380 2.67 22.57 -10.60
C LEU A 380 1.80 21.66 -11.46
N LYS A 381 1.42 22.13 -12.65
CA LYS A 381 0.65 21.29 -13.55
C LYS A 381 1.44 20.07 -13.98
N GLY A 382 2.75 20.22 -14.22
CA GLY A 382 3.57 19.09 -14.59
C GLY A 382 3.65 18.04 -13.51
N GLN A 383 3.87 18.48 -12.26
CA GLN A 383 3.84 17.54 -11.15
C GLN A 383 2.48 16.85 -11.05
N ALA A 384 1.40 17.62 -11.26
CA ALA A 384 0.06 17.07 -11.18
C ALA A 384 -0.17 16.00 -12.24
N VAL A 385 0.26 16.24 -13.48
CA VAL A 385 0.02 15.25 -14.52
C VAL A 385 0.93 14.06 -14.33
N ARG A 386 2.14 14.26 -13.81
CA ARG A 386 3.01 13.13 -13.50
C ARG A 386 2.33 12.19 -12.51
N LYS A 387 1.79 12.74 -11.43
CA LYS A 387 1.15 11.89 -10.43
C LYS A 387 -0.24 11.44 -10.87
N GLN A 388 -0.87 12.11 -11.82
CA GLN A 388 -2.09 11.59 -12.44
C GLN A 388 -1.78 10.35 -13.28
N LEU A 389 -0.69 10.39 -14.05
CA LEU A 389 -0.23 9.21 -14.75
C LEU A 389 0.12 8.10 -13.78
N TRP A 390 0.75 8.46 -12.66
CA TRP A 390 1.06 7.48 -11.62
C TRP A 390 -0.21 6.82 -11.10
N ASP A 391 -1.26 7.62 -10.87
CA ASP A 391 -2.54 7.06 -10.40
C ASP A 391 -3.19 6.17 -11.45
N THR A 392 -3.16 6.57 -12.72
CA THR A 392 -3.75 5.75 -13.78
C THR A 392 -3.02 4.42 -13.91
N ALA A 393 -1.68 4.47 -13.93
CA ALA A 393 -0.89 3.26 -13.96
C ALA A 393 -1.17 2.41 -12.74
N ASN A 394 -1.38 3.04 -11.58
CA ASN A 394 -1.72 2.30 -10.38
C ASN A 394 -3.04 1.57 -10.53
N THR A 395 -4.05 2.23 -11.10
CA THR A 395 -5.36 1.62 -11.26
C THR A 395 -5.28 0.41 -12.19
N VAL A 396 -4.64 0.59 -13.34
CA VAL A 396 -4.43 -0.55 -14.23
C VAL A 396 -3.63 -1.63 -13.51
N LYS A 397 -2.75 -1.21 -12.61
CA LYS A 397 -1.90 -2.16 -11.88
C LYS A 397 -2.72 -3.01 -10.91
N GLU A 398 -3.65 -2.41 -10.16
CA GLU A 398 -4.48 -3.23 -9.28
C GLU A 398 -5.40 -4.13 -10.08
N LYS A 399 -5.98 -3.62 -11.18
CA LYS A 399 -6.83 -4.49 -12.00
C LYS A 399 -6.05 -5.69 -12.52
N PHE A 400 -4.84 -5.44 -13.05
CA PHE A 400 -4.00 -6.51 -13.55
C PHE A 400 -3.61 -7.47 -12.43
N GLY A 401 -3.29 -6.95 -11.25
CA GLY A 401 -2.91 -7.80 -10.14
C GLY A 401 -4.04 -8.69 -9.68
N ARG A 402 -5.26 -8.15 -9.64
CA ARG A 402 -6.41 -8.98 -9.26
C ARG A 402 -6.68 -10.06 -10.29
N LYS A 403 -6.62 -9.73 -11.58
CA LYS A 403 -6.83 -10.75 -12.61
C LYS A 403 -5.74 -11.81 -12.55
N LEU A 404 -4.49 -11.38 -12.35
CA LEU A 404 -3.37 -12.32 -12.24
C LEU A 404 -3.51 -13.20 -11.00
N TYR A 405 -3.99 -12.63 -9.90
CA TYR A 405 -4.22 -13.41 -8.70
C TYR A 405 -5.30 -14.46 -8.92
N GLU A 406 -6.36 -14.08 -9.64
CA GLU A 406 -7.38 -15.07 -10.01
C GLU A 406 -6.78 -16.19 -10.86
N SER A 407 -5.97 -15.82 -11.85
CA SER A 407 -5.36 -16.82 -12.72
C SER A 407 -4.46 -17.77 -11.94
N LEU A 408 -3.64 -17.23 -11.03
CA LEU A 408 -2.75 -18.07 -10.24
C LEU A 408 -3.53 -18.94 -9.26
N LEU A 409 -4.63 -18.43 -8.71
CA LEU A 409 -5.48 -19.25 -7.85
C LEU A 409 -6.08 -20.41 -8.63
N VAL A 410 -6.54 -20.16 -9.86
CA VAL A 410 -7.06 -21.22 -10.69
C VAL A 410 -5.98 -22.25 -10.99
N GLY A 411 -4.78 -21.79 -11.29
CA GLY A 411 -3.68 -22.66 -11.63
C GLY A 411 -3.21 -22.58 -13.07
N SER A 412 -3.61 -21.55 -13.81
CA SER A 412 -3.28 -21.41 -15.23
C SER A 412 -2.37 -20.21 -15.43
N LEU A 413 -1.29 -20.42 -16.16
CA LEU A 413 -0.39 -19.32 -16.49
C LEU A 413 -1.12 -18.31 -17.36
N PRO A 414 -0.96 -17.01 -17.13
CA PRO A 414 -1.65 -16.02 -17.96
C PRO A 414 -1.19 -16.09 -19.41
N ASP A 415 -2.14 -15.87 -20.31
CA ASP A 415 -1.83 -15.65 -21.72
C ASP A 415 -1.69 -14.17 -22.07
N MET A 416 -1.89 -13.29 -21.09
CA MET A 416 -1.52 -11.88 -21.09
C MET A 416 -2.41 -11.02 -21.99
N ASN A 417 -3.32 -11.63 -22.76
CA ASN A 417 -4.23 -10.86 -23.59
C ASN A 417 -5.68 -10.90 -23.15
N LYS A 418 -6.05 -11.81 -22.25
CA LYS A 418 -7.41 -11.90 -21.74
C LYS A 418 -7.68 -10.99 -20.56
N MET A 419 -6.62 -10.41 -19.98
CA MET A 419 -6.79 -9.60 -18.76
C MET A 419 -7.28 -8.19 -19.11
N LEU A 420 -6.49 -7.43 -19.86
CA LEU A 420 -6.85 -6.01 -20.10
C LEU A 420 -7.99 -5.89 -21.14
N ASP A 421 -9.08 -5.21 -20.77
CA ASP A 421 -10.26 -5.05 -21.60
C ASP A 421 -10.14 -3.73 -22.37
N LYS A 422 -11.26 -3.26 -22.93
CA LYS A 422 -11.24 -2.05 -23.75
C LYS A 422 -11.26 -0.79 -22.88
N GLU A 423 -11.89 -0.85 -21.70
CA GLU A 423 -12.04 0.37 -20.89
C GLU A 423 -10.70 0.86 -20.35
N ASP A 424 -9.83 -0.04 -19.90
CA ASP A 424 -8.57 0.41 -19.33
C ASP A 424 -7.60 0.86 -20.43
N PHE A 425 -7.65 0.23 -21.60
CA PHE A 425 -6.94 0.76 -22.75
C PHE A 425 -7.48 2.14 -23.12
N THR A 426 -8.80 2.33 -23.01
CA THR A 426 -9.38 3.62 -23.31
C THR A 426 -8.86 4.70 -22.36
N MET A 427 -8.78 4.39 -21.06
CA MET A 427 -8.33 5.40 -20.12
C MET A 427 -6.82 5.62 -20.22
N MET A 428 -6.04 4.59 -20.57
CA MET A 428 -4.63 4.82 -20.83
C MET A 428 -4.44 5.72 -22.05
N LYS A 429 -5.23 5.51 -23.11
CA LYS A 429 -5.15 6.38 -24.28
C LYS A 429 -5.54 7.81 -23.91
N ARG A 430 -6.59 7.97 -23.11
CA ARG A 430 -7.01 9.32 -22.70
C ARG A 430 -5.94 9.98 -21.85
N ALA A 431 -5.31 9.23 -20.95
CA ALA A 431 -4.25 9.80 -20.13
C ALA A 431 -3.05 10.20 -20.99
N ILE A 432 -2.68 9.37 -21.96
CA ILE A 432 -1.55 9.70 -22.83
C ILE A 432 -1.87 10.96 -23.64
N PHE A 433 -3.10 11.07 -24.15
CA PHE A 433 -3.49 12.26 -24.90
C PHE A 433 -3.49 13.49 -24.00
N ALA A 434 -3.91 13.34 -22.75
CA ALA A 434 -3.99 14.48 -21.84
C ALA A 434 -2.60 15.04 -21.52
N THR A 435 -1.59 14.19 -21.50
CA THR A 435 -0.23 14.61 -21.17
C THR A 435 0.54 15.15 -22.37
N GLN A 436 -0.06 15.14 -23.56
CA GLN A 436 0.61 15.72 -24.72
C GLN A 436 0.81 17.21 -24.52
N ARG A 437 2.01 17.68 -24.86
CA ARG A 437 2.41 19.05 -24.59
C ARG A 437 3.22 19.57 -25.76
N GLN A 438 2.92 20.80 -26.18
CA GLN A 438 3.61 21.42 -27.31
C GLN A 438 4.65 22.45 -26.89
N SER A 439 4.43 23.13 -25.77
CA SER A 439 5.40 24.09 -25.28
C SER A 439 6.53 23.37 -24.56
N PHE A 440 7.69 24.02 -24.50
CA PHE A 440 8.84 23.44 -23.83
C PHE A 440 8.71 23.61 -22.31
N PRO A 441 9.32 22.71 -21.54
CA PRO A 441 9.29 22.86 -20.08
C PRO A 441 9.97 24.14 -19.65
N PRO A 442 9.45 24.79 -18.60
CA PRO A 442 10.03 26.07 -18.19
C PRO A 442 11.38 25.90 -17.51
N VAL A 443 12.16 26.98 -17.55
CA VAL A 443 13.47 26.98 -16.90
C VAL A 443 13.39 27.42 -15.44
N CYS A 444 12.32 28.13 -15.05
CA CYS A 444 12.14 28.60 -13.69
C CYS A 444 10.89 27.98 -13.10
N THR A 445 11.02 27.35 -11.94
CA THR A 445 9.88 26.70 -11.30
C THR A 445 8.93 27.69 -10.65
N HIS A 446 9.39 28.88 -10.32
CA HIS A 446 8.57 29.89 -9.66
C HIS A 446 8.22 31.00 -10.65
N ASN A 447 7.31 31.87 -10.23
CA ASN A 447 6.92 33.04 -11.00
C ASN A 447 7.62 34.25 -10.39
N MET A 448 8.73 34.64 -11.02
CA MET A 448 9.50 35.79 -10.58
C MET A 448 8.88 37.09 -11.05
N LEU A 449 8.92 38.10 -10.21
CA LEU A 449 8.28 39.37 -10.53
C LEU A 449 9.12 40.28 -11.40
N ASP A 450 10.38 39.92 -11.66
CA ASP A 450 11.24 40.68 -12.57
C ASP A 450 12.07 39.71 -13.42
N ASP A 451 11.52 39.32 -14.57
CA ASP A 451 12.22 38.41 -15.47
C ASP A 451 13.09 39.15 -16.48
N SER A 452 12.77 40.40 -16.80
CA SER A 452 13.58 41.17 -17.74
C SER A 452 14.87 41.67 -17.13
N SER A 453 15.04 41.55 -15.81
CA SER A 453 16.22 42.04 -15.12
C SER A 453 16.95 40.95 -14.33
N ASP A 454 16.50 39.70 -14.43
CA ASP A 454 17.18 38.61 -13.73
C ASP A 454 18.41 38.18 -14.51
N PRO A 455 19.61 38.23 -13.93
CA PRO A 455 20.80 37.81 -14.67
C PRO A 455 20.74 36.36 -15.15
N ILE A 456 20.25 35.45 -14.31
CA ILE A 456 20.27 34.03 -14.65
C ILE A 456 19.37 33.76 -15.86
N LEU A 457 18.13 34.24 -15.81
CA LEU A 457 17.22 34.01 -16.92
C LEU A 457 17.69 34.73 -18.18
N THR A 458 18.27 35.93 -18.02
CA THR A 458 18.79 36.67 -19.16
C THR A 458 19.87 35.88 -19.87
N THR A 459 20.87 35.39 -19.13
CA THR A 459 21.94 34.64 -19.79
C THR A 459 21.46 33.29 -20.28
N ILE A 460 20.46 32.68 -19.62
CA ILE A 460 19.91 31.42 -20.09
C ILE A 460 19.25 31.60 -21.46
N ARG A 461 18.42 32.64 -21.60
CA ARG A 461 17.80 32.90 -22.89
C ARG A 461 18.80 33.44 -23.90
N ARG A 462 19.92 34.00 -23.46
CA ARG A 462 20.94 34.44 -24.39
C ARG A 462 21.72 33.27 -24.97
N ILE A 463 22.04 32.27 -24.15
CA ILE A 463 22.86 31.15 -24.61
C ILE A 463 21.99 30.11 -25.30
N GLY A 464 20.70 30.41 -25.46
CA GLY A 464 19.80 29.55 -26.20
C GLY A 464 19.56 28.19 -25.56
N LEU A 465 19.22 28.18 -24.28
CA LEU A 465 18.91 26.95 -23.56
C LEU A 465 17.47 27.02 -23.07
N PHE A 466 16.60 26.17 -23.62
CA PHE A 466 15.18 26.21 -23.30
C PHE A 466 14.62 24.80 -23.07
N ASN A 467 15.45 23.87 -22.59
CA ASN A 467 15.03 22.51 -22.30
C ASN A 467 14.42 21.83 -23.52
N SER A 468 14.92 22.15 -24.70
CA SER A 468 14.38 21.60 -25.94
C SER A 468 14.69 20.10 -26.05
N SER A 469 14.06 19.47 -27.04
CA SER A 469 14.32 18.06 -27.30
C SER A 469 15.75 17.84 -27.78
N ALA A 470 16.26 18.75 -28.60
CA ALA A 470 17.62 18.62 -29.10
C ALA A 470 18.66 18.96 -28.04
N ASP A 471 18.31 19.82 -27.08
CA ASP A 471 19.25 20.21 -26.03
C ASP A 471 19.67 19.00 -25.21
N ARG A 472 20.98 18.85 -25.03
CA ARG A 472 21.52 17.78 -24.20
C ARG A 472 21.64 18.16 -22.74
N VAL A 473 21.54 19.45 -22.42
CA VAL A 473 21.51 19.91 -21.03
C VAL A 473 20.19 20.65 -20.81
N LYS A 474 19.60 20.43 -19.64
CA LYS A 474 18.33 21.03 -19.25
C LYS A 474 18.55 21.81 -17.96
N VAL A 475 18.20 23.10 -17.98
CA VAL A 475 18.45 23.99 -16.85
C VAL A 475 17.16 24.18 -16.08
N ILE A 476 17.23 24.01 -14.76
CA ILE A 476 16.10 24.24 -13.86
C ILE A 476 16.54 25.25 -12.81
N PHE A 477 15.93 26.43 -12.83
CA PHE A 477 16.22 27.49 -11.88
C PHE A 477 15.14 27.47 -10.79
N HIS A 478 15.56 27.18 -9.56
CA HIS A 478 14.64 27.09 -8.44
C HIS A 478 14.91 28.26 -7.49
N PRO A 479 14.34 29.44 -7.75
CA PRO A 479 14.72 30.64 -6.99
C PRO A 479 14.20 30.63 -5.57
N GLU A 480 14.65 29.67 -4.77
CA GLU A 480 14.23 29.54 -3.38
C GLU A 480 15.08 28.47 -2.72
N PHE A 481 15.31 28.64 -1.41
CA PHE A 481 15.93 27.58 -0.63
C PHE A 481 15.04 26.35 -0.61
N LEU A 482 15.66 25.19 -0.66
CA LEU A 482 14.90 23.94 -0.62
C LEU A 482 14.40 23.68 0.79
N SER A 483 13.20 23.09 0.89
CA SER A 483 12.60 22.76 2.16
C SER A 483 11.90 21.41 2.05
N SER A 484 11.80 20.71 3.18
CA SER A 484 11.17 19.40 3.21
C SER A 484 9.65 19.47 3.16
N THR A 485 9.06 20.65 3.31
CA THR A 485 7.62 20.82 3.32
C THR A 485 7.17 21.74 2.18
N SER A 486 7.75 21.56 1.00
CA SER A 486 7.39 22.32 -0.18
C SER A 486 6.39 21.54 -1.03
N PRO A 487 5.45 22.23 -1.68
CA PRO A 487 4.48 21.50 -2.52
C PRO A 487 5.13 20.68 -3.62
N LEU A 488 6.24 21.16 -4.18
CA LEU A 488 7.05 20.37 -5.09
C LEU A 488 8.50 20.38 -4.59
N LEU A 489 9.23 19.31 -4.91
CA LEU A 489 10.55 19.06 -4.37
C LEU A 489 10.50 19.02 -2.85
N PRO A 490 9.88 18.00 -2.24
CA PRO A 490 9.80 17.88 -0.78
C PRO A 490 11.09 17.36 -0.15
N VAL A 491 12.21 17.98 -0.52
CA VAL A 491 13.53 17.59 -0.03
C VAL A 491 14.21 18.81 0.57
N ASP A 492 14.79 18.63 1.75
CA ASP A 492 15.65 19.68 2.29
C ASP A 492 16.97 19.71 1.53
N TYR A 493 17.78 20.73 1.82
CA TYR A 493 18.97 20.98 1.02
C TYR A 493 19.94 19.82 1.06
N GLU A 494 20.17 19.24 2.24
CA GLU A 494 21.16 18.16 2.36
C GLU A 494 20.75 16.94 1.55
N GLU A 495 19.48 16.57 1.60
CA GLU A 495 19.01 15.41 0.83
C GLU A 495 19.16 15.65 -0.67
N PHE A 496 18.77 16.84 -1.13
CA PHE A 496 18.91 17.16 -2.55
C PHE A 496 20.35 17.12 -3.00
N VAL A 497 21.26 17.67 -2.18
CA VAL A 497 22.68 17.65 -2.54
C VAL A 497 23.19 16.21 -2.57
N ARG A 498 22.74 15.38 -1.63
CA ARG A 498 23.09 13.97 -1.67
C ARG A 498 22.60 13.31 -2.95
N GLY A 499 21.47 13.77 -3.49
CA GLY A 499 20.93 13.18 -4.70
C GLY A 499 21.63 13.58 -5.98
N CYS A 500 22.29 14.74 -5.99
CA CYS A 500 22.93 15.21 -7.21
C CYS A 500 24.19 14.40 -7.51
N HIS A 501 24.83 14.71 -8.63
CA HIS A 501 26.02 13.99 -9.08
C HIS A 501 27.29 14.82 -8.99
N LEU A 502 27.20 16.14 -9.13
CA LEU A 502 28.39 16.98 -9.13
C LEU A 502 27.97 18.40 -8.76
N GLY A 503 28.60 18.95 -7.73
CA GLY A 503 28.33 20.32 -7.34
C GLY A 503 29.37 21.28 -7.89
N VAL A 504 28.94 22.15 -8.80
CA VAL A 504 29.84 23.08 -9.47
C VAL A 504 29.72 24.43 -8.77
N PHE A 505 30.79 24.86 -8.13
CA PHE A 505 30.84 26.15 -7.43
C PHE A 505 32.08 26.92 -7.86
N PRO A 506 32.09 27.42 -9.10
CA PRO A 506 33.25 28.19 -9.57
C PRO A 506 33.21 29.64 -9.08
N SER A 507 33.20 29.80 -7.76
CA SER A 507 33.05 31.12 -7.17
C SER A 507 34.31 31.94 -7.36
N TYR A 508 34.13 33.19 -7.82
CA TYR A 508 35.28 34.07 -8.01
C TYR A 508 35.80 34.58 -6.67
N TYR A 509 34.96 35.29 -5.91
CA TYR A 509 35.32 35.79 -4.59
C TYR A 509 34.34 35.23 -3.56
N GLU A 510 34.87 34.39 -2.66
CA GLU A 510 34.14 34.03 -1.45
C GLU A 510 35.18 33.52 -0.47
N PRO A 511 35.09 33.90 0.81
CA PRO A 511 36.18 33.59 1.76
C PRO A 511 36.49 32.10 1.91
N TRP A 512 35.52 31.29 2.34
CA TRP A 512 35.78 29.87 2.58
C TRP A 512 34.99 28.96 1.65
N GLY A 513 33.66 29.03 1.69
CA GLY A 513 32.84 28.14 0.87
C GLY A 513 32.30 26.96 1.65
N TYR A 514 31.03 27.01 2.04
CA TYR A 514 30.42 25.90 2.75
C TYR A 514 29.86 24.86 1.80
N THR A 515 29.18 25.28 0.73
CA THR A 515 28.50 24.31 -0.13
C THR A 515 29.42 23.20 -0.64
N PRO A 516 30.62 23.47 -1.18
CA PRO A 516 31.50 22.35 -1.52
C PRO A 516 31.94 21.55 -0.32
N ALA A 517 32.02 22.18 0.86
CA ALA A 517 32.46 21.45 2.05
C ALA A 517 31.50 20.33 2.40
N GLU A 518 30.20 20.63 2.51
CA GLU A 518 29.26 19.54 2.77
C GLU A 518 29.00 18.67 1.54
N CYS A 519 29.24 19.19 0.33
CA CYS A 519 29.22 18.29 -0.83
C CYS A 519 30.26 17.18 -0.70
N THR A 520 31.48 17.54 -0.29
CA THR A 520 32.52 16.53 -0.10
C THR A 520 32.28 15.72 1.16
N VAL A 521 31.67 16.31 2.19
CA VAL A 521 31.34 15.56 3.39
C VAL A 521 30.32 14.47 3.09
N MET A 522 29.34 14.79 2.26
CA MET A 522 28.30 13.84 1.88
C MET A 522 28.68 12.97 0.70
N GLY A 523 29.89 13.13 0.17
CA GLY A 523 30.41 12.25 -0.86
C GLY A 523 30.28 12.74 -2.29
N ILE A 524 29.66 13.89 -2.50
CA ILE A 524 29.44 14.38 -3.87
C ILE A 524 30.71 15.09 -4.35
N PRO A 525 31.25 14.70 -5.51
CA PRO A 525 32.38 15.46 -6.07
C PRO A 525 31.99 16.90 -6.35
N SER A 526 32.95 17.80 -6.19
CA SER A 526 32.69 19.22 -6.31
C SER A 526 33.77 19.88 -7.16
N ILE A 527 33.42 21.03 -7.72
CA ILE A 527 34.34 21.84 -8.51
C ILE A 527 34.54 23.15 -7.76
N SER A 528 35.65 23.26 -7.06
CA SER A 528 36.01 24.45 -6.30
C SER A 528 36.94 25.33 -7.13
N THR A 529 37.48 26.37 -6.52
CA THR A 529 38.41 27.27 -7.18
C THR A 529 39.60 27.54 -6.28
N ASN A 530 40.69 27.98 -6.89
CA ASN A 530 41.88 28.36 -6.14
C ASN A 530 41.75 29.73 -5.50
N LEU A 531 40.68 30.47 -5.81
CA LEU A 531 40.36 31.71 -5.13
C LEU A 531 39.44 31.49 -3.93
N SER A 532 39.13 30.24 -3.61
CA SER A 532 38.22 29.90 -2.52
C SER A 532 39.00 29.38 -1.32
N GLY A 533 38.45 29.60 -0.13
CA GLY A 533 39.07 29.08 1.07
C GLY A 533 39.06 27.56 1.12
N PHE A 534 37.96 26.95 0.67
CA PHE A 534 37.89 25.50 0.61
C PHE A 534 38.88 24.94 -0.40
N GLY A 535 38.95 25.55 -1.58
CA GLY A 535 39.89 25.11 -2.59
C GLY A 535 41.33 25.25 -2.15
N CYS A 536 41.66 26.41 -1.55
CA CYS A 536 43.00 26.61 -1.03
C CYS A 536 43.32 25.62 0.09
N PHE A 537 42.35 25.38 0.98
CA PHE A 537 42.58 24.45 2.08
C PHE A 537 42.84 23.04 1.58
N MET A 538 42.07 22.59 0.59
CA MET A 538 42.28 21.27 0.03
C MET A 538 43.45 21.21 -0.94
N GLU A 539 44.00 22.37 -1.35
CA GLU A 539 45.09 22.37 -2.31
C GLU A 539 46.37 21.79 -1.70
N GLU A 540 46.76 22.26 -0.52
CA GLU A 540 48.02 21.85 0.09
C GLU A 540 47.84 20.76 1.14
N HIS A 541 46.63 20.24 1.31
CA HIS A 541 46.39 19.15 2.25
C HIS A 541 46.40 17.79 1.56
N ILE A 542 46.31 17.75 0.24
CA ILE A 542 46.25 16.50 -0.53
C ILE A 542 47.19 16.63 -1.72
N ALA A 543 48.00 15.60 -1.94
CA ALA A 543 48.84 15.55 -3.12
C ALA A 543 48.00 15.17 -4.33
N ASP A 544 48.20 15.90 -5.44
CA ASP A 544 47.48 15.68 -6.69
C ASP A 544 45.97 15.68 -6.49
N PRO A 545 45.35 16.85 -6.29
CA PRO A 545 43.89 16.89 -6.23
C PRO A 545 43.25 16.56 -7.57
N SER A 546 41.92 16.56 -7.61
CA SER A 546 41.12 16.17 -8.77
C SER A 546 41.16 14.67 -9.00
N ALA A 547 41.99 13.97 -8.22
CA ALA A 547 41.93 12.52 -8.11
C ALA A 547 41.02 12.07 -6.98
N TYR A 548 40.52 13.01 -6.18
CA TYR A 548 39.59 12.73 -5.10
C TYR A 548 38.25 13.43 -5.31
N GLY A 549 37.93 13.79 -6.56
CA GLY A 549 36.69 14.49 -6.85
C GLY A 549 36.73 15.98 -6.63
N ILE A 550 37.85 16.53 -6.20
CA ILE A 550 37.98 17.96 -5.94
C ILE A 550 38.58 18.58 -7.19
N TYR A 551 37.71 18.96 -8.13
CA TYR A 551 38.15 19.59 -9.37
C TYR A 551 38.48 21.05 -9.10
N ILE A 552 39.70 21.29 -8.64
CA ILE A 552 40.14 22.66 -8.39
C ILE A 552 40.29 23.39 -9.71
N LEU A 553 39.67 24.56 -9.82
CA LEU A 553 39.62 25.32 -11.06
C LEU A 553 40.37 26.63 -10.85
N ASP A 554 41.38 26.88 -11.69
CA ASP A 554 42.20 28.06 -11.55
C ASP A 554 41.48 29.27 -12.11
N ARG A 555 41.26 30.29 -11.27
CA ARG A 555 40.68 31.55 -11.69
C ARG A 555 41.58 32.74 -11.43
N ARG A 556 42.75 32.53 -10.84
CA ARG A 556 43.67 33.63 -10.53
C ARG A 556 44.68 33.85 -11.64
N PHE A 557 45.22 32.79 -12.21
CA PHE A 557 46.24 32.88 -13.25
C PHE A 557 45.67 32.69 -14.65
N ARG A 558 44.34 32.67 -14.79
CA ARG A 558 43.69 32.45 -16.08
C ARG A 558 42.63 33.52 -16.31
N SER A 559 42.38 33.81 -17.58
CA SER A 559 41.35 34.76 -17.96
C SER A 559 39.97 34.10 -17.84
N LEU A 560 38.93 34.92 -18.04
CA LEU A 560 37.57 34.42 -17.91
C LEU A 560 37.26 33.34 -18.94
N ASP A 561 37.68 33.57 -20.20
CA ASP A 561 37.43 32.59 -21.25
C ASP A 561 38.18 31.30 -20.99
N ASP A 562 39.44 31.40 -20.54
CA ASP A 562 40.21 30.20 -20.23
C ASP A 562 39.61 29.44 -19.07
N SER A 563 39.11 30.16 -18.05
CA SER A 563 38.44 29.50 -16.93
C SER A 563 37.18 28.79 -17.39
N CYS A 564 36.41 29.42 -18.30
CA CYS A 564 35.22 28.78 -18.84
C CYS A 564 35.58 27.52 -19.62
N SER A 565 36.66 27.59 -20.40
CA SER A 565 37.10 26.42 -21.16
C SER A 565 37.52 25.29 -20.22
N GLN A 566 38.24 25.62 -19.15
CA GLN A 566 38.65 24.60 -18.19
C GLN A 566 37.45 24.00 -17.48
N LEU A 567 36.45 24.82 -17.16
CA LEU A 567 35.23 24.29 -16.55
C LEU A 567 34.49 23.37 -17.51
N THR A 568 34.44 23.73 -18.79
CA THR A 568 33.82 22.86 -19.79
C THR A 568 34.56 21.54 -19.90
N SER A 569 35.90 21.59 -19.88
CA SER A 569 36.69 20.37 -19.93
C SER A 569 36.42 19.50 -18.70
N PHE A 570 36.34 20.10 -17.52
CA PHE A 570 36.04 19.34 -16.31
C PHE A 570 34.67 18.69 -16.39
N LEU A 571 33.66 19.44 -16.86
CA LEU A 571 32.31 18.89 -16.98
C LEU A 571 32.28 17.74 -17.97
N TYR A 572 32.94 17.89 -19.12
CA TYR A 572 32.95 16.81 -20.10
C TYR A 572 33.68 15.59 -19.55
N SER A 573 34.80 15.80 -18.85
CA SER A 573 35.53 14.68 -18.27
C SER A 573 34.68 13.94 -17.24
N PHE A 574 33.91 14.67 -16.44
CA PHE A 574 32.97 14.02 -15.54
C PHE A 574 31.89 13.26 -16.32
N CYS A 575 31.46 13.81 -17.46
CA CYS A 575 30.43 13.16 -18.25
C CYS A 575 30.91 11.83 -18.83
N GLN A 576 32.17 11.77 -19.27
CA GLN A 576 32.64 10.59 -20.00
C GLN A 576 32.77 9.35 -19.11
N GLN A 577 33.02 9.51 -17.82
CA GLN A 577 33.24 8.34 -16.97
C GLN A 577 31.93 7.60 -16.71
N SER A 578 32.04 6.28 -16.57
CA SER A 578 30.87 5.41 -16.44
C SER A 578 30.37 5.40 -15.00
N ARG A 579 29.39 4.54 -14.73
CA ARG A 579 28.78 4.48 -13.40
C ARG A 579 29.78 3.99 -12.35
N ARG A 580 30.59 2.98 -12.69
CA ARG A 580 31.58 2.47 -11.75
C ARG A 580 32.59 3.55 -11.37
N GLN A 581 33.05 4.32 -12.36
CA GLN A 581 33.99 5.40 -12.09
C GLN A 581 33.35 6.47 -11.22
N ARG A 582 32.07 6.78 -11.46
CA ARG A 582 31.37 7.75 -10.63
C ARG A 582 31.27 7.28 -9.19
N ILE A 583 30.95 5.99 -8.99
CA ILE A 583 30.85 5.44 -7.64
C ILE A 583 32.20 5.50 -6.94
N ILE A 584 33.28 5.11 -7.64
CA ILE A 584 34.61 5.15 -7.06
C ILE A 584 34.99 6.58 -6.70
N GLN A 585 34.69 7.53 -7.58
CA GLN A 585 35.00 8.93 -7.32
C GLN A 585 34.24 9.45 -6.11
N ARG A 586 32.97 9.06 -5.98
CA ARG A 586 32.20 9.46 -4.80
C ARG A 586 32.80 8.88 -3.52
N ASN A 587 33.25 7.62 -3.59
CA ASN A 587 33.92 7.02 -2.43
C ASN A 587 35.18 7.82 -2.05
N ARG A 588 36.00 8.15 -3.04
CA ARG A 588 37.22 8.90 -2.77
CA ARG A 588 37.22 8.90 -2.77
C ARG A 588 36.91 10.28 -2.21
N THR A 589 35.89 10.95 -2.75
CA THR A 589 35.51 12.26 -2.24
C THR A 589 34.99 12.17 -0.80
N GLU A 590 34.21 11.13 -0.50
CA GLU A 590 33.71 10.94 0.85
C GLU A 590 34.85 10.67 1.83
N ARG A 591 35.92 10.03 1.36
CA ARG A 591 37.02 9.70 2.26
C ARG A 591 37.68 10.95 2.84
N LEU A 592 37.44 12.12 2.26
CA LEU A 592 38.07 13.36 2.71
C LEU A 592 37.28 14.09 3.78
N SER A 593 36.22 13.48 4.31
CA SER A 593 35.38 14.16 5.30
C SER A 593 36.15 14.45 6.58
N ASP A 594 37.15 13.62 6.91
CA ASP A 594 37.90 13.79 8.15
C ASP A 594 38.69 15.09 8.16
N LEU A 595 39.06 15.60 6.99
CA LEU A 595 39.81 16.86 6.93
C LEU A 595 38.99 18.03 7.44
N LEU A 596 37.69 18.05 7.12
CA LEU A 596 36.82 19.15 7.48
C LEU A 596 36.04 18.90 8.77
N ASP A 597 36.32 17.81 9.48
CA ASP A 597 35.64 17.54 10.73
C ASP A 597 36.01 18.59 11.77
N TRP A 598 35.06 18.89 12.66
CA TRP A 598 35.33 19.85 13.72
C TRP A 598 36.30 19.30 14.76
N LYS A 599 36.43 17.97 14.87
CA LYS A 599 37.43 17.39 15.75
C LYS A 599 38.84 17.81 15.32
N TYR A 600 39.11 17.74 14.02
CA TYR A 600 40.43 18.13 13.51
C TYR A 600 40.55 19.65 13.40
N LEU A 601 39.46 20.34 13.02
CA LEU A 601 39.51 21.77 12.78
C LEU A 601 39.12 22.61 14.00
N GLY A 602 38.74 21.98 15.11
CA GLY A 602 38.39 22.73 16.31
C GLY A 602 39.55 23.15 17.18
N ARG A 603 40.75 22.65 16.89
CA ARG A 603 41.91 22.99 17.72
C ARG A 603 42.29 24.45 17.58
N TYR A 604 42.00 25.07 16.43
CA TYR A 604 42.36 26.46 16.22
C TYR A 604 41.54 27.40 17.10
N TYR A 605 40.26 27.09 17.30
CA TYR A 605 39.46 27.86 18.26
C TYR A 605 39.99 27.71 19.68
N MET A 606 40.40 26.49 20.06
CA MET A 606 40.99 26.30 21.37
C MET A 606 42.26 27.12 21.53
N SER A 607 43.11 27.14 20.50
CA SER A 607 44.31 27.96 20.54
C SER A 607 43.96 29.43 20.67
N ALA A 608 42.95 29.90 19.93
CA ALA A 608 42.55 31.29 20.00
C ALA A 608 42.05 31.66 21.40
N ARG A 609 41.26 30.77 22.01
CA ARG A 609 40.81 31.00 23.37
C ARG A 609 41.98 31.05 24.35
N HIS A 610 42.96 30.17 24.16
CA HIS A 610 44.13 30.18 25.03
C HIS A 610 44.92 31.47 24.89
N MET A 611 45.11 31.95 23.66
CA MET A 611 45.79 33.22 23.48
C MET A 611 45.00 34.37 24.10
N ALA A 612 43.67 34.36 23.97
CA ALA A 612 42.86 35.40 24.57
C ALA A 612 42.99 35.39 26.10
N LEU A 613 42.97 34.21 26.70
CA LEU A 613 43.14 34.10 28.15
C LEU A 613 44.53 34.59 28.57
N SER A 614 45.56 34.23 27.81
CA SER A 614 46.91 34.67 28.14
C SER A 614 47.05 36.19 28.03
N LYS A 615 46.43 36.78 27.01
CA LYS A 615 46.55 38.22 26.80
C LYS A 615 45.75 39.00 27.85
N ALA A 616 44.54 38.54 28.18
CA ALA A 616 43.70 39.28 29.11
C ALA A 616 44.15 39.07 30.55
N PHE A 617 44.09 37.83 31.03
CA PHE A 617 44.52 37.51 32.39
C PHE A 617 44.78 36.02 32.53
N PRO A 618 45.99 35.62 32.96
CA PRO A 618 46.34 34.21 33.14
C PRO A 618 45.54 33.54 34.25
N SER B 318 30.84 69.69 18.13
CA SER B 318 30.64 69.96 16.71
C SER B 318 29.37 69.27 16.21
N GLU B 319 28.22 69.85 16.55
CA GLU B 319 26.94 69.28 16.13
C GLU B 319 26.77 69.26 14.62
N GLU B 320 27.50 70.13 13.90
CA GLU B 320 27.42 70.12 12.44
C GLU B 320 27.87 68.78 11.88
N ARG B 321 28.97 68.23 12.40
CA ARG B 321 29.42 66.91 11.98
C ARG B 321 28.42 65.84 12.34
N LYS B 322 27.80 65.95 13.52
CA LYS B 322 26.79 64.99 13.94
C LYS B 322 25.63 64.96 12.95
N GLU B 323 25.08 66.12 12.62
CA GLU B 323 23.97 66.18 11.67
C GLU B 323 24.40 65.73 10.28
N ARG B 324 25.60 66.11 9.86
CA ARG B 324 26.09 65.72 8.54
C ARG B 324 26.22 64.21 8.41
N TRP B 325 26.74 63.55 9.44
CA TRP B 325 26.87 62.10 9.38
C TRP B 325 25.51 61.42 9.61
N GLU B 326 24.60 62.09 10.31
CA GLU B 326 23.22 61.59 10.40
C GLU B 326 22.57 61.56 9.02
N GLN B 327 22.84 62.57 8.21
CA GLN B 327 22.33 62.56 6.83
C GLN B 327 22.88 61.39 6.04
N GLY B 328 24.08 60.91 6.38
CA GLY B 328 24.67 59.76 5.75
C GLY B 328 25.68 60.05 4.66
N GLN B 329 26.08 61.30 4.47
CA GLN B 329 27.04 61.69 3.45
C GLN B 329 28.20 62.41 4.14
N ALA B 330 29.20 61.64 4.55
CA ALA B 330 30.33 62.18 5.30
C ALA B 330 31.52 62.46 4.38
N ASP B 331 32.40 63.34 4.84
CA ASP B 331 33.60 63.70 4.11
C ASP B 331 34.75 62.79 4.51
N TYR B 332 35.86 62.90 3.76
CA TYR B 332 36.97 61.97 3.95
C TYR B 332 38.28 62.73 4.17
N MET B 333 38.46 63.84 3.45
CA MET B 333 39.66 64.65 3.56
C MET B 333 39.51 65.79 4.57
N GLY B 334 38.37 65.87 5.26
CA GLY B 334 38.15 66.92 6.22
C GLY B 334 38.38 66.47 7.65
N ALA B 335 37.42 66.76 8.53
CA ALA B 335 37.54 66.43 9.94
C ALA B 335 37.02 65.04 10.29
N ASP B 336 36.47 64.32 9.32
CA ASP B 336 35.95 62.97 9.53
C ASP B 336 36.86 61.98 8.82
N SER B 337 37.67 61.26 9.60
CA SER B 337 38.56 60.26 9.05
C SER B 337 38.90 59.26 10.16
N PHE B 338 39.47 58.13 9.76
CA PHE B 338 39.84 57.09 10.71
C PHE B 338 41.05 57.48 11.56
N ASP B 339 41.73 58.57 11.23
CA ASP B 339 42.89 59.00 12.02
C ASP B 339 42.49 59.34 13.44
N ASN B 340 41.34 60.02 13.62
CA ASN B 340 40.88 60.34 14.96
C ASN B 340 40.57 59.07 15.76
N ILE B 341 39.93 58.09 15.12
CA ILE B 341 39.63 56.84 15.79
C ILE B 341 40.92 56.13 16.20
N LYS B 342 41.92 56.12 15.31
CA LYS B 342 43.20 55.51 15.64
C LYS B 342 43.86 56.23 16.81
N ARG B 343 43.82 57.56 16.82
CA ARG B 343 44.48 58.32 17.87
C ARG B 343 43.74 58.26 19.19
N LYS B 344 42.45 57.92 19.20
CA LYS B 344 41.71 57.83 20.44
C LYS B 344 41.53 56.40 20.93
N LEU B 345 41.82 55.40 20.10
CA LEU B 345 41.64 54.02 20.52
C LEU B 345 42.69 53.58 21.52
N ASP B 346 43.90 54.14 21.44
CA ASP B 346 44.97 53.76 22.36
C ASP B 346 44.67 54.14 23.80
N THR B 347 43.79 55.12 24.03
CA THR B 347 43.45 55.51 25.39
C THR B 347 42.54 54.49 26.07
N TYR B 348 41.98 53.54 25.31
CA TYR B 348 41.08 52.53 25.85
C TYR B 348 41.77 51.21 26.13
N LEU B 349 43.10 51.16 26.04
CA LEU B 349 43.87 49.95 26.35
C LEU B 349 45.30 50.28 26.77
N SER C 318 -33.32 38.57 -60.72
CA SER C 318 -33.15 39.70 -59.82
C SER C 318 -31.83 39.61 -59.07
N GLU C 319 -30.72 39.91 -59.78
CA GLU C 319 -29.40 39.84 -59.16
C GLU C 319 -29.23 40.84 -58.02
N GLU C 320 -30.04 41.90 -58.00
CA GLU C 320 -29.96 42.85 -56.89
C GLU C 320 -30.29 42.18 -55.57
N ARG C 321 -31.33 41.34 -55.54
CA ARG C 321 -31.66 40.60 -54.33
C ARG C 321 -30.55 39.62 -53.97
N LYS C 322 -29.96 38.98 -54.98
CA LYS C 322 -28.85 38.05 -54.73
C LYS C 322 -27.70 38.76 -54.03
N GLU C 323 -27.26 39.89 -54.57
CA GLU C 323 -26.16 40.64 -53.95
C GLU C 323 -26.55 41.17 -52.58
N ARG C 324 -27.78 41.65 -52.43
CA ARG C 324 -28.24 42.19 -51.15
C ARG C 324 -28.22 41.13 -50.07
N TRP C 325 -28.67 39.92 -50.39
CA TRP C 325 -28.66 38.85 -49.39
C TRP C 325 -27.26 38.28 -49.20
N GLU C 326 -26.40 38.39 -50.22
CA GLU C 326 -24.99 38.06 -50.05
C GLU C 326 -24.35 38.97 -49.03
N GLN C 327 -24.70 40.26 -49.05
CA GLN C 327 -24.20 41.18 -48.04
C GLN C 327 -24.64 40.78 -46.64
N GLY C 328 -25.79 40.11 -46.52
CA GLY C 328 -26.26 39.62 -45.25
C GLY C 328 -27.31 40.47 -44.55
N GLN C 329 -27.81 41.51 -45.20
CA GLN C 329 -28.82 42.40 -44.62
C GLN C 329 -30.03 42.41 -45.54
N ALA C 330 -30.96 41.49 -45.30
CA ALA C 330 -32.13 41.33 -46.15
C ALA C 330 -33.34 42.06 -45.56
N ASP C 331 -34.29 42.36 -46.44
CA ASP C 331 -35.53 43.03 -46.04
C ASP C 331 -36.59 41.99 -45.68
N TYR C 332 -37.70 42.48 -45.13
CA TYR C 332 -38.72 41.59 -44.61
C TYR C 332 -40.09 41.92 -45.17
N MET C 333 -40.38 43.21 -45.34
CA MET C 333 -41.65 43.66 -45.88
C MET C 333 -41.60 43.88 -47.39
N GLY C 334 -40.48 43.57 -48.03
CA GLY C 334 -40.35 43.74 -49.47
C GLY C 334 -40.54 42.45 -50.25
N ALA C 335 -39.62 42.16 -51.15
CA ALA C 335 -39.70 40.99 -52.01
C ALA C 335 -39.05 39.75 -51.38
N ASP C 336 -38.43 39.88 -50.21
CA ASP C 336 -37.79 38.76 -49.54
C ASP C 336 -38.60 38.41 -48.29
N SER C 337 -39.34 37.31 -48.36
CA SER C 337 -40.14 36.84 -47.24
C SER C 337 -40.38 35.36 -47.42
N PHE C 338 -40.84 34.72 -46.34
CA PHE C 338 -41.12 33.29 -46.37
C PHE C 338 -42.36 32.94 -47.19
N ASP C 339 -43.14 33.93 -47.61
CA ASP C 339 -44.33 33.65 -48.40
C ASP C 339 -43.96 33.01 -49.74
N ASN C 340 -42.88 33.48 -50.38
CA ASN C 340 -42.45 32.88 -51.64
C ASN C 340 -42.03 31.43 -51.43
N ILE C 341 -41.30 31.15 -50.35
CA ILE C 341 -40.88 29.78 -50.06
C ILE C 341 -42.10 28.90 -49.82
N LYS C 342 -43.09 29.40 -49.09
CA LYS C 342 -44.31 28.64 -48.87
C LYS C 342 -45.04 28.36 -50.17
N ARG C 343 -45.11 29.37 -51.06
CA ARG C 343 -45.85 29.21 -52.30
C ARG C 343 -45.10 28.35 -53.31
N LYS C 344 -43.79 28.19 -53.17
CA LYS C 344 -43.03 27.35 -54.09
C LYS C 344 -42.73 25.97 -53.55
N LEU C 345 -42.93 25.73 -52.25
CA LEU C 345 -42.60 24.43 -51.68
C LEU C 345 -43.62 23.37 -52.10
N ASP C 346 -44.88 23.77 -52.33
CA ASP C 346 -45.90 22.80 -52.71
C ASP C 346 -45.64 22.17 -54.06
N THR C 347 -44.85 22.81 -54.92
CA THR C 347 -44.55 22.24 -56.22
C THR C 347 -43.55 21.09 -56.13
N TYR C 348 -42.90 20.92 -54.98
CA TYR C 348 -41.91 19.87 -54.77
C TYR C 348 -42.48 18.63 -54.08
N LEU C 349 -43.80 18.56 -53.92
CA LEU C 349 -44.45 17.40 -53.31
C LEU C 349 -45.90 17.27 -53.75
N SER D 318 31.70 -68.99 -18.06
CA SER D 318 31.53 -69.28 -16.64
C SER D 318 30.28 -68.63 -16.08
N GLU D 319 29.12 -69.23 -16.39
CA GLU D 319 27.85 -68.68 -15.93
C GLU D 319 27.73 -68.70 -14.41
N GLU D 320 28.49 -69.57 -13.74
CA GLU D 320 28.45 -69.59 -12.27
C GLU D 320 28.91 -68.26 -11.70
N ARG D 321 29.98 -67.68 -12.25
CA ARG D 321 30.43 -66.37 -11.80
C ARG D 321 29.40 -65.30 -12.11
N LYS D 322 28.74 -65.40 -13.28
CA LYS D 322 27.70 -64.44 -13.63
C LYS D 322 26.58 -64.45 -12.61
N GLU D 323 26.06 -65.63 -12.29
CA GLU D 323 24.98 -65.72 -11.31
C GLU D 323 25.44 -65.29 -9.92
N ARG D 324 26.67 -65.67 -9.54
CA ARG D 324 27.19 -65.31 -8.23
C ARG D 324 27.30 -63.80 -8.07
N TRP D 325 27.78 -63.10 -9.10
CA TRP D 325 27.88 -61.65 -9.02
C TRP D 325 26.52 -60.99 -9.19
N GLU D 326 25.59 -61.66 -9.87
CA GLU D 326 24.21 -61.17 -9.91
C GLU D 326 23.60 -61.18 -8.51
N GLN D 327 23.91 -62.21 -7.72
CA GLN D 327 23.44 -62.24 -6.34
C GLN D 327 24.00 -61.07 -5.53
N GLY D 328 25.18 -60.57 -5.91
CA GLY D 328 25.77 -59.42 -5.26
C GLY D 328 26.82 -59.71 -4.21
N GLN D 329 27.25 -60.97 -4.06
CA GLN D 329 28.25 -61.37 -3.09
C GLN D 329 29.39 -62.06 -3.82
N ALA D 330 30.37 -61.28 -4.26
CA ALA D 330 31.48 -61.77 -5.05
C ALA D 330 32.70 -62.06 -4.17
N ASP D 331 33.58 -62.93 -4.68
CA ASP D 331 34.80 -63.28 -3.99
C ASP D 331 35.93 -62.33 -4.40
N TYR D 332 37.07 -62.45 -3.71
CA TYR D 332 38.16 -61.51 -3.90
C TYR D 332 39.47 -62.23 -4.17
N MET D 333 39.69 -63.36 -3.49
CA MET D 333 40.89 -64.15 -3.66
C MET D 333 40.72 -65.27 -4.69
N GLY D 334 39.57 -65.35 -5.34
CA GLY D 334 39.33 -66.39 -6.33
C GLY D 334 39.51 -65.90 -7.75
N ALA D 335 38.53 -66.18 -8.61
CA ALA D 335 38.60 -65.82 -10.02
C ALA D 335 38.05 -64.43 -10.30
N ASP D 336 37.52 -63.73 -9.30
CA ASP D 336 36.97 -62.40 -9.47
C ASP D 336 37.88 -61.40 -8.76
N SER D 337 38.66 -60.65 -9.55
CA SER D 337 39.57 -59.65 -9.00
C SER D 337 39.85 -58.63 -10.10
N PHE D 338 40.41 -57.50 -9.69
CA PHE D 338 40.75 -56.43 -10.64
C PHE D 338 41.93 -56.79 -11.53
N ASP D 339 42.64 -57.88 -11.24
CA ASP D 339 43.77 -58.27 -12.08
C ASP D 339 43.33 -58.58 -13.50
N ASN D 340 42.20 -59.27 -13.66
CA ASN D 340 41.69 -59.57 -14.99
C ASN D 340 41.34 -58.29 -15.74
N ILE D 341 40.72 -57.33 -15.06
CA ILE D 341 40.37 -56.07 -15.70
C ILE D 341 41.64 -55.33 -16.14
N LYS D 342 42.66 -55.33 -15.27
CA LYS D 342 43.93 -54.70 -15.62
C LYS D 342 44.57 -55.37 -16.83
N ARG D 343 44.53 -56.70 -16.87
CA ARG D 343 45.18 -57.43 -17.96
C ARG D 343 44.39 -57.36 -19.26
N LYS D 344 43.10 -57.03 -19.21
CA LYS D 344 42.31 -56.92 -20.43
C LYS D 344 42.11 -55.48 -20.88
N LEU D 345 42.41 -54.51 -20.03
CA LEU D 345 42.18 -53.11 -20.42
C LEU D 345 43.21 -52.64 -21.45
N ASP D 346 44.42 -53.18 -21.41
CA ASP D 346 45.45 -52.77 -22.35
C ASP D 346 45.11 -53.12 -23.80
N THR D 347 44.24 -54.10 -24.02
CA THR D 347 43.87 -54.46 -25.38
C THR D 347 42.93 -53.44 -26.01
N TYR D 348 42.37 -52.52 -25.22
CA TYR D 348 41.44 -51.51 -25.69
C TYR D 348 42.12 -50.17 -25.97
N LEU D 349 43.44 -50.11 -25.92
CA LEU D 349 44.18 -48.88 -26.22
C LEU D 349 45.60 -49.18 -26.69
N SER E 318 -32.12 -37.64 61.51
CA SER E 318 -31.92 -38.84 60.70
C SER E 318 -30.60 -38.75 59.92
N GLU E 319 -29.49 -38.96 60.63
CA GLU E 319 -28.17 -38.90 60.01
C GLU E 319 -27.98 -39.96 58.94
N GLU E 320 -28.75 -41.06 59.00
CA GLU E 320 -28.65 -42.08 57.97
C GLU E 320 -29.01 -41.52 56.60
N ARG E 321 -30.09 -40.72 56.53
CA ARG E 321 -30.45 -40.08 55.27
C ARG E 321 -29.38 -39.10 54.83
N LYS E 322 -28.80 -38.37 55.77
CA LYS E 322 -27.73 -37.42 55.44
C LYS E 322 -26.55 -38.14 54.78
N GLU E 323 -26.08 -39.22 55.39
CA GLU E 323 -24.96 -39.96 54.82
C GLU E 323 -25.34 -40.61 53.50
N ARG E 324 -26.57 -41.14 53.41
CA ARG E 324 -27.01 -41.79 52.18
C ARG E 324 -27.04 -40.81 51.01
N TRP E 325 -27.54 -39.59 51.24
CA TRP E 325 -27.56 -38.61 50.17
C TRP E 325 -26.19 -38.01 49.93
N GLU E 326 -25.32 -38.02 50.94
CA GLU E 326 -23.92 -37.64 50.72
C GLU E 326 -23.24 -38.61 49.77
N GLN E 327 -23.56 -39.90 49.89
CA GLN E 327 -23.03 -40.88 48.93
C GLN E 327 -23.51 -40.61 47.52
N GLY E 328 -24.68 -39.99 47.37
CA GLY E 328 -25.19 -39.60 46.07
C GLY E 328 -26.21 -40.53 45.45
N GLN E 329 -26.68 -41.54 46.19
CA GLN E 329 -27.65 -42.51 45.68
C GLN E 329 -28.85 -42.49 46.62
N ALA E 330 -29.81 -41.62 46.32
CA ALA E 330 -30.98 -41.43 47.16
C ALA E 330 -32.17 -42.24 46.66
N ASP E 331 -33.10 -42.51 47.56
CA ASP E 331 -34.31 -43.25 47.23
C ASP E 331 -35.43 -42.28 46.81
N TYR E 332 -36.52 -42.85 46.31
CA TYR E 332 -37.58 -42.03 45.73
C TYR E 332 -38.94 -42.36 46.34
N MET E 333 -39.17 -43.65 46.61
CA MET E 333 -40.42 -44.10 47.20
C MET E 333 -40.35 -44.20 48.72
N GLY E 334 -39.23 -43.81 49.33
CA GLY E 334 -39.09 -43.87 50.76
C GLY E 334 -39.31 -42.53 51.44
N ALA E 335 -38.38 -42.14 52.31
CA ALA E 335 -38.49 -40.91 53.08
C ALA E 335 -37.90 -39.70 52.36
N ASP E 336 -37.29 -39.89 51.19
CA ASP E 336 -36.69 -38.81 50.42
C ASP E 336 -37.53 -38.59 49.17
N SER E 337 -38.30 -37.51 49.17
CA SER E 337 -39.14 -37.15 48.03
C SER E 337 -39.43 -35.66 48.09
N PHE E 338 -39.91 -35.12 46.98
CA PHE E 338 -40.25 -33.70 46.90
C PHE E 338 -41.48 -33.33 47.71
N ASP E 339 -42.23 -34.32 48.22
CA ASP E 339 -43.42 -34.02 49.01
C ASP E 339 -43.05 -33.27 50.28
N ASN E 340 -41.95 -33.66 50.95
CA ASN E 340 -41.53 -32.95 52.14
C ASN E 340 -41.15 -31.51 51.83
N ILE E 341 -40.45 -31.29 50.72
CA ILE E 341 -40.08 -29.93 50.32
C ILE E 341 -41.33 -29.10 50.04
N LYS E 342 -42.31 -29.70 49.36
CA LYS E 342 -43.56 -28.99 49.09
C LYS E 342 -44.29 -28.64 50.38
N ARG E 343 -44.31 -29.57 51.34
CA ARG E 343 -45.04 -29.35 52.59
C ARG E 343 -44.31 -28.40 53.52
N LYS E 344 -43.01 -28.20 53.34
CA LYS E 344 -42.28 -27.28 54.19
C LYS E 344 -42.03 -25.92 53.54
N LEU E 345 -42.24 -25.81 52.23
CA LEU E 345 -41.98 -24.53 51.56
C LEU E 345 -43.02 -23.48 51.91
N ASP E 346 -44.26 -23.90 52.18
CA ASP E 346 -45.31 -22.94 52.51
C ASP E 346 -45.05 -22.20 53.81
N THR E 347 -44.24 -22.75 54.71
CA THR E 347 -43.94 -22.08 55.96
C THR E 347 -42.98 -20.90 55.77
N TYR E 348 -42.36 -20.79 54.59
CA TYR E 348 -41.40 -19.73 54.30
C TYR E 348 -42.02 -18.57 53.53
N LEU E 349 -43.34 -18.56 53.37
CA LEU E 349 -44.04 -17.46 52.69
C LEU E 349 -45.49 -17.35 53.14
N LEU F 29 -32.64 2.70 -41.61
CA LEU F 29 -32.75 3.88 -40.77
C LEU F 29 -31.50 4.74 -40.88
N PHE F 30 -31.70 6.05 -41.03
CA PHE F 30 -30.62 7.02 -41.13
C PHE F 30 -30.86 8.13 -40.12
N GLU F 31 -30.19 8.05 -38.97
CA GLU F 31 -30.29 9.08 -37.93
C GLU F 31 -29.15 10.09 -38.13
N VAL F 32 -29.32 10.93 -39.15
CA VAL F 32 -28.30 11.91 -39.49
C VAL F 32 -28.34 13.06 -38.50
N ALA F 33 -27.16 13.44 -37.99
CA ALA F 33 -27.06 14.52 -37.03
C ALA F 33 -25.63 15.02 -37.00
N TRP F 34 -25.45 16.21 -36.40
CA TRP F 34 -24.13 16.85 -36.32
C TRP F 34 -23.31 16.42 -35.10
N GLU F 35 -23.94 15.89 -34.06
CA GLU F 35 -23.23 15.52 -32.84
C GLU F 35 -23.27 14.00 -32.71
N VAL F 36 -22.31 13.33 -33.34
CA VAL F 36 -22.20 11.88 -33.26
C VAL F 36 -20.79 11.51 -32.83
N ALA F 37 -19.83 12.38 -33.13
CA ALA F 37 -18.42 12.07 -32.87
C ALA F 37 -17.80 13.15 -32.00
N ASN F 38 -18.31 14.37 -32.11
CA ASN F 38 -17.87 15.48 -31.28
C ASN F 38 -18.79 15.61 -30.07
N LYS F 39 -18.19 15.88 -28.91
CA LYS F 39 -18.91 15.91 -27.65
C LYS F 39 -19.59 17.26 -27.46
N VAL F 40 -20.91 17.28 -27.58
CA VAL F 40 -21.74 18.42 -27.22
C VAL F 40 -22.87 17.91 -26.34
N GLY F 41 -23.34 18.74 -25.42
CA GLY F 41 -24.32 18.27 -24.45
C GLY F 41 -25.59 17.73 -25.08
N GLY F 42 -26.13 18.45 -26.06
CA GLY F 42 -27.29 17.98 -26.77
C GLY F 42 -26.95 17.02 -27.89
N ILE F 43 -27.98 16.37 -28.43
CA ILE F 43 -27.90 15.50 -29.60
C ILE F 43 -27.01 14.30 -29.32
N TYR F 44 -25.77 14.55 -28.91
CA TYR F 44 -24.80 13.48 -28.67
C TYR F 44 -25.33 12.48 -27.65
N THR F 45 -25.78 12.98 -26.49
CA THR F 45 -26.23 12.10 -25.43
C THR F 45 -27.47 11.32 -25.84
N VAL F 46 -28.45 11.98 -26.47
CA VAL F 46 -29.67 11.28 -26.84
C VAL F 46 -29.40 10.20 -27.87
N LEU F 47 -28.56 10.50 -28.87
CA LEU F 47 -28.23 9.47 -29.86
C LEU F 47 -27.44 8.33 -29.23
N GLN F 48 -26.48 8.65 -28.36
CA GLN F 48 -25.65 7.62 -27.75
C GLN F 48 -26.48 6.71 -26.85
N THR F 49 -27.47 7.26 -26.17
CA THR F 49 -28.35 6.45 -25.33
C THR F 49 -29.36 5.66 -26.16
N LYS F 50 -29.85 6.22 -27.26
CA LYS F 50 -30.86 5.54 -28.07
C LYS F 50 -30.28 4.41 -28.89
N ALA F 51 -29.02 4.55 -29.35
CA ALA F 51 -28.46 3.63 -30.32
C ALA F 51 -28.60 2.18 -29.89
N LYS F 52 -28.38 1.89 -28.60
CA LYS F 52 -28.41 0.50 -28.14
C LYS F 52 -29.77 -0.14 -28.39
N VAL F 53 -30.85 0.49 -27.92
CA VAL F 53 -32.16 -0.10 -28.08
C VAL F 53 -32.60 -0.06 -29.54
N THR F 54 -32.35 1.06 -30.23
CA THR F 54 -32.78 1.16 -31.62
C THR F 54 -32.03 0.22 -32.54
N GLY F 55 -30.88 -0.30 -32.11
CA GLY F 55 -30.15 -1.28 -32.89
C GLY F 55 -30.50 -2.70 -32.51
N ASP F 56 -30.70 -2.95 -31.22
CA ASP F 56 -31.06 -4.31 -30.80
C ASP F 56 -32.48 -4.67 -31.23
N GLU F 57 -33.39 -3.70 -31.28
CA GLU F 57 -34.75 -4.01 -31.70
C GLU F 57 -34.87 -4.19 -33.21
N TRP F 58 -34.03 -3.49 -33.99
CA TRP F 58 -34.14 -3.53 -35.44
C TRP F 58 -33.06 -4.38 -36.09
N GLY F 59 -31.79 -4.13 -35.77
CA GLY F 59 -30.72 -4.94 -36.32
C GLY F 59 -29.59 -4.15 -36.95
N ASP F 60 -29.01 -4.69 -38.03
CA ASP F 60 -27.87 -4.09 -38.70
C ASP F 60 -28.27 -3.10 -39.79
N ASN F 61 -29.56 -2.88 -40.00
CA ASN F 61 -30.04 -1.91 -40.97
C ASN F 61 -30.07 -0.48 -40.41
N TYR F 62 -29.36 -0.26 -39.30
CA TYR F 62 -29.34 1.04 -38.64
C TYR F 62 -28.04 1.76 -39.01
N PHE F 63 -28.17 2.97 -39.57
CA PHE F 63 -27.04 3.73 -40.06
C PHE F 63 -27.04 5.13 -39.45
N LEU F 64 -25.85 5.60 -39.08
CA LEU F 64 -25.69 6.88 -38.41
C LEU F 64 -24.73 7.76 -39.21
N VAL F 65 -25.11 9.01 -39.43
CA VAL F 65 -24.36 9.92 -40.28
C VAL F 65 -23.98 11.15 -39.47
N GLY F 66 -22.72 11.55 -39.58
CA GLY F 66 -22.23 12.71 -38.88
C GLY F 66 -20.96 13.29 -39.48
N PRO F 67 -20.48 14.39 -38.91
CA PRO F 67 -19.30 15.07 -39.47
C PRO F 67 -17.98 14.56 -38.92
N TYR F 68 -16.88 15.12 -39.43
CA TYR F 68 -15.53 14.81 -38.99
C TYR F 68 -14.85 16.09 -38.55
N THR F 69 -14.37 16.12 -37.31
CA THR F 69 -13.64 17.26 -36.79
C THR F 69 -12.30 16.77 -36.23
N GLU F 70 -11.23 17.52 -36.53
CA GLU F 70 -9.89 17.15 -36.07
C GLU F 70 -9.72 17.56 -34.61
N GLN F 71 -10.49 16.90 -33.75
CA GLN F 71 -10.47 17.16 -32.32
C GLN F 71 -10.32 15.90 -31.48
N GLY F 72 -9.97 14.77 -32.08
CA GLY F 72 -9.89 13.51 -31.38
C GLY F 72 -11.09 12.60 -31.54
N VAL F 73 -12.00 12.89 -32.48
CA VAL F 73 -13.18 12.06 -32.66
C VAL F 73 -12.81 10.66 -33.13
N ARG F 74 -11.67 10.52 -33.81
CA ARG F 74 -11.26 9.20 -34.27
C ARG F 74 -10.77 8.32 -33.13
N THR F 75 -10.45 8.89 -31.97
CA THR F 75 -10.06 8.09 -30.82
C THR F 75 -11.23 7.23 -30.33
N GLN F 76 -12.44 7.79 -30.33
CA GLN F 76 -13.63 7.08 -29.89
C GLN F 76 -14.31 6.29 -30.99
N VAL F 77 -13.84 6.39 -32.23
CA VAL F 77 -14.48 5.75 -33.38
C VAL F 77 -13.48 4.80 -34.02
N GLU F 78 -13.89 3.54 -34.20
CA GLU F 78 -13.07 2.55 -34.91
C GLU F 78 -13.42 2.64 -36.39
N LEU F 79 -12.67 3.47 -37.11
CA LEU F 79 -12.93 3.69 -38.52
C LEU F 79 -12.64 2.42 -39.33
N LEU F 80 -13.44 2.20 -40.37
CA LEU F 80 -13.26 1.06 -41.28
C LEU F 80 -13.15 1.63 -42.71
N GLU F 81 -11.94 1.99 -43.10
CA GLU F 81 -11.71 2.43 -44.47
C GLU F 81 -11.81 1.28 -45.45
N ALA F 82 -11.39 0.09 -45.06
CA ALA F 82 -11.45 -1.07 -45.93
C ALA F 82 -12.90 -1.44 -46.21
N PRO F 83 -13.18 -2.04 -47.38
CA PRO F 83 -14.56 -2.43 -47.69
C PRO F 83 -15.11 -3.40 -46.66
N THR F 84 -16.40 -3.21 -46.33
CA THR F 84 -17.08 -3.98 -45.32
C THR F 84 -18.51 -4.23 -45.78
N PRO F 85 -19.02 -5.46 -45.64
CA PRO F 85 -20.41 -5.75 -46.05
C PRO F 85 -21.42 -4.94 -45.27
N ALA F 86 -22.72 -5.16 -45.53
CA ALA F 86 -23.78 -4.31 -44.99
C ALA F 86 -23.62 -2.87 -45.50
N LEU F 87 -23.96 -2.72 -46.79
CA LEU F 87 -23.68 -1.54 -47.61
C LEU F 87 -22.17 -1.47 -47.87
N LYS F 88 -21.66 -2.47 -48.59
CA LYS F 88 -20.29 -2.46 -49.10
C LYS F 88 -20.16 -1.77 -50.45
N ARG F 89 -21.27 -1.47 -51.12
CA ARG F 89 -21.22 -0.97 -52.49
C ARG F 89 -20.77 0.48 -52.57
N THR F 90 -21.10 1.29 -51.57
CA THR F 90 -20.74 2.71 -51.62
C THR F 90 -19.24 2.92 -51.49
N LEU F 91 -18.54 2.03 -50.77
CA LEU F 91 -17.11 2.21 -50.56
C LEU F 91 -16.35 2.14 -51.88
N ASP F 92 -16.70 1.20 -52.75
CA ASP F 92 -16.09 1.09 -54.07
C ASP F 92 -16.93 1.73 -55.16
N SER F 93 -18.00 2.44 -54.79
CA SER F 93 -18.83 3.14 -55.76
C SER F 93 -18.62 4.65 -55.76
N MET F 94 -18.38 5.25 -54.59
CA MET F 94 -18.31 6.71 -54.48
C MET F 94 -17.11 7.22 -53.70
N ASN F 95 -16.52 6.42 -52.81
CA ASN F 95 -15.45 6.93 -51.95
C ASN F 95 -14.26 7.43 -52.75
N SER F 96 -13.88 6.70 -53.81
CA SER F 96 -12.78 7.12 -54.68
C SER F 96 -13.27 8.04 -55.80
N LYS F 97 -14.01 9.08 -55.42
CA LYS F 97 -14.54 10.03 -56.40
C LYS F 97 -14.40 11.49 -55.93
N GLY F 98 -13.46 11.77 -55.04
CA GLY F 98 -13.28 13.11 -54.51
C GLY F 98 -13.98 13.38 -53.20
N CYS F 99 -14.52 12.37 -52.53
CA CYS F 99 -15.19 12.51 -51.25
C CYS F 99 -14.41 11.73 -50.19
N LYS F 100 -14.99 11.64 -49.00
CA LYS F 100 -14.29 11.03 -47.86
C LYS F 100 -15.33 10.51 -46.89
N VAL F 101 -15.54 9.18 -46.87
CA VAL F 101 -16.58 8.56 -46.06
C VAL F 101 -15.96 7.37 -45.32
N TYR F 102 -16.19 7.31 -44.00
CA TYR F 102 -15.67 6.22 -43.17
C TYR F 102 -16.83 5.48 -42.51
N PHE F 103 -16.52 4.28 -42.01
CA PHE F 103 -17.48 3.44 -41.28
C PHE F 103 -16.91 3.11 -39.91
N GLY F 104 -17.73 3.31 -38.86
CA GLY F 104 -17.24 3.16 -37.51
C GLY F 104 -18.23 2.44 -36.61
N ARG F 105 -17.75 2.10 -35.40
CA ARG F 105 -18.48 1.33 -34.41
C ARG F 105 -18.81 2.13 -33.15
N TRP F 106 -18.06 3.21 -32.88
CA TRP F 106 -18.17 4.12 -31.74
C TRP F 106 -17.61 3.57 -30.43
N LEU F 107 -17.17 2.32 -30.40
CA LEU F 107 -16.75 1.66 -29.16
C LEU F 107 -17.95 1.32 -28.28
N ILE F 108 -19.15 1.77 -28.66
CA ILE F 108 -20.38 1.34 -28.00
C ILE F 108 -20.96 0.18 -28.79
N GLU F 109 -21.26 -0.92 -28.10
CA GLU F 109 -21.72 -2.15 -28.75
C GLU F 109 -23.24 -2.21 -28.84
N GLY F 110 -23.84 -1.17 -29.40
CA GLY F 110 -25.26 -1.19 -29.70
C GLY F 110 -25.50 -1.43 -31.18
N GLY F 111 -24.46 -1.92 -31.85
CA GLY F 111 -24.46 -2.06 -33.29
C GLY F 111 -24.61 -0.76 -34.05
N PRO F 112 -23.87 0.30 -33.66
CA PRO F 112 -24.01 1.59 -34.35
C PRO F 112 -23.04 1.74 -35.52
N LEU F 113 -23.39 1.14 -36.66
CA LEU F 113 -22.59 1.30 -37.87
C LEU F 113 -22.73 2.75 -38.33
N VAL F 114 -21.76 3.58 -37.98
CA VAL F 114 -21.85 5.02 -38.22
C VAL F 114 -21.12 5.36 -39.51
N VAL F 115 -21.71 6.26 -40.30
CA VAL F 115 -21.16 6.70 -41.56
C VAL F 115 -20.58 8.10 -41.30
N LEU F 116 -19.28 8.14 -41.05
CA LEU F 116 -18.60 9.39 -40.74
C LEU F 116 -18.24 10.12 -42.04
N LEU F 117 -18.47 11.43 -42.05
CA LEU F 117 -18.28 12.26 -43.22
C LEU F 117 -17.28 13.38 -42.89
N ASP F 118 -16.27 13.53 -43.74
CA ASP F 118 -15.30 14.61 -43.55
C ASP F 118 -15.87 15.92 -44.09
N VAL F 119 -15.59 17.01 -43.37
CA VAL F 119 -16.10 18.33 -43.72
C VAL F 119 -15.10 19.12 -44.54
N GLY F 120 -13.84 19.17 -44.10
CA GLY F 120 -12.83 19.92 -44.82
C GLY F 120 -12.29 19.23 -46.05
N ALA F 121 -12.53 17.92 -46.19
CA ALA F 121 -12.02 17.20 -47.36
C ALA F 121 -12.68 17.69 -48.64
N SER F 122 -13.99 17.90 -48.61
CA SER F 122 -14.75 18.34 -49.78
C SER F 122 -15.34 19.71 -49.49
N ALA F 123 -14.56 20.76 -49.75
CA ALA F 123 -15.01 22.13 -49.54
C ALA F 123 -14.55 23.06 -50.66
N TRP F 124 -14.00 22.52 -51.75
CA TRP F 124 -13.46 23.34 -52.83
C TRP F 124 -14.52 23.82 -53.81
N ALA F 125 -15.75 23.30 -53.72
CA ALA F 125 -16.81 23.64 -54.67
C ALA F 125 -18.06 24.11 -53.92
N LEU F 126 -17.86 25.03 -52.97
CA LEU F 126 -19.00 25.56 -52.23
C LEU F 126 -19.88 26.45 -53.11
N GLU F 127 -19.31 27.06 -54.15
CA GLU F 127 -20.09 27.94 -55.01
C GLU F 127 -21.17 27.16 -55.77
N ARG F 128 -20.83 25.98 -56.28
CA ARG F 128 -21.84 25.20 -56.99
C ARG F 128 -22.93 24.70 -56.06
N TRP F 129 -22.58 24.37 -54.81
CA TRP F 129 -23.60 23.96 -53.85
C TRP F 129 -24.50 25.13 -53.46
N LYS F 130 -23.93 26.34 -53.34
CA LYS F 130 -24.75 27.52 -53.11
C LYS F 130 -25.70 27.77 -54.27
N GLY F 131 -25.21 27.62 -55.50
CA GLY F 131 -26.07 27.75 -56.65
C GLY F 131 -27.17 26.70 -56.68
N GLU F 132 -26.84 25.47 -56.29
CA GLU F 132 -27.84 24.41 -56.22
C GLU F 132 -28.91 24.74 -55.18
N LEU F 133 -28.50 25.29 -54.03
CA LEU F 133 -29.46 25.72 -53.03
C LEU F 133 -30.34 26.84 -53.56
N TRP F 134 -29.75 27.79 -54.27
CA TRP F 134 -30.53 28.86 -54.88
C TRP F 134 -31.56 28.32 -55.86
N ASP F 135 -31.16 27.34 -56.67
CA ASP F 135 -32.10 26.74 -57.62
C ASP F 135 -33.21 25.98 -56.90
N THR F 136 -32.86 25.28 -55.81
CA THR F 136 -33.83 24.39 -55.17
C THR F 136 -34.79 25.13 -54.24
N CYS F 137 -34.25 25.77 -53.20
CA CYS F 137 -35.10 26.33 -52.16
C CYS F 137 -34.78 27.77 -51.77
N ASN F 138 -33.96 28.46 -52.57
CA ASN F 138 -33.61 29.87 -52.32
C ASN F 138 -33.01 30.05 -50.92
N ILE F 139 -32.28 29.04 -50.45
CA ILE F 139 -31.72 29.07 -49.10
C ILE F 139 -30.21 28.89 -49.16
N GLY F 140 -29.59 28.83 -47.99
CA GLY F 140 -28.15 28.70 -47.90
C GLY F 140 -27.68 29.23 -46.56
N VAL F 141 -26.40 29.61 -46.53
CA VAL F 141 -25.81 30.16 -45.31
C VAL F 141 -24.86 31.29 -45.67
N PRO F 142 -25.00 32.47 -45.05
CA PRO F 142 -24.03 33.53 -45.28
C PRO F 142 -22.68 33.19 -44.65
N TRP F 143 -21.64 33.78 -45.22
CA TRP F 143 -20.25 33.59 -44.83
C TRP F 143 -19.89 34.21 -43.47
N TYR F 144 -20.84 34.74 -42.70
CA TYR F 144 -20.50 35.23 -41.36
C TYR F 144 -20.18 34.11 -40.39
N ASP F 145 -20.99 33.05 -40.38
CA ASP F 145 -20.81 31.93 -39.45
C ASP F 145 -20.40 30.69 -40.22
N ARG F 146 -19.26 30.11 -39.85
CA ARG F 146 -18.78 28.91 -40.52
C ARG F 146 -19.46 27.65 -40.00
N GLU F 147 -20.10 27.72 -38.83
CA GLU F 147 -20.80 26.56 -38.29
C GLU F 147 -21.90 26.10 -39.23
N ALA F 148 -22.74 27.03 -39.68
CA ALA F 148 -23.85 26.67 -40.55
C ALA F 148 -23.37 26.30 -41.95
N ASN F 149 -22.29 26.91 -42.43
CA ASN F 149 -21.71 26.49 -43.71
C ASN F 149 -21.22 25.05 -43.63
N ASP F 150 -20.54 24.69 -42.55
CA ASP F 150 -20.12 23.30 -42.37
C ASP F 150 -21.32 22.37 -42.28
N ALA F 151 -22.38 22.82 -41.60
CA ALA F 151 -23.59 22.01 -41.51
C ALA F 151 -24.21 21.75 -42.88
N VAL F 152 -24.28 22.79 -43.72
CA VAL F 152 -24.85 22.64 -45.05
C VAL F 152 -23.98 21.75 -45.93
N LEU F 153 -22.66 21.90 -45.83
CA LEU F 153 -21.75 21.05 -46.58
C LEU F 153 -21.92 19.59 -46.17
N PHE F 154 -22.04 19.33 -44.87
CA PHE F 154 -22.27 17.98 -44.38
C PHE F 154 -23.62 17.46 -44.87
N GLY F 155 -24.62 18.32 -44.96
CA GLY F 155 -25.90 17.90 -45.51
C GLY F 155 -25.82 17.49 -46.97
N PHE F 156 -25.09 18.27 -47.77
CA PHE F 156 -24.87 17.88 -49.16
C PHE F 156 -24.17 16.53 -49.25
N LEU F 157 -23.13 16.33 -48.44
CA LEU F 157 -22.41 15.05 -48.50
C LEU F 157 -23.31 13.89 -48.07
N THR F 158 -24.13 14.10 -47.04
CA THR F 158 -25.06 13.06 -46.60
C THR F 158 -26.07 12.73 -47.70
N THR F 159 -26.59 13.74 -48.36
CA THR F 159 -27.55 13.49 -49.44
C THR F 159 -26.91 12.74 -50.59
N TRP F 160 -25.66 13.09 -50.93
CA TRP F 160 -24.96 12.34 -51.97
C TRP F 160 -24.76 10.88 -51.55
N PHE F 161 -24.37 10.64 -50.30
CA PHE F 161 -24.17 9.28 -49.84
C PHE F 161 -25.47 8.47 -49.90
N LEU F 162 -26.56 9.09 -49.46
CA LEU F 162 -27.86 8.41 -49.46
C LEU F 162 -28.33 8.10 -50.88
N GLY F 163 -28.16 9.06 -51.80
CA GLY F 163 -28.52 8.81 -53.18
C GLY F 163 -27.67 7.73 -53.83
N GLU F 164 -26.37 7.74 -53.56
CA GLU F 164 -25.50 6.70 -54.08
C GLU F 164 -25.89 5.33 -53.53
N PHE F 165 -26.24 5.26 -52.24
CA PHE F 165 -26.68 4.00 -51.67
C PHE F 165 -27.96 3.50 -52.32
N LEU F 166 -28.92 4.40 -52.56
CA LEU F 166 -30.14 3.98 -53.24
C LEU F 166 -29.85 3.50 -54.66
N ALA F 167 -28.95 4.19 -55.37
CA ALA F 167 -28.60 3.76 -56.73
C ALA F 167 -27.95 2.39 -56.73
N GLN F 168 -27.05 2.13 -55.76
CA GLN F 168 -26.34 0.86 -55.72
C GLN F 168 -27.24 -0.28 -55.27
N SER F 169 -28.21 -0.01 -54.39
CA SER F 169 -29.04 -1.06 -53.82
C SER F 169 -30.26 -1.38 -54.67
N GLU F 170 -30.40 -0.76 -55.84
CA GLU F 170 -31.51 -0.99 -56.76
C GLU F 170 -32.85 -0.64 -56.15
N GLU F 171 -32.86 0.20 -55.10
CA GLU F 171 -34.06 0.67 -54.43
C GLU F 171 -34.93 -0.48 -53.91
N LYS F 172 -34.31 -1.62 -53.58
CA LYS F 172 -35.07 -2.74 -53.04
C LYS F 172 -35.73 -2.43 -51.70
N PRO F 173 -35.04 -1.86 -50.70
CA PRO F 173 -35.72 -1.49 -49.46
C PRO F 173 -36.19 -0.03 -49.49
N HIS F 174 -37.08 0.28 -48.56
CA HIS F 174 -37.60 1.62 -48.39
C HIS F 174 -37.05 2.15 -47.06
N VAL F 175 -35.86 2.75 -47.12
CA VAL F 175 -35.18 3.20 -45.91
C VAL F 175 -35.84 4.48 -45.40
N VAL F 176 -35.75 4.69 -44.09
CA VAL F 176 -36.33 5.84 -43.42
C VAL F 176 -35.20 6.78 -43.01
N ALA F 177 -35.29 8.04 -43.40
CA ALA F 177 -34.29 9.04 -43.08
C ALA F 177 -34.84 9.94 -41.97
N HIS F 178 -34.11 10.03 -40.86
CA HIS F 178 -34.49 10.83 -39.71
C HIS F 178 -33.43 11.90 -39.46
N PHE F 179 -33.88 13.11 -39.14
CA PHE F 179 -33.04 14.28 -39.05
C PHE F 179 -33.19 14.93 -37.68
N HIS F 180 -32.08 15.44 -37.14
CA HIS F 180 -32.05 16.10 -35.85
C HIS F 180 -31.50 17.51 -36.00
N GLU F 181 -32.22 18.49 -35.45
CA GLU F 181 -31.76 19.88 -35.37
C GLU F 181 -31.60 20.52 -36.74
N TRP F 182 -31.29 21.81 -36.76
CA TRP F 182 -31.05 22.53 -38.02
C TRP F 182 -29.66 22.31 -38.57
N LEU F 183 -28.74 21.75 -37.78
CA LEU F 183 -27.41 21.43 -38.29
C LEU F 183 -27.44 20.29 -39.30
N ALA F 184 -28.56 19.58 -39.43
CA ALA F 184 -28.73 18.54 -40.43
C ALA F 184 -30.10 18.67 -41.11
N GLY F 185 -30.63 19.88 -41.21
CA GLY F 185 -31.95 20.10 -41.77
C GLY F 185 -31.99 20.39 -43.26
N VAL F 186 -30.85 20.71 -43.87
CA VAL F 186 -30.82 20.91 -45.31
C VAL F 186 -31.05 19.62 -46.06
N GLY F 187 -30.87 18.47 -45.39
CA GLY F 187 -31.16 17.20 -46.02
C GLY F 187 -32.60 17.05 -46.44
N LEU F 188 -33.53 17.62 -45.67
CA LEU F 188 -34.94 17.55 -46.03
C LEU F 188 -35.19 18.17 -47.39
N CYS F 189 -34.77 19.43 -47.57
CA CYS F 189 -35.02 20.11 -48.84
C CYS F 189 -34.21 19.50 -49.97
N LEU F 190 -32.98 19.06 -49.69
CA LEU F 190 -32.18 18.43 -50.73
C LEU F 190 -32.80 17.13 -51.23
N CYS F 191 -33.36 16.33 -50.32
CA CYS F 191 -34.02 15.10 -50.74
C CYS F 191 -35.38 15.37 -51.39
N ARG F 192 -36.10 16.40 -50.94
CA ARG F 192 -37.38 16.72 -51.55
C ARG F 192 -37.20 17.26 -52.96
N ALA F 193 -36.12 18.00 -53.22
CA ALA F 193 -35.86 18.48 -54.58
C ALA F 193 -35.61 17.33 -55.54
N ARG F 194 -34.88 16.31 -55.09
CA ARG F 194 -34.55 15.16 -55.93
C ARG F 194 -35.63 14.07 -55.89
N ARG F 195 -36.65 14.24 -55.05
CA ARG F 195 -37.78 13.30 -54.99
C ARG F 195 -37.33 11.87 -54.70
N LEU F 196 -36.36 11.73 -53.81
CA LEU F 196 -35.88 10.40 -53.43
C LEU F 196 -36.97 9.67 -52.64
N PRO F 197 -37.30 8.43 -53.01
CA PRO F 197 -38.38 7.69 -52.32
C PRO F 197 -37.98 7.18 -50.94
N VAL F 198 -37.97 8.09 -49.97
CA VAL F 198 -37.63 7.77 -48.59
C VAL F 198 -38.67 8.40 -47.67
N ALA F 199 -38.80 7.82 -46.48
CA ALA F 199 -39.70 8.33 -45.46
C ALA F 199 -38.95 9.32 -44.59
N THR F 200 -39.39 10.57 -44.61
CA THR F 200 -38.66 11.66 -43.96
C THR F 200 -39.28 11.95 -42.59
N ILE F 201 -38.45 11.88 -41.55
CA ILE F 201 -38.83 12.27 -40.21
C ILE F 201 -37.87 13.34 -39.73
N PHE F 202 -38.40 14.42 -39.16
CA PHE F 202 -37.59 15.50 -38.61
C PHE F 202 -37.97 15.73 -37.17
N THR F 203 -36.98 15.77 -36.29
CA THR F 203 -37.20 15.96 -34.86
C THR F 203 -36.30 17.10 -34.39
N THR F 204 -36.91 18.25 -34.11
CA THR F 204 -36.17 19.39 -33.56
C THR F 204 -36.24 19.33 -32.04
N HIS F 205 -35.07 19.34 -31.40
CA HIS F 205 -34.99 19.27 -29.95
C HIS F 205 -34.89 20.64 -29.31
N ALA F 206 -34.77 21.70 -30.09
CA ALA F 206 -34.71 23.05 -29.54
C ALA F 206 -35.01 24.04 -30.66
N THR F 207 -36.10 24.78 -30.53
CA THR F 207 -36.38 25.88 -31.45
C THR F 207 -35.42 27.01 -31.09
N LEU F 208 -34.34 27.13 -31.86
CA LEU F 208 -33.27 28.06 -31.52
C LEU F 208 -33.75 29.51 -31.49
N LEU F 209 -34.78 29.83 -32.29
CA LEU F 209 -35.36 31.16 -32.23
C LEU F 209 -35.91 31.45 -30.84
N GLY F 210 -36.58 30.47 -30.24
CA GLY F 210 -37.02 30.64 -28.87
C GLY F 210 -35.86 30.85 -27.90
N ARG F 211 -34.77 30.11 -28.11
CA ARG F 211 -33.59 30.25 -27.25
C ARG F 211 -33.05 31.67 -27.32
N TYR F 212 -32.94 32.23 -28.52
CA TYR F 212 -32.33 33.54 -28.68
C TYR F 212 -33.28 34.69 -28.37
N LEU F 213 -34.59 34.47 -28.40
CA LEU F 213 -35.51 35.48 -27.84
C LEU F 213 -35.56 35.43 -26.32
N CYS F 214 -35.45 34.24 -25.72
CA CYS F 214 -35.48 34.17 -24.26
C CYS F 214 -34.24 34.78 -23.62
N ALA F 215 -33.16 34.96 -24.38
CA ALA F 215 -31.98 35.66 -23.90
C ALA F 215 -31.99 37.13 -24.25
N GLY F 216 -33.05 37.63 -24.88
CA GLY F 216 -33.12 39.01 -25.31
C GLY F 216 -33.80 39.93 -24.30
N ALA F 217 -33.89 39.47 -23.05
CA ALA F 217 -34.49 40.24 -21.97
C ALA F 217 -35.94 40.64 -22.29
N VAL F 218 -36.67 39.70 -22.89
CA VAL F 218 -38.07 39.91 -23.24
C VAL F 218 -38.86 38.67 -22.80
N ASP F 219 -40.06 38.89 -22.27
CA ASP F 219 -40.90 37.78 -21.85
C ASP F 219 -41.29 36.94 -23.05
N PHE F 220 -41.35 35.62 -22.84
CA PHE F 220 -41.54 34.69 -23.94
C PHE F 220 -42.70 33.73 -23.68
N TYR F 221 -42.99 33.48 -22.40
CA TYR F 221 -44.01 32.50 -22.04
C TYR F 221 -45.38 33.11 -21.77
N ASN F 222 -45.46 34.41 -21.49
CA ASN F 222 -46.76 35.05 -21.28
C ASN F 222 -47.59 35.01 -22.56
N ASN F 223 -46.98 35.29 -23.70
CA ASN F 223 -47.64 35.21 -24.99
C ASN F 223 -46.74 34.49 -25.98
N LEU F 224 -47.35 33.82 -26.95
CA LEU F 224 -46.60 33.14 -28.00
C LEU F 224 -47.17 33.47 -29.38
N GLU F 225 -48.45 33.82 -29.43
CA GLU F 225 -49.12 34.13 -30.68
C GLU F 225 -48.90 35.58 -31.13
N ASN F 226 -48.29 36.42 -30.30
CA ASN F 226 -48.06 37.81 -30.64
C ASN F 226 -46.68 38.05 -31.24
N PHE F 227 -45.88 37.01 -31.44
CA PHE F 227 -44.54 37.17 -31.99
C PHE F 227 -44.61 37.30 -33.51
N ASN F 228 -43.77 38.17 -34.06
CA ASN F 228 -43.59 38.32 -35.49
C ASN F 228 -42.26 37.66 -35.83
N VAL F 229 -42.32 36.49 -36.48
CA VAL F 229 -41.12 35.69 -36.69
C VAL F 229 -40.16 36.38 -37.66
N ASP F 230 -40.67 36.95 -38.75
CA ASP F 230 -39.79 37.54 -39.76
C ASP F 230 -39.11 38.80 -39.24
N LYS F 231 -39.85 39.61 -38.48
CA LYS F 231 -39.26 40.82 -37.91
C LYS F 231 -38.14 40.48 -36.91
N GLU F 232 -38.37 39.46 -36.08
CA GLU F 232 -37.37 39.09 -35.08
C GLU F 232 -36.17 38.41 -35.73
N ALA F 233 -36.39 37.64 -36.79
CA ALA F 233 -35.31 36.93 -37.47
C ALA F 233 -34.48 37.93 -38.27
N GLY F 234 -33.21 38.06 -37.91
CA GLY F 234 -32.29 38.89 -38.68
C GLY F 234 -31.61 39.97 -37.87
N GLU F 235 -32.35 40.64 -36.99
CA GLU F 235 -31.72 41.55 -36.04
C GLU F 235 -30.85 40.78 -35.07
N ARG F 236 -31.32 39.61 -34.63
CA ARG F 236 -30.51 38.66 -33.89
C ARG F 236 -30.03 37.52 -34.78
N GLN F 237 -30.16 37.67 -36.10
CA GLN F 237 -29.93 36.64 -37.11
C GLN F 237 -31.05 35.59 -37.05
N ILE F 238 -30.71 34.32 -37.27
CA ILE F 238 -31.65 33.20 -37.37
C ILE F 238 -32.72 33.53 -38.40
N TYR F 239 -32.32 34.04 -39.56
CA TYR F 239 -33.30 34.18 -40.64
C TYR F 239 -33.20 33.01 -41.63
N HIS F 240 -32.01 32.78 -42.17
CA HIS F 240 -31.82 31.61 -43.02
C HIS F 240 -32.05 30.33 -42.24
N ARG F 241 -31.60 30.29 -40.98
CA ARG F 241 -31.81 29.11 -40.14
C ARG F 241 -33.30 28.88 -39.90
N TYR F 242 -34.04 29.95 -39.59
CA TYR F 242 -35.49 29.82 -39.40
C TYR F 242 -36.18 29.37 -40.67
N CYS F 243 -35.79 29.94 -41.82
CA CYS F 243 -36.43 29.58 -43.08
C CYS F 243 -36.18 28.11 -43.41
N MET F 244 -34.95 27.64 -43.24
CA MET F 244 -34.68 26.24 -43.58
C MET F 244 -35.32 25.31 -42.56
N GLU F 245 -35.39 25.71 -41.29
CA GLU F 245 -36.08 24.91 -40.29
C GLU F 245 -37.56 24.74 -40.63
N ARG F 246 -38.22 25.85 -41.00
CA ARG F 246 -39.64 25.77 -41.31
C ARG F 246 -39.87 25.03 -42.62
N ALA F 247 -38.96 25.19 -43.59
CA ALA F 247 -39.07 24.42 -44.83
C ALA F 247 -38.94 22.93 -44.57
N ALA F 248 -38.00 22.54 -43.71
CA ALA F 248 -37.86 21.14 -43.34
C ALA F 248 -39.09 20.63 -42.61
N ALA F 249 -39.64 21.44 -41.70
CA ALA F 249 -40.83 21.04 -40.96
C ALA F 249 -42.02 20.84 -41.90
N HIS F 250 -42.18 21.74 -42.87
CA HIS F 250 -43.30 21.62 -43.82
C HIS F 250 -43.11 20.42 -44.75
N CYS F 251 -41.90 20.25 -45.29
CA CYS F 251 -41.66 19.21 -46.28
C CYS F 251 -41.45 17.83 -45.68
N ALA F 252 -41.10 17.75 -44.39
CA ALA F 252 -40.92 16.45 -43.76
C ALA F 252 -42.25 15.72 -43.66
N HIS F 253 -42.22 14.42 -43.97
CA HIS F 253 -43.43 13.61 -43.88
C HIS F 253 -43.91 13.51 -42.42
N VAL F 254 -42.98 13.34 -41.48
CA VAL F 254 -43.31 13.26 -40.07
C VAL F 254 -42.49 14.29 -39.32
N PHE F 255 -43.18 15.14 -38.56
CA PHE F 255 -42.50 16.17 -37.74
C PHE F 255 -42.65 15.76 -36.28
N THR F 256 -41.62 15.97 -35.47
CA THR F 256 -41.66 15.50 -34.05
C THR F 256 -40.91 16.53 -33.19
N THR F 257 -41.24 16.58 -31.89
CA THR F 257 -40.52 17.50 -30.96
C THR F 257 -40.23 16.77 -29.65
N VAL F 258 -39.38 17.35 -28.80
CA VAL F 258 -38.99 16.64 -27.53
C VAL F 258 -40.16 16.55 -26.54
N SER F 259 -40.62 17.66 -25.97
CA SER F 259 -41.65 17.57 -24.91
C SER F 259 -42.99 18.12 -25.43
N GLN F 260 -44.03 18.06 -24.59
CA GLN F 260 -45.35 18.62 -24.98
C GLN F 260 -45.20 20.14 -25.07
N ILE F 261 -44.41 20.73 -24.17
CA ILE F 261 -44.17 22.20 -24.18
C ILE F 261 -43.44 22.57 -25.48
N THR F 262 -42.59 21.67 -25.99
CA THR F 262 -41.87 21.94 -27.26
C THR F 262 -42.87 22.03 -28.41
N ALA F 263 -43.78 21.08 -28.51
CA ALA F 263 -44.82 21.08 -29.54
C ALA F 263 -45.63 22.37 -29.48
N ILE F 264 -45.80 22.94 -28.29
CA ILE F 264 -46.59 24.15 -28.13
C ILE F 264 -45.95 25.30 -28.88
N GLU F 265 -44.64 25.51 -28.71
CA GLU F 265 -44.07 26.61 -29.48
C GLU F 265 -43.84 26.22 -30.92
N ALA F 266 -43.70 24.92 -31.20
CA ALA F 266 -43.51 24.47 -32.57
C ALA F 266 -44.74 24.76 -33.43
N GLN F 267 -45.93 24.44 -32.93
CA GLN F 267 -47.14 24.70 -33.70
C GLN F 267 -47.52 26.17 -33.73
N HIS F 268 -47.09 26.94 -32.73
CA HIS F 268 -47.42 28.36 -32.66
C HIS F 268 -46.40 29.26 -33.34
N LEU F 269 -45.22 28.74 -33.68
CA LEU F 269 -44.18 29.52 -34.32
C LEU F 269 -43.79 28.97 -35.68
N LEU F 270 -43.53 27.67 -35.78
CA LEU F 270 -43.22 27.06 -37.07
C LEU F 270 -44.46 26.72 -37.88
N LYS F 271 -45.65 26.84 -37.27
CA LYS F 271 -46.92 26.56 -37.95
C LYS F 271 -46.95 25.15 -38.54
N ARG F 272 -46.40 24.20 -37.79
CA ARG F 272 -46.40 22.79 -38.19
C ARG F 272 -46.49 21.96 -36.92
N LYS F 273 -47.70 21.52 -36.59
CA LYS F 273 -47.91 20.77 -35.36
C LYS F 273 -47.23 19.40 -35.47
N PRO F 274 -46.38 19.04 -34.51
CA PRO F 274 -45.73 17.73 -34.57
C PRO F 274 -46.75 16.59 -34.58
N ASP F 275 -46.41 15.53 -35.32
CA ASP F 275 -47.30 14.38 -35.39
C ASP F 275 -47.47 13.71 -34.03
N ILE F 276 -46.39 13.57 -33.28
CA ILE F 276 -46.45 12.91 -31.98
C ILE F 276 -45.31 13.46 -31.12
N VAL F 277 -45.52 13.45 -29.80
CA VAL F 277 -44.49 13.88 -28.86
C VAL F 277 -43.55 12.71 -28.60
N THR F 278 -42.25 13.02 -28.54
CA THR F 278 -41.21 12.01 -28.38
C THR F 278 -40.31 12.40 -27.21
N PRO F 279 -40.68 12.05 -25.98
CA PRO F 279 -39.84 12.39 -24.83
C PRO F 279 -38.47 11.71 -24.91
N ASN F 280 -37.47 12.41 -24.38
CA ASN F 280 -36.10 11.93 -24.43
C ASN F 280 -35.83 11.00 -23.26
N GLY F 281 -35.27 9.82 -23.56
CA GLY F 281 -34.96 8.83 -22.57
C GLY F 281 -33.47 8.72 -22.28
N LEU F 282 -33.13 7.71 -21.49
CA LEU F 282 -31.75 7.45 -21.10
C LEU F 282 -31.53 5.95 -20.98
N ASN F 283 -30.28 5.54 -21.15
CA ASN F 283 -29.88 4.14 -20.94
C ASN F 283 -29.47 4.00 -19.48
N VAL F 284 -30.44 3.60 -18.64
CA VAL F 284 -30.16 3.45 -17.22
C VAL F 284 -29.23 2.26 -17.01
N LYS F 285 -28.26 2.43 -16.12
CA LYS F 285 -27.31 1.36 -15.79
C LYS F 285 -27.87 0.60 -14.60
N LYS F 286 -28.48 -0.56 -14.86
CA LYS F 286 -29.06 -1.37 -13.80
C LYS F 286 -27.96 -2.15 -13.10
N PHE F 287 -28.01 -2.18 -11.78
CA PHE F 287 -27.05 -2.92 -10.96
C PHE F 287 -27.73 -4.12 -10.32
N SER F 288 -26.92 -5.12 -9.97
CA SER F 288 -27.45 -6.33 -9.36
C SER F 288 -28.07 -6.07 -8.00
N ALA F 289 -27.75 -4.94 -7.36
CA ALA F 289 -28.34 -4.57 -6.09
C ALA F 289 -28.96 -3.18 -6.20
N MET F 290 -30.04 -2.97 -5.44
CA MET F 290 -30.76 -1.70 -5.52
C MET F 290 -29.95 -0.54 -4.97
N HIS F 291 -29.09 -0.80 -3.99
CA HIS F 291 -28.40 0.24 -3.25
C HIS F 291 -27.02 0.58 -3.79
N GLU F 292 -26.63 0.00 -4.93
CA GLU F 292 -25.28 0.23 -5.44
C GLU F 292 -25.05 1.69 -5.80
N PHE F 293 -26.09 2.39 -6.22
CA PHE F 293 -25.94 3.82 -6.51
C PHE F 293 -25.61 4.59 -5.24
N GLN F 294 -26.06 4.12 -4.08
CA GLN F 294 -25.66 4.74 -2.82
C GLN F 294 -24.17 4.58 -2.57
N ASN F 295 -23.62 3.39 -2.84
CA ASN F 295 -22.18 3.18 -2.69
C ASN F 295 -21.39 4.04 -3.67
N LEU F 296 -21.87 4.13 -4.91
CA LEU F 296 -21.22 5.00 -5.89
C LEU F 296 -21.24 6.46 -5.42
N HIS F 297 -22.38 6.89 -4.86
CA HIS F 297 -22.46 8.23 -4.30
C HIS F 297 -21.46 8.42 -3.16
N ALA F 298 -21.31 7.42 -2.30
CA ALA F 298 -20.37 7.52 -1.20
C ALA F 298 -18.93 7.68 -1.70
N GLN F 299 -18.54 6.84 -2.66
CA GLN F 299 -17.18 6.92 -3.19
C GLN F 299 -16.93 8.25 -3.89
N SER F 300 -17.88 8.68 -4.70
CA SER F 300 -17.72 9.93 -5.44
C SER F 300 -17.71 11.13 -4.50
N LYS F 301 -18.53 11.09 -3.44
CA LYS F 301 -18.49 12.14 -2.43
C LYS F 301 -17.17 12.14 -1.67
N ALA F 302 -16.58 10.97 -1.46
CA ALA F 302 -15.24 10.93 -0.87
C ALA F 302 -14.23 11.63 -1.77
N ARG F 303 -14.31 11.38 -3.08
CA ARG F 303 -13.40 12.06 -4.01
C ARG F 303 -13.63 13.57 -4.01
N ILE F 304 -14.90 13.99 -3.97
CA ILE F 304 -15.20 15.43 -3.90
C ILE F 304 -14.70 16.01 -2.59
N GLN F 305 -14.76 15.23 -1.50
CA GLN F 305 -14.23 15.69 -0.23
C GLN F 305 -12.73 15.87 -0.29
N GLU F 306 -12.03 14.97 -0.98
CA GLU F 306 -10.60 15.15 -1.19
C GLU F 306 -10.32 16.43 -1.97
N PHE F 307 -11.10 16.69 -3.02
CA PHE F 307 -10.93 17.93 -3.77
C PHE F 307 -11.19 19.15 -2.89
N VAL F 308 -12.21 19.09 -2.03
CA VAL F 308 -12.54 20.21 -1.17
C VAL F 308 -11.44 20.45 -0.14
N ARG F 309 -10.91 19.38 0.44
CA ARG F 309 -9.78 19.51 1.36
C ARG F 309 -8.59 20.15 0.65
N GLY F 310 -8.36 19.77 -0.61
CA GLY F 310 -7.30 20.42 -1.37
C GLY F 310 -7.55 21.91 -1.58
N HIS F 311 -8.78 22.25 -1.97
CA HIS F 311 -9.09 23.64 -2.28
C HIS F 311 -9.10 24.51 -1.03
N PHE F 312 -9.72 24.03 0.04
CA PHE F 312 -9.80 24.78 1.30
C PHE F 312 -8.71 24.29 2.26
N TYR F 313 -7.47 24.54 1.88
CA TYR F 313 -6.34 24.19 2.74
C TYR F 313 -5.98 25.40 3.62
N GLY F 314 -5.77 25.13 4.90
CA GLY F 314 -5.60 26.20 5.86
C GLY F 314 -6.88 26.88 6.26
N HIS F 315 -8.04 26.40 5.79
CA HIS F 315 -9.33 26.98 6.10
C HIS F 315 -10.37 25.91 6.37
N LEU F 316 -9.94 24.73 6.84
CA LEU F 316 -10.86 23.64 7.15
C LEU F 316 -11.45 23.82 8.56
N ASP F 317 -12.13 24.95 8.74
CA ASP F 317 -12.75 25.29 10.01
C ASP F 317 -14.21 24.84 10.10
N PHE F 318 -14.72 24.15 9.09
CA PHE F 318 -16.10 23.67 9.08
C PHE F 318 -16.11 22.15 9.01
N ASN F 319 -17.08 21.55 9.69
CA ASN F 319 -17.24 20.09 9.65
C ASN F 319 -17.55 19.64 8.24
N LEU F 320 -16.86 18.59 7.79
CA LEU F 320 -17.09 18.05 6.45
C LEU F 320 -18.23 17.03 6.43
N ASP F 321 -18.66 16.53 7.58
CA ASP F 321 -19.84 15.66 7.63
C ASP F 321 -21.14 16.45 7.51
N LYS F 322 -21.09 17.76 7.75
CA LYS F 322 -22.25 18.63 7.58
C LYS F 322 -22.18 19.42 6.27
N THR F 323 -21.44 18.92 5.29
CA THR F 323 -21.24 19.61 4.03
C THR F 323 -22.10 18.96 2.95
N LEU F 324 -22.88 19.78 2.25
CA LEU F 324 -23.73 19.33 1.16
C LEU F 324 -23.24 19.95 -0.15
N TYR F 325 -23.20 19.13 -1.20
CA TYR F 325 -22.65 19.53 -2.48
C TYR F 325 -23.80 19.75 -3.47
N PHE F 326 -24.08 21.01 -3.77
CA PHE F 326 -25.01 21.39 -4.82
C PHE F 326 -24.22 21.72 -6.09
N PHE F 327 -24.88 21.61 -7.23
CA PHE F 327 -24.21 21.90 -8.48
C PHE F 327 -25.23 22.26 -9.55
N ILE F 328 -24.79 23.06 -10.51
CA ILE F 328 -25.56 23.35 -11.71
C ILE F 328 -24.62 23.20 -12.90
N ALA F 329 -24.98 22.31 -13.82
CA ALA F 329 -24.12 21.96 -14.93
C ALA F 329 -24.79 22.34 -16.25
N GLY F 330 -24.14 21.97 -17.35
CA GLY F 330 -24.63 22.27 -18.68
C GLY F 330 -23.85 23.38 -19.33
N ARG F 331 -24.33 23.79 -20.50
CA ARG F 331 -23.69 24.85 -21.26
C ARG F 331 -23.81 26.19 -20.52
N TYR F 332 -22.88 27.09 -20.84
CA TYR F 332 -22.76 28.37 -20.14
C TYR F 332 -23.80 29.34 -20.68
N GLU F 333 -25.04 29.15 -20.23
CA GLU F 333 -26.12 30.11 -20.43
C GLU F 333 -26.53 30.65 -19.07
N PHE F 334 -26.42 31.96 -18.89
CA PHE F 334 -26.69 32.54 -17.57
C PHE F 334 -28.19 32.60 -17.27
N SER F 335 -28.94 33.34 -18.10
CA SER F 335 -30.36 33.53 -17.85
C SER F 335 -31.22 32.37 -18.35
N ASN F 336 -30.66 31.46 -19.16
CA ASN F 336 -31.44 30.34 -19.68
C ASN F 336 -31.30 29.09 -18.82
N LYS F 337 -30.10 28.78 -18.36
CA LYS F 337 -29.89 27.64 -17.47
C LYS F 337 -30.22 27.95 -16.02
N GLY F 338 -30.54 29.20 -15.71
CA GLY F 338 -30.92 29.57 -14.35
C GLY F 338 -29.75 29.61 -13.38
N ALA F 339 -28.74 30.42 -13.68
CA ALA F 339 -27.60 30.57 -12.79
C ALA F 339 -27.70 31.80 -11.91
N ASP F 340 -28.38 32.86 -12.36
CA ASP F 340 -28.55 34.04 -11.54
C ASP F 340 -29.48 33.75 -10.34
N VAL F 341 -30.60 33.07 -10.60
CA VAL F 341 -31.52 32.76 -9.52
C VAL F 341 -30.89 31.78 -8.54
N PHE F 342 -30.09 30.84 -9.05
CA PHE F 342 -29.39 29.91 -8.15
C PHE F 342 -28.41 30.65 -7.25
N LEU F 343 -27.70 31.64 -7.79
CA LEU F 343 -26.74 32.38 -6.98
C LEU F 343 -27.45 33.27 -5.96
N GLU F 344 -28.56 33.89 -6.35
CA GLU F 344 -29.34 34.66 -5.38
C GLU F 344 -29.86 33.77 -4.26
N ALA F 345 -30.34 32.57 -4.61
CA ALA F 345 -30.81 31.64 -3.60
C ALA F 345 -29.66 31.16 -2.72
N LEU F 346 -28.47 30.99 -3.30
CA LEU F 346 -27.31 30.61 -2.49
C LEU F 346 -26.96 31.69 -1.50
N ALA F 347 -26.97 32.96 -1.93
CA ALA F 347 -26.69 34.05 -1.00
C ALA F 347 -27.73 34.12 0.12
N ARG F 348 -29.01 33.98 -0.24
CA ARG F 348 -30.05 34.01 0.77
C ARG F 348 -29.93 32.84 1.75
N LEU F 349 -29.65 31.64 1.23
CA LEU F 349 -29.47 30.49 2.10
C LEU F 349 -28.27 30.65 3.01
N ASN F 350 -27.20 31.28 2.50
CA ASN F 350 -26.06 31.59 3.34
C ASN F 350 -26.46 32.54 4.47
N TYR F 351 -27.28 33.54 4.15
CA TYR F 351 -27.72 34.47 5.19
C TYR F 351 -28.54 33.76 6.26
N LEU F 352 -29.49 32.92 5.84
CA LEU F 352 -30.29 32.18 6.82
C LEU F 352 -29.43 31.21 7.64
N LEU F 353 -28.49 30.53 7.01
CA LEU F 353 -27.63 29.61 7.76
C LEU F 353 -26.74 30.35 8.74
N ARG F 354 -26.31 31.58 8.40
CA ARG F 354 -25.51 32.37 9.32
C ARG F 354 -26.35 32.86 10.49
N VAL F 355 -27.55 33.39 10.21
CA VAL F 355 -28.37 33.94 11.29
C VAL F 355 -29.02 32.86 12.12
N ASN F 356 -29.06 31.62 11.64
CA ASN F 356 -29.65 30.52 12.38
C ASN F 356 -28.65 29.78 13.26
N GLY F 357 -27.36 30.13 13.17
CA GLY F 357 -26.34 29.47 13.96
C GLY F 357 -26.21 28.00 13.62
N SER F 358 -26.18 27.68 12.33
CA SER F 358 -26.18 26.31 11.86
C SER F 358 -24.75 25.83 11.61
N GLU F 359 -24.51 24.56 11.93
CA GLU F 359 -23.24 23.91 11.63
C GLU F 359 -23.18 23.37 10.20
N GLN F 360 -24.31 23.34 9.50
CA GLN F 360 -24.32 22.88 8.12
C GLN F 360 -23.62 23.87 7.22
N THR F 361 -22.85 23.35 6.26
CA THR F 361 -22.23 24.16 5.22
C THR F 361 -22.55 23.54 3.86
N VAL F 362 -22.61 24.37 2.84
CA VAL F 362 -23.00 23.94 1.50
C VAL F 362 -21.94 24.40 0.52
N VAL F 363 -21.38 23.45 -0.23
CA VAL F 363 -20.44 23.75 -1.30
C VAL F 363 -21.18 23.62 -2.62
N ALA F 364 -21.28 24.72 -3.34
CA ALA F 364 -22.03 24.78 -4.60
C ALA F 364 -21.06 24.85 -5.77
N PHE F 365 -21.16 23.89 -6.67
CA PHE F 365 -20.32 23.83 -7.86
C PHE F 365 -21.05 24.46 -9.05
N PHE F 366 -20.27 25.03 -9.95
CA PHE F 366 -20.79 25.65 -11.16
C PHE F 366 -19.98 25.11 -12.34
N ILE F 367 -20.53 24.10 -13.02
CA ILE F 367 -19.85 23.48 -14.17
C ILE F 367 -20.46 24.12 -15.41
N MET F 368 -19.86 25.23 -15.83
CA MET F 368 -20.27 25.93 -17.05
C MET F 368 -19.03 26.30 -17.86
N PRO F 369 -18.83 25.70 -19.03
CA PRO F 369 -17.58 25.93 -19.78
C PRO F 369 -17.48 27.37 -20.27
N ALA F 370 -16.47 28.08 -19.77
CA ALA F 370 -16.05 29.35 -20.31
C ALA F 370 -14.59 29.24 -20.70
N ARG F 371 -14.18 29.94 -21.74
CA ARG F 371 -12.80 29.82 -22.21
C ARG F 371 -11.84 30.32 -21.14
N THR F 372 -10.83 29.53 -20.85
CA THR F 372 -9.78 29.89 -19.93
C THR F 372 -8.44 29.78 -20.65
N ASN F 373 -7.36 29.98 -19.91
CA ASN F 373 -6.02 29.71 -20.44
C ASN F 373 -5.35 28.53 -19.78
N ASN F 374 -5.49 28.41 -18.46
CA ASN F 374 -5.05 27.25 -17.68
C ASN F 374 -5.64 27.41 -16.28
N PHE F 375 -5.23 26.53 -15.36
CA PHE F 375 -5.60 26.69 -13.97
C PHE F 375 -4.86 27.89 -13.37
N ASN F 376 -5.36 28.34 -12.22
CA ASN F 376 -4.63 29.34 -11.46
C ASN F 376 -3.71 28.65 -10.47
N VAL F 377 -2.71 29.39 -10.00
CA VAL F 377 -1.70 28.81 -9.12
C VAL F 377 -2.32 28.36 -7.81
N GLU F 378 -3.35 29.06 -7.33
CA GLU F 378 -3.89 28.77 -6.00
C GLU F 378 -4.50 27.38 -5.93
N THR F 379 -5.26 26.98 -6.95
CA THR F 379 -5.98 25.70 -6.88
C THR F 379 -5.02 24.51 -6.99
N LEU F 380 -4.10 24.56 -7.96
CA LEU F 380 -3.10 23.50 -8.09
C LEU F 380 -2.22 23.46 -6.86
N LYS F 381 -1.85 24.62 -6.33
CA LYS F 381 -1.05 24.66 -5.10
C LYS F 381 -1.82 24.05 -3.94
N GLY F 382 -3.12 24.30 -3.86
CA GLY F 382 -3.93 23.74 -2.78
C GLY F 382 -3.99 22.22 -2.85
N GLN F 383 -4.21 21.67 -4.04
CA GLN F 383 -4.16 20.22 -4.19
C GLN F 383 -2.79 19.69 -3.80
N ALA F 384 -1.72 20.41 -4.21
CA ALA F 384 -0.37 19.97 -3.91
C ALA F 384 -0.11 19.94 -2.41
N VAL F 385 -0.55 20.97 -1.68
CA VAL F 385 -0.30 20.98 -0.24
C VAL F 385 -1.17 19.96 0.46
N ARG F 386 -2.39 19.73 -0.03
CA ARG F 386 -3.24 18.69 0.54
C ARG F 386 -2.55 17.34 0.47
N LYS F 387 -2.02 17.00 -0.71
CA LYS F 387 -1.35 15.71 -0.85
C LYS F 387 0.05 15.69 -0.23
N GLN F 388 0.67 16.85 -0.03
CA GLN F 388 1.89 16.93 0.77
C GLN F 388 1.62 16.61 2.23
N LEU F 389 0.51 17.15 2.77
CA LEU F 389 0.09 16.78 4.11
C LEU F 389 -0.25 15.30 4.18
N TRP F 390 -0.88 14.78 3.13
CA TRP F 390 -1.16 13.35 3.07
C TRP F 390 0.12 12.53 3.12
N ASP F 391 1.15 12.95 2.40
CA ASP F 391 2.44 12.26 2.42
C ASP F 391 3.11 12.34 3.80
N THR F 392 3.07 13.52 4.42
CA THR F 392 3.68 13.66 5.75
C THR F 392 2.97 12.80 6.78
N ALA F 393 1.64 12.82 6.77
CA ALA F 393 0.87 11.95 7.65
C ALA F 393 1.18 10.49 7.35
N ASN F 394 1.37 10.16 6.07
CA ASN F 394 1.73 8.79 5.71
C ASN F 394 3.07 8.40 6.32
N THR F 395 4.06 9.28 6.23
CA THR F 395 5.38 8.98 6.76
C THR F 395 5.33 8.74 8.28
N VAL F 396 4.68 9.66 8.99
CA VAL F 396 4.50 9.45 10.42
C VAL F 396 3.72 8.16 10.66
N LYS F 397 2.82 7.82 9.74
CA LYS F 397 2.01 6.62 9.88
C LYS F 397 2.85 5.35 9.76
N GLU F 398 3.76 5.28 8.78
CA GLU F 398 4.62 4.09 8.70
C GLU F 398 5.55 4.01 9.89
N LYS F 399 6.11 5.14 10.33
CA LYS F 399 6.99 5.10 11.51
C LYS F 399 6.23 4.59 12.73
N PHE F 400 5.02 5.10 12.95
CA PHE F 400 4.20 4.66 14.07
C PHE F 400 3.82 3.19 13.93
N GLY F 401 3.50 2.75 12.72
CA GLY F 401 3.14 1.36 12.52
C GLY F 401 4.29 0.42 12.78
N ARG F 402 5.50 0.79 12.37
CA ARG F 402 6.66 -0.04 12.64
C ARG F 402 6.96 -0.11 14.14
N LYS F 403 6.89 1.03 14.83
CA LYS F 403 7.12 1.00 16.28
C LYS F 403 6.05 0.19 16.98
N LEU F 404 4.78 0.34 16.56
CA LEU F 404 3.69 -0.44 17.14
C LEU F 404 3.86 -1.92 16.87
N TYR F 405 4.33 -2.27 15.66
CA TYR F 405 4.57 -3.67 15.34
C TYR F 405 5.67 -4.25 16.21
N GLU F 406 6.73 -3.47 16.46
CA GLU F 406 7.77 -3.91 17.39
C GLU F 406 7.20 -4.12 18.78
N SER F 407 6.37 -3.19 19.25
CA SER F 407 5.78 -3.32 20.58
C SER F 407 4.91 -4.56 20.69
N LEU F 408 4.08 -4.81 19.68
CA LEU F 408 3.21 -5.99 19.70
C LEU F 408 4.00 -7.28 19.58
N LEU F 409 5.09 -7.27 18.81
CA LEU F 409 5.96 -8.44 18.75
C LEU F 409 6.59 -8.73 20.10
N VAL F 410 7.03 -7.69 20.80
CA VAL F 410 7.58 -7.87 22.15
C VAL F 410 6.52 -8.44 23.09
N GLY F 411 5.31 -7.91 23.01
CA GLY F 411 4.23 -8.31 23.87
C GLY F 411 3.76 -7.27 24.86
N SER F 412 4.13 -6.01 24.67
CA SER F 412 3.80 -4.94 25.60
C SER F 412 2.85 -3.96 24.93
N LEU F 413 1.78 -3.61 25.61
CA LEU F 413 0.86 -2.61 25.10
C LEU F 413 1.57 -1.25 25.02
N PRO F 414 1.38 -0.48 23.96
CA PRO F 414 2.04 0.82 23.86
C PRO F 414 1.58 1.77 24.95
N ASP F 415 2.53 2.57 25.45
CA ASP F 415 2.21 3.69 26.32
C ASP F 415 2.04 4.99 25.54
N MET F 416 2.22 4.96 24.23
CA MET F 416 1.82 5.97 23.25
C MET F 416 2.69 7.22 23.30
N ASN F 417 3.61 7.34 24.26
CA ASN F 417 4.50 8.49 24.33
C ASN F 417 5.96 8.17 24.00
N LYS F 418 6.35 6.89 23.98
CA LYS F 418 7.71 6.51 23.66
C LYS F 418 7.97 6.35 22.17
N MET F 419 6.89 6.35 21.37
CA MET F 419 7.04 6.09 19.92
C MET F 419 7.51 7.35 19.19
N LEU F 420 6.70 8.41 19.22
CA LEU F 420 7.03 9.62 18.41
C LEU F 420 8.16 10.43 19.06
N ASP F 421 9.23 10.68 18.31
CA ASP F 421 10.40 11.40 18.77
C ASP F 421 10.27 12.89 18.43
N LYS F 422 11.37 13.63 18.49
CA LYS F 422 11.32 15.06 18.23
C LYS F 422 11.33 15.38 16.74
N GLU F 423 11.94 14.53 15.92
CA GLU F 423 12.07 14.85 14.50
C GLU F 423 10.73 14.81 13.78
N ASP F 424 9.88 13.82 14.09
CA ASP F 424 8.60 13.74 13.38
C ASP F 424 7.62 14.80 13.88
N PHE F 425 7.68 15.15 15.16
CA PHE F 425 6.96 16.33 15.62
C PHE F 425 7.47 17.59 14.94
N THR F 426 8.79 17.67 14.72
CA THR F 426 9.34 18.83 14.02
C THR F 426 8.80 18.93 12.60
N MET F 427 8.74 17.82 11.88
CA MET F 427 8.25 17.88 10.51
C MET F 427 6.74 18.09 10.45
N MET F 428 5.99 17.57 11.42
CA MET F 428 4.57 17.90 11.47
C MET F 428 4.36 19.39 11.73
N LYS F 429 5.15 19.97 12.64
CA LYS F 429 5.05 21.41 12.87
C LYS F 429 5.40 22.20 11.62
N ARG F 430 6.46 21.78 10.91
CA ARG F 430 6.85 22.47 9.69
C ARG F 430 5.77 22.35 8.61
N ALA F 431 5.16 21.18 8.49
CA ALA F 431 4.07 20.99 7.53
C ALA F 431 2.87 21.86 7.88
N ILE F 432 2.51 21.92 9.16
CA ILE F 432 1.39 22.75 9.58
C ILE F 432 1.67 24.22 9.29
N PHE F 433 2.90 24.67 9.57
CA PHE F 433 3.25 26.06 9.27
C PHE F 433 3.23 26.33 7.78
N ALA F 434 3.66 25.36 6.96
CA ALA F 434 3.71 25.56 5.52
C ALA F 434 2.32 25.71 4.92
N THR F 435 1.32 25.06 5.52
CA THR F 435 -0.04 25.12 5.01
C THR F 435 -0.83 26.33 5.51
N GLN F 436 -0.23 27.15 6.37
CA GLN F 436 -0.91 28.36 6.82
C GLN F 436 -1.15 29.30 5.63
N ARG F 437 -2.36 29.85 5.57
CA ARG F 437 -2.79 30.64 4.44
C ARG F 437 -3.61 31.82 4.93
N GLN F 438 -3.34 33.00 4.38
CA GLN F 438 -4.04 34.21 4.78
C GLN F 438 -5.10 34.65 3.78
N SER F 439 -4.89 34.38 2.49
CA SER F 439 -5.89 34.71 1.48
C SER F 439 -7.01 33.66 1.48
N PHE F 440 -8.17 34.08 1.01
CA PHE F 440 -9.30 33.18 0.94
C PHE F 440 -9.19 32.26 -0.27
N PRO F 441 -9.76 31.06 -0.20
CA PRO F 441 -9.74 30.15 -1.36
C PRO F 441 -10.44 30.77 -2.54
N PRO F 442 -9.95 30.53 -3.76
CA PRO F 442 -10.55 31.16 -4.93
C PRO F 442 -11.88 30.54 -5.29
N VAL F 443 -12.70 31.33 -5.99
CA VAL F 443 -14.00 30.86 -6.45
C VAL F 443 -13.93 30.17 -7.80
N CYS F 444 -12.88 30.43 -8.58
CA CYS F 444 -12.71 29.83 -9.90
C CYS F 444 -11.43 29.00 -9.91
N THR F 445 -11.56 27.73 -10.32
CA THR F 445 -10.40 26.84 -10.34
C THR F 445 -9.47 27.12 -11.51
N HIS F 446 -9.96 27.74 -12.57
CA HIS F 446 -9.16 28.04 -13.75
C HIS F 446 -8.84 29.53 -13.81
N ASN F 447 -7.94 29.87 -14.73
CA ASN F 447 -7.57 31.27 -14.99
C ASN F 447 -8.30 31.71 -16.26
N MET F 448 -9.42 32.40 -16.07
CA MET F 448 -10.22 32.90 -17.16
C MET F 448 -9.62 34.18 -17.72
N LEU F 449 -9.69 34.34 -19.04
CA LEU F 449 -9.07 35.47 -19.69
C LEU F 449 -9.94 36.72 -19.68
N ASP F 450 -11.18 36.63 -19.23
CA ASP F 450 -12.07 37.78 -19.08
C ASP F 450 -12.88 37.66 -17.78
N ASP F 451 -12.32 38.18 -16.70
CA ASP F 451 -13.00 38.14 -15.41
C ASP F 451 -13.89 39.35 -15.18
N SER F 452 -13.59 40.49 -15.80
CA SER F 452 -14.41 41.68 -15.66
C SER F 452 -15.73 41.59 -16.43
N SER F 453 -15.89 40.59 -17.29
CA SER F 453 -17.09 40.44 -18.11
C SER F 453 -17.79 39.11 -17.92
N ASP F 454 -17.31 38.28 -16.99
CA ASP F 454 -17.96 37.00 -16.74
C ASP F 454 -19.18 37.20 -15.85
N PRO F 455 -20.38 36.83 -16.29
CA PRO F 455 -21.57 37.01 -15.44
C PRO F 455 -21.47 36.29 -14.10
N ILE F 456 -20.96 35.05 -14.08
CA ILE F 456 -20.95 34.28 -12.84
C ILE F 456 -20.05 34.92 -11.81
N LEU F 457 -18.82 35.27 -12.19
CA LEU F 457 -17.91 35.89 -11.24
C LEU F 457 -18.39 37.27 -10.83
N THR F 458 -18.99 38.01 -11.77
CA THR F 458 -19.54 39.32 -11.45
C THR F 458 -20.60 39.23 -10.37
N THR F 459 -21.58 38.34 -10.55
CA THR F 459 -22.64 38.25 -9.55
C THR F 459 -22.13 37.62 -8.26
N ILE F 460 -21.12 36.75 -8.34
CA ILE F 460 -20.55 36.17 -7.11
C ILE F 460 -19.90 37.25 -6.28
N ARG F 461 -19.09 38.11 -6.90
CA ARG F 461 -18.47 39.21 -6.16
C ARG F 461 -19.48 40.28 -5.78
N ARG F 462 -20.62 40.36 -6.48
CA ARG F 462 -21.65 41.30 -6.11
C ARG F 462 -22.40 40.85 -4.86
N ILE F 463 -22.70 39.55 -4.75
CA ILE F 463 -23.50 39.05 -3.64
C ILE F 463 -22.60 38.78 -2.43
N GLY F 464 -21.33 39.14 -2.54
CA GLY F 464 -20.40 39.04 -1.42
C GLY F 464 -20.13 37.63 -0.94
N LEU F 465 -19.79 36.73 -1.87
CA LEU F 465 -19.45 35.36 -1.55
C LEU F 465 -18.01 35.10 -1.97
N PHE F 466 -17.13 34.88 -0.99
CA PHE F 466 -15.71 34.70 -1.27
C PHE F 466 -15.11 33.54 -0.48
N ASN F 467 -15.92 32.53 -0.16
CA ASN F 467 -15.47 31.34 0.56
C ASN F 467 -14.85 31.70 1.92
N SER F 468 -15.36 32.75 2.55
CA SER F 468 -14.81 33.22 3.81
C SER F 468 -15.08 32.21 4.93
N SER F 469 -14.45 32.45 6.08
CA SER F 469 -14.68 31.60 7.24
C SER F 469 -16.10 31.75 7.76
N ALA F 470 -16.64 32.97 7.73
CA ALA F 470 -18.00 33.20 8.20
C ALA F 470 -19.04 32.70 7.21
N ASP F 471 -18.69 32.66 5.93
CA ASP F 471 -19.64 32.20 4.91
C ASP F 471 -20.04 30.75 5.16
N ARG F 472 -21.35 30.49 5.16
CA ARG F 472 -21.87 29.15 5.31
C ARG F 472 -21.98 28.40 3.98
N VAL F 473 -21.91 29.10 2.86
CA VAL F 473 -21.88 28.49 1.54
C VAL F 473 -20.60 28.88 0.85
N LYS F 474 -19.99 27.93 0.15
CA LYS F 474 -18.73 28.12 -0.57
C LYS F 474 -18.97 27.79 -2.03
N VAL F 475 -18.66 28.73 -2.92
CA VAL F 475 -18.92 28.58 -4.34
C VAL F 475 -17.63 28.20 -5.05
N ILE F 476 -17.70 27.17 -5.89
CA ILE F 476 -16.58 26.73 -6.70
C ILE F 476 -17.03 26.74 -8.16
N PHE F 477 -16.44 27.61 -8.96
CA PHE F 477 -16.75 27.71 -10.38
C PHE F 477 -15.68 26.95 -11.17
N HIS F 478 -16.09 25.89 -11.85
CA HIS F 478 -15.17 25.06 -12.63
C HIS F 478 -15.47 25.25 -14.10
N PRO F 479 -14.91 26.29 -14.73
CA PRO F 479 -15.32 26.62 -16.11
C PRO F 479 -14.80 25.64 -17.15
N GLU F 480 -15.22 24.38 -17.04
CA GLU F 480 -14.80 23.34 -17.97
C GLU F 480 -15.63 22.09 -17.69
N PHE F 481 -15.85 21.31 -18.75
CA PHE F 481 -16.46 20.00 -18.57
C PHE F 481 -15.54 19.11 -17.75
N LEU F 482 -16.12 18.29 -16.89
CA LEU F 482 -15.34 17.38 -16.08
C LEU F 482 -14.83 16.21 -16.91
N SER F 483 -13.64 15.74 -16.60
CA SER F 483 -13.02 14.63 -17.29
C SER F 483 -12.29 13.76 -16.29
N SER F 484 -12.16 12.47 -16.63
CA SER F 484 -11.51 11.52 -15.75
C SER F 484 -9.99 11.62 -15.78
N THR F 485 -9.43 12.38 -16.72
CA THR F 485 -7.98 12.52 -16.85
C THR F 485 -7.57 13.98 -16.68
N SER F 486 -8.14 14.65 -15.70
CA SER F 486 -7.80 16.03 -15.38
C SER F 486 -6.79 16.07 -14.24
N PRO F 487 -5.86 17.04 -14.25
CA PRO F 487 -4.88 17.11 -13.16
C PRO F 487 -5.52 17.26 -11.79
N LEU F 488 -6.62 17.98 -11.69
CA LEU F 488 -7.43 18.03 -10.48
C LEU F 488 -8.87 17.65 -10.83
N LEU F 489 -9.57 17.09 -9.85
CA LEU F 489 -10.89 16.51 -10.05
C LEU F 489 -10.85 15.44 -11.11
N PRO F 490 -10.19 14.29 -10.86
CA PRO F 490 -10.11 13.20 -11.84
C PRO F 490 -11.40 12.37 -11.92
N VAL F 491 -12.53 13.04 -12.06
CA VAL F 491 -13.84 12.41 -12.12
C VAL F 491 -14.54 12.86 -13.40
N ASP F 492 -15.12 11.90 -14.12
CA ASP F 492 -16.00 12.27 -15.22
C ASP F 492 -17.32 12.80 -14.66
N TYR F 493 -18.15 13.32 -15.57
CA TYR F 493 -19.34 14.04 -15.15
C TYR F 493 -20.29 13.15 -14.35
N GLU F 494 -20.50 11.91 -14.80
CA GLU F 494 -21.47 11.04 -14.14
C GLU F 494 -21.04 10.73 -12.71
N GLU F 495 -19.75 10.45 -12.51
CA GLU F 495 -19.26 10.15 -11.17
C GLU F 495 -19.42 11.36 -10.25
N PHE F 496 -19.06 12.55 -10.74
CA PHE F 496 -19.19 13.75 -9.93
C PHE F 496 -20.66 14.02 -9.56
N VAL F 497 -21.57 13.82 -10.52
CA VAL F 497 -22.99 14.03 -10.23
C VAL F 497 -23.46 13.01 -9.20
N ARG F 498 -22.99 11.77 -9.32
CA ARG F 498 -23.32 10.77 -8.30
C ARG F 498 -22.81 11.19 -6.93
N GLY F 499 -21.69 11.91 -6.88
CA GLY F 499 -21.15 12.34 -5.60
C GLY F 499 -21.86 13.50 -4.95
N CYS F 500 -22.54 14.33 -5.72
CA CYS F 500 -23.20 15.51 -5.16
C CYS F 500 -24.43 15.10 -4.37
N HIS F 501 -25.08 16.09 -3.77
CA HIS F 501 -26.25 15.86 -2.94
C HIS F 501 -27.54 16.38 -3.55
N LEU F 502 -27.49 17.42 -4.36
CA LEU F 502 -28.69 18.02 -4.93
C LEU F 502 -28.31 18.79 -6.19
N GLY F 503 -28.94 18.46 -7.30
CA GLY F 503 -28.71 19.18 -8.53
C GLY F 503 -29.76 20.25 -8.78
N VAL F 504 -29.35 21.51 -8.73
CA VAL F 504 -30.27 22.63 -8.88
C VAL F 504 -30.17 23.13 -10.32
N PHE F 505 -31.27 22.97 -11.08
CA PHE F 505 -31.33 23.40 -12.47
C PHE F 505 -32.59 24.24 -12.67
N PRO F 506 -32.62 25.47 -12.13
CA PRO F 506 -33.79 26.34 -12.31
C PRO F 506 -33.79 27.04 -13.65
N SER F 507 -33.77 26.24 -14.72
CA SER F 507 -33.65 26.78 -16.06
C SER F 507 -34.93 27.48 -16.47
N TYR F 508 -34.78 28.70 -17.02
CA TYR F 508 -35.94 29.45 -17.47
C TYR F 508 -36.48 28.90 -18.79
N TYR F 509 -35.65 28.89 -19.82
CA TYR F 509 -36.01 28.33 -21.12
C TYR F 509 -35.03 27.23 -21.49
N GLU F 510 -35.53 26.00 -21.56
CA GLU F 510 -34.80 24.91 -22.19
C GLU F 510 -35.83 23.84 -22.53
N PRO F 511 -35.75 23.23 -23.71
CA PRO F 511 -36.82 22.34 -24.16
C PRO F 511 -37.10 21.15 -23.25
N TRP F 512 -36.12 20.28 -23.01
CA TRP F 512 -36.34 19.09 -22.20
C TRP F 512 -35.53 19.09 -20.90
N GLY F 513 -34.20 19.12 -20.99
CA GLY F 513 -33.36 19.07 -19.81
C GLY F 513 -32.80 17.69 -19.55
N TYR F 514 -31.54 17.48 -19.90
CA TYR F 514 -30.90 16.19 -19.64
C TYR F 514 -30.32 16.10 -18.24
N THR F 515 -29.65 17.16 -17.78
CA THR F 515 -28.94 17.07 -16.50
C THR F 515 -29.84 16.62 -15.35
N PRO F 516 -31.04 17.16 -15.13
CA PRO F 516 -31.91 16.58 -14.09
C PRO F 516 -32.32 15.15 -14.41
N ALA F 517 -32.42 14.79 -15.68
CA ALA F 517 -32.84 13.44 -16.03
C ALA F 517 -31.85 12.40 -15.52
N GLU F 518 -30.56 12.56 -15.83
CA GLU F 518 -29.60 11.60 -15.27
C GLU F 518 -29.33 11.85 -13.80
N CYS F 519 -29.58 13.05 -13.27
CA CYS F 519 -29.54 13.21 -11.81
C CYS F 519 -30.55 12.30 -11.13
N THR F 520 -31.78 12.26 -11.66
CA THR F 520 -32.79 11.38 -11.08
C THR F 520 -32.54 9.91 -11.43
N VAL F 521 -31.94 9.65 -12.58
CA VAL F 521 -31.60 8.27 -12.94
C VAL F 521 -30.55 7.72 -11.98
N MET F 522 -29.57 8.54 -11.62
CA MET F 522 -28.51 8.13 -10.71
C MET F 522 -28.88 8.31 -9.24
N GLY F 523 -30.09 8.78 -8.95
CA GLY F 523 -30.60 8.85 -7.59
C GLY F 523 -30.48 10.18 -6.90
N ILE F 524 -29.89 11.18 -7.55
CA ILE F 524 -29.68 12.49 -6.91
C ILE F 524 -30.96 13.30 -7.03
N PRO F 525 -31.50 13.82 -5.93
CA PRO F 525 -32.64 14.73 -6.03
C PRO F 525 -32.28 15.97 -6.82
N SER F 526 -33.27 16.50 -7.55
CA SER F 526 -33.04 17.61 -8.45
C SER F 526 -34.13 18.66 -8.28
N ILE F 527 -33.81 19.88 -8.68
CA ILE F 527 -34.74 21.00 -8.65
C ILE F 527 -34.97 21.42 -10.10
N SER F 528 -36.08 20.99 -10.66
CA SER F 528 -36.46 21.32 -12.03
C SER F 528 -37.41 22.52 -12.02
N THR F 529 -37.98 22.82 -13.18
CA THR F 529 -38.92 23.93 -13.32
C THR F 529 -40.12 23.47 -14.13
N ASN F 530 -41.23 24.19 -13.97
CA ASN F 530 -42.42 23.93 -14.77
C ASN F 530 -42.32 24.49 -16.18
N LEU F 531 -41.27 25.25 -16.48
CA LEU F 531 -40.97 25.68 -17.84
C LEU F 531 -40.05 24.70 -18.56
N SER F 532 -39.70 23.58 -17.94
CA SER F 532 -38.80 22.60 -18.50
C SER F 532 -39.57 21.37 -18.99
N GLY F 533 -39.01 20.73 -20.02
CA GLY F 533 -39.62 19.50 -20.51
C GLY F 533 -39.57 18.38 -19.50
N PHE F 534 -38.46 18.27 -18.77
CA PHE F 534 -38.37 17.26 -17.71
C PHE F 534 -39.34 17.55 -16.59
N GLY F 535 -39.42 18.81 -16.16
CA GLY F 535 -40.36 19.15 -15.10
C GLY F 535 -41.80 18.94 -15.51
N CYS F 536 -42.16 19.35 -16.74
CA CYS F 536 -43.51 19.10 -17.23
C CYS F 536 -43.79 17.62 -17.35
N PHE F 537 -42.82 16.84 -17.84
CA PHE F 537 -43.02 15.41 -18.00
C PHE F 537 -43.26 14.74 -16.65
N MET F 538 -42.48 15.11 -15.64
CA MET F 538 -42.66 14.54 -14.31
C MET F 538 -43.82 15.15 -13.55
N GLU F 539 -44.40 16.25 -14.05
CA GLU F 539 -45.50 16.91 -13.36
C GLU F 539 -46.76 16.05 -13.37
N GLU F 540 -47.16 15.56 -14.54
CA GLU F 540 -48.41 14.81 -14.68
C GLU F 540 -48.21 13.31 -14.68
N HIS F 541 -46.98 12.83 -14.47
CA HIS F 541 -46.73 11.41 -14.38
C HIS F 541 -46.71 10.89 -12.95
N ILE F 542 -46.60 11.78 -11.97
CA ILE F 542 -46.52 11.42 -10.56
C ILE F 542 -47.47 12.32 -9.78
N ALA F 543 -48.25 11.72 -8.89
CA ALA F 543 -49.10 12.48 -7.99
C ALA F 543 -48.25 13.06 -6.86
N ASP F 544 -48.47 14.34 -6.56
CA ASP F 544 -47.75 15.07 -5.52
C ASP F 544 -46.24 14.96 -5.69
N PRO F 545 -45.65 15.67 -6.65
CA PRO F 545 -44.18 15.69 -6.74
C PRO F 545 -43.54 16.38 -5.55
N SER F 546 -42.20 16.44 -5.53
CA SER F 546 -41.39 16.98 -4.45
C SER F 546 -41.42 16.04 -3.24
N ALA F 547 -42.23 14.98 -3.31
CA ALA F 547 -42.13 13.87 -2.39
C ALA F 547 -41.21 12.78 -2.90
N TYR F 548 -40.73 12.91 -4.14
CA TYR F 548 -39.79 11.98 -4.74
C TYR F 548 -38.47 12.65 -5.10
N GLY F 549 -38.15 13.76 -4.44
CA GLY F 549 -36.94 14.50 -4.73
C GLY F 549 -37.00 15.43 -5.92
N ILE F 550 -38.14 15.51 -6.60
CA ILE F 550 -38.29 16.36 -7.78
C ILE F 550 -38.91 17.66 -7.29
N TYR F 551 -38.05 18.60 -6.89
CA TYR F 551 -38.51 19.91 -6.42
C TYR F 551 -38.86 20.76 -7.62
N ILE F 552 -40.09 20.60 -8.12
CA ILE F 552 -40.56 21.40 -9.23
C ILE F 552 -40.73 22.85 -8.78
N LEU F 553 -40.13 23.77 -9.51
CA LEU F 553 -40.10 25.18 -9.15
C LEU F 553 -40.88 25.97 -10.19
N ASP F 554 -41.89 26.71 -9.75
CA ASP F 554 -42.75 27.46 -10.65
C ASP F 554 -42.05 28.73 -11.10
N ARG F 555 -41.86 28.89 -12.41
CA ARG F 555 -41.29 30.09 -12.99
C ARG F 555 -42.22 30.76 -13.99
N ARG F 556 -43.39 30.17 -14.25
CA ARG F 556 -44.33 30.75 -15.22
C ARG F 556 -45.35 31.66 -14.56
N PHE F 557 -45.87 31.27 -13.41
CA PHE F 557 -46.89 32.05 -12.71
C PHE F 557 -46.31 32.89 -11.58
N ARG F 558 -44.99 32.99 -11.47
CA ARG F 558 -44.34 33.73 -10.40
C ARG F 558 -43.30 34.68 -10.99
N SER F 559 -43.07 35.77 -10.28
CA SER F 559 -42.05 36.74 -10.67
C SER F 559 -40.66 36.20 -10.33
N LEU F 560 -39.64 36.95 -10.77
CA LEU F 560 -38.27 36.53 -10.53
C LEU F 560 -37.94 36.47 -9.04
N ASP F 561 -38.35 37.49 -8.29
CA ASP F 561 -38.07 37.52 -6.86
C ASP F 561 -38.81 36.39 -6.13
N ASP F 562 -40.07 36.14 -6.52
CA ASP F 562 -40.82 35.04 -5.89
C ASP F 562 -40.18 33.70 -6.23
N SER F 563 -39.71 33.52 -7.46
CA SER F 563 -39.02 32.29 -7.81
C SER F 563 -37.74 32.12 -7.01
N CYS F 564 -37.00 33.21 -6.81
CA CYS F 564 -35.80 33.13 -5.99
C CYS F 564 -36.13 32.77 -4.56
N SER F 565 -37.21 33.34 -4.01
CA SER F 565 -37.62 33.00 -2.66
C SER F 565 -38.03 31.54 -2.54
N GLN F 566 -38.75 31.02 -3.54
CA GLN F 566 -39.13 29.61 -3.52
C GLN F 566 -37.91 28.71 -3.63
N LEU F 567 -36.93 29.09 -4.45
CA LEU F 567 -35.69 28.32 -4.53
C LEU F 567 -34.95 28.32 -3.21
N THR F 568 -34.90 29.47 -2.54
CA THR F 568 -34.26 29.55 -1.22
C THR F 568 -34.98 28.66 -0.22
N SER F 569 -36.32 28.65 -0.25
CA SER F 569 -37.08 27.79 0.64
C SER F 569 -36.79 26.32 0.36
N PHE F 570 -36.71 25.94 -0.92
CA PHE F 570 -36.40 24.57 -1.27
C PHE F 570 -35.00 24.17 -0.79
N LEU F 571 -34.02 25.06 -0.98
CA LEU F 571 -32.67 24.77 -0.53
C LEU F 571 -32.60 24.61 0.98
N TYR F 572 -33.27 25.51 1.71
CA TYR F 572 -33.27 25.41 3.17
C TYR F 572 -33.97 24.14 3.63
N SER F 573 -35.09 23.79 3.00
CA SER F 573 -35.79 22.56 3.36
C SER F 573 -34.92 21.33 3.12
N PHE F 574 -34.17 21.33 2.03
CA PHE F 574 -33.21 20.24 1.81
C PHE F 574 -32.12 20.25 2.88
N CYS F 575 -31.71 21.44 3.32
CA CYS F 575 -30.66 21.54 4.33
C CYS F 575 -31.11 20.97 5.67
N GLN F 576 -32.37 21.22 6.05
CA GLN F 576 -32.81 20.85 7.40
C GLN F 576 -32.93 19.35 7.62
N GLN F 577 -33.17 18.55 6.58
CA GLN F 577 -33.37 17.13 6.79
C GLN F 577 -32.04 16.43 7.09
N SER F 578 -32.12 15.38 7.90
CA SER F 578 -30.94 14.69 8.39
C SER F 578 -30.43 13.70 7.35
N ARG F 579 -29.43 12.90 7.73
CA ARG F 579 -28.82 11.94 6.81
C ARG F 579 -29.81 10.85 6.40
N ARG F 580 -30.59 10.34 7.36
CA ARG F 580 -31.57 9.31 7.05
C ARG F 580 -32.60 9.81 6.04
N GLN F 581 -33.08 11.04 6.24
CA GLN F 581 -34.04 11.61 5.31
C GLN F 581 -33.42 11.79 3.92
N ARG F 582 -32.15 12.21 3.87
CA ARG F 582 -31.47 12.34 2.58
C ARG F 582 -31.36 11.00 1.87
N ILE F 583 -31.01 9.95 2.61
CA ILE F 583 -30.90 8.62 2.02
C ILE F 583 -32.25 8.15 1.49
N ILE F 584 -33.31 8.34 2.28
CA ILE F 584 -34.65 7.94 1.84
C ILE F 584 -35.07 8.72 0.60
N GLN F 585 -34.78 10.03 0.58
CA GLN F 585 -35.12 10.84 -0.56
C GLN F 585 -34.36 10.40 -1.81
N ARG F 586 -33.09 10.04 -1.66
CA ARG F 586 -32.34 9.54 -2.79
C ARG F 586 -32.92 8.22 -3.30
N ASN F 587 -33.34 7.34 -2.39
CA ASN F 587 -34.00 6.10 -2.79
C ASN F 587 -35.26 6.39 -3.60
N ARG F 588 -36.10 7.31 -3.10
CA ARG F 588 -37.33 7.64 -3.80
CA ARG F 588 -37.33 7.64 -3.80
C ARG F 588 -37.05 8.25 -5.17
N THR F 589 -36.05 9.12 -5.25
CA THR F 589 -35.70 9.72 -6.54
C THR F 589 -35.17 8.67 -7.52
N GLU F 590 -34.36 7.73 -7.02
CA GLU F 590 -33.86 6.66 -7.88
C GLU F 590 -35.00 5.78 -8.38
N ARG F 591 -36.05 5.61 -7.58
CA ARG F 591 -37.15 4.74 -8.00
C ARG F 591 -37.83 5.22 -9.27
N LEU F 592 -37.62 6.48 -9.66
CA LEU F 592 -38.28 7.05 -10.83
C LEU F 592 -37.50 6.84 -12.12
N SER F 593 -36.42 6.06 -12.09
CA SER F 593 -35.60 5.88 -13.29
C SER F 593 -36.37 5.18 -14.40
N ASP F 594 -37.36 4.35 -14.05
CA ASP F 594 -38.10 3.60 -15.06
C ASP F 594 -38.93 4.52 -15.96
N LEU F 595 -39.31 5.69 -15.46
CA LEU F 595 -40.08 6.62 -16.27
C LEU F 595 -39.28 7.13 -17.46
N LEU F 596 -37.99 7.39 -17.26
CA LEU F 596 -37.14 7.94 -18.30
C LEU F 596 -36.35 6.89 -19.06
N ASP F 597 -36.61 5.60 -18.82
CA ASP F 597 -35.92 4.55 -19.55
C ASP F 597 -36.32 4.58 -21.02
N TRP F 598 -35.37 4.20 -21.88
CA TRP F 598 -35.66 4.15 -23.31
C TRP F 598 -36.62 3.02 -23.66
N LYS F 599 -36.71 1.99 -22.82
CA LYS F 599 -37.70 0.94 -23.03
C LYS F 599 -39.11 1.52 -23.01
N TYR F 600 -39.40 2.37 -22.01
CA TYR F 600 -40.71 2.98 -21.90
C TYR F 600 -40.87 4.14 -22.87
N LEU F 601 -39.81 4.92 -23.08
CA LEU F 601 -39.87 6.12 -23.90
C LEU F 601 -39.50 5.89 -25.37
N GLY F 602 -39.11 4.68 -25.74
CA GLY F 602 -38.77 4.39 -27.13
C GLY F 602 -39.93 4.07 -28.03
N ARG F 603 -41.13 3.89 -27.46
CA ARG F 603 -42.30 3.55 -28.27
C ARG F 603 -42.71 4.69 -29.18
N TYR F 604 -42.44 5.93 -28.77
CA TYR F 604 -42.83 7.09 -29.59
C TYR F 604 -42.03 7.16 -30.88
N TYR F 605 -40.73 6.82 -30.83
CA TYR F 605 -39.95 6.72 -32.06
C TYR F 605 -40.48 5.63 -32.97
N MET F 606 -40.87 4.48 -32.40
CA MET F 606 -41.44 3.42 -33.21
C MET F 606 -42.73 3.87 -33.88
N SER F 607 -43.58 4.60 -33.14
CA SER F 607 -44.80 5.14 -33.71
C SER F 607 -44.49 6.12 -34.83
N ALA F 608 -43.49 6.98 -34.64
CA ALA F 608 -43.11 7.94 -35.67
C ALA F 608 -42.63 7.24 -36.93
N ARG F 609 -41.81 6.19 -36.76
CA ARG F 609 -41.36 5.43 -37.92
C ARG F 609 -42.53 4.77 -38.64
N HIS F 610 -43.49 4.24 -37.88
CA HIS F 610 -44.66 3.63 -38.50
C HIS F 610 -45.48 4.64 -39.28
N MET F 611 -45.69 5.84 -38.72
CA MET F 611 -46.39 6.87 -39.46
C MET F 611 -45.63 7.29 -40.71
N ALA F 612 -44.30 7.39 -40.62
CA ALA F 612 -43.51 7.74 -41.79
C ALA F 612 -43.64 6.67 -42.89
N LEU F 613 -43.58 5.40 -42.51
CA LEU F 613 -43.76 4.32 -43.47
C LEU F 613 -45.15 4.36 -44.09
N SER F 614 -46.18 4.62 -43.28
CA SER F 614 -47.53 4.67 -43.80
C SER F 614 -47.71 5.84 -44.78
N LYS F 615 -47.11 6.99 -44.46
CA LYS F 615 -47.25 8.16 -45.31
C LYS F 615 -46.48 8.02 -46.61
N ALA F 616 -45.25 7.48 -46.54
CA ALA F 616 -44.42 7.38 -47.74
C ALA F 616 -44.86 6.23 -48.63
N PHE F 617 -44.78 5.00 -48.12
CA PHE F 617 -45.20 3.82 -48.88
C PHE F 617 -45.43 2.65 -47.94
N PRO F 618 -46.63 2.04 -47.96
CA PRO F 618 -46.96 0.89 -47.11
C PRO F 618 -46.12 -0.35 -47.45
N LEU G 29 32.44 -30.84 -28.11
CA LEU G 29 32.55 -31.10 -26.68
C LEU G 29 31.30 -31.79 -26.15
N PHE G 30 31.50 -32.84 -25.36
CA PHE G 30 30.41 -33.60 -24.75
C PHE G 30 30.67 -33.69 -23.26
N GLU G 31 30.00 -32.84 -22.48
CA GLU G 31 30.11 -32.87 -21.02
C GLU G 31 28.97 -33.72 -20.46
N VAL G 32 29.13 -35.03 -20.61
CA VAL G 32 28.10 -35.97 -20.17
C VAL G 32 28.15 -36.12 -18.65
N ALA G 33 26.98 -36.04 -18.02
CA ALA G 33 26.89 -36.14 -16.57
C ALA G 33 25.45 -36.48 -16.19
N TRP G 34 25.27 -36.90 -14.94
CA TRP G 34 23.97 -37.31 -14.43
C TRP G 34 23.16 -36.15 -13.85
N GLU G 35 23.80 -35.05 -13.46
CA GLU G 35 23.09 -33.93 -12.84
C GLU G 35 23.13 -32.75 -13.80
N VAL G 36 22.17 -32.70 -14.72
CA VAL G 36 22.06 -31.60 -15.67
C VAL G 36 20.65 -31.03 -15.61
N ALA G 37 19.69 -31.85 -15.21
CA ALA G 37 18.28 -31.45 -15.24
C ALA G 37 17.67 -31.61 -13.86
N ASN G 38 18.18 -32.57 -13.08
CA ASN G 38 17.75 -32.79 -11.71
C ASN G 38 18.67 -32.06 -10.76
N LYS G 39 18.08 -31.45 -9.73
CA LYS G 39 18.82 -30.58 -8.81
C LYS G 39 19.50 -31.44 -7.74
N VAL G 40 20.82 -31.54 -7.81
CA VAL G 40 21.65 -32.12 -6.76
C VAL G 40 22.79 -31.14 -6.51
N GLY G 41 23.26 -31.11 -5.26
CA GLY G 41 24.25 -30.10 -4.88
C GLY G 41 25.51 -30.16 -5.73
N GLY G 42 26.04 -31.36 -5.93
CA GLY G 42 27.21 -31.51 -6.78
C GLY G 42 26.85 -31.60 -8.26
N ILE G 43 27.88 -31.51 -9.09
CA ILE G 43 27.79 -31.70 -10.54
C ILE G 43 26.90 -30.63 -11.18
N TYR G 44 25.66 -30.52 -10.69
CA TYR G 44 24.71 -29.58 -11.27
C TYR G 44 25.23 -28.15 -11.22
N THR G 45 25.69 -27.72 -10.04
CA THR G 45 26.16 -26.34 -9.89
C THR G 45 27.39 -26.07 -10.74
N VAL G 46 28.36 -26.99 -10.74
CA VAL G 46 29.59 -26.75 -11.49
C VAL G 46 29.30 -26.69 -12.99
N LEU G 47 28.46 -27.59 -13.50
CA LEU G 47 28.11 -27.54 -14.91
C LEU G 47 27.33 -26.27 -15.25
N GLN G 48 26.38 -25.89 -14.40
CA GLN G 48 25.55 -24.72 -14.67
C GLN G 48 26.39 -23.45 -14.66
N THR G 49 27.39 -23.38 -13.78
CA THR G 49 28.27 -22.22 -13.75
C THR G 49 29.28 -22.23 -14.90
N LYS G 50 29.77 -23.40 -15.30
CA LYS G 50 30.77 -23.47 -16.36
C LYS G 50 30.17 -23.23 -17.74
N ALA G 51 28.92 -23.64 -17.96
CA ALA G 51 28.34 -23.65 -19.30
C ALA G 51 28.48 -22.30 -20.00
N LYS G 52 28.28 -21.20 -19.27
CA LYS G 52 28.31 -19.88 -19.90
C LYS G 52 29.67 -19.60 -20.53
N VAL G 53 30.75 -19.74 -19.76
CA VAL G 53 32.07 -19.42 -20.29
C VAL G 53 32.50 -20.47 -21.33
N THR G 54 32.23 -21.75 -21.05
CA THR G 54 32.66 -22.80 -21.97
C THR G 54 31.90 -22.76 -23.28
N GLY G 55 30.75 -22.08 -23.32
CA GLY G 55 30.02 -21.91 -24.56
C GLY G 55 30.37 -20.62 -25.29
N ASP G 56 30.58 -19.54 -24.53
CA ASP G 56 30.95 -18.28 -25.16
C ASP G 56 32.36 -18.32 -25.73
N GLU G 57 33.27 -19.07 -25.10
CA GLU G 57 34.63 -19.14 -25.63
C GLU G 57 34.73 -20.06 -26.84
N TRP G 58 33.90 -21.09 -26.91
CA TRP G 58 33.98 -22.08 -27.98
C TRP G 58 32.90 -21.90 -29.04
N GLY G 59 31.63 -21.86 -28.62
CA GLY G 59 30.55 -21.65 -29.58
C GLY G 59 29.42 -22.65 -29.47
N ASP G 60 28.84 -23.01 -30.62
CA ASP G 60 27.68 -23.90 -30.69
C ASP G 60 28.07 -25.36 -30.79
N ASN G 61 29.37 -25.68 -30.80
CA ASN G 61 29.85 -27.06 -30.81
C ASN G 61 29.87 -27.69 -29.43
N TYR G 62 29.18 -27.09 -28.47
CA TYR G 62 29.15 -27.56 -27.09
C TYR G 62 27.85 -28.33 -26.86
N PHE G 63 27.98 -29.59 -26.43
CA PHE G 63 26.84 -30.47 -26.23
C PHE G 63 26.85 -31.05 -24.83
N LEU G 64 25.67 -31.12 -24.23
CA LEU G 64 25.50 -31.59 -22.86
C LEU G 64 24.53 -32.76 -22.82
N VAL G 65 24.92 -33.82 -22.11
CA VAL G 65 24.17 -35.07 -22.09
C VAL G 65 23.79 -35.39 -20.65
N GLY G 66 22.52 -35.74 -20.45
CA GLY G 66 22.04 -36.09 -19.13
C GLY G 66 20.77 -36.92 -19.16
N PRO G 67 20.29 -37.31 -17.98
CA PRO G 67 19.10 -38.18 -17.91
C PRO G 67 17.79 -37.43 -17.85
N TYR G 68 16.69 -38.18 -17.84
CA TYR G 68 15.34 -37.63 -17.72
C TYR G 68 14.67 -38.26 -16.51
N THR G 69 14.19 -37.42 -15.60
CA THR G 69 13.46 -37.87 -14.42
C THR G 69 12.13 -37.13 -14.36
N GLU G 70 11.06 -37.85 -14.05
CA GLU G 70 9.73 -37.26 -13.96
C GLU G 70 9.57 -36.55 -12.62
N GLN G 71 10.34 -35.48 -12.47
CA GLN G 71 10.34 -34.68 -11.25
C GLN G 71 10.19 -33.18 -11.52
N GLY G 72 9.84 -32.79 -12.73
CA GLY G 72 9.77 -31.40 -13.10
C GLY G 72 10.97 -30.86 -13.85
N VAL G 73 11.86 -31.72 -14.33
CA VAL G 73 13.05 -31.26 -15.05
C VAL G 73 12.67 -30.57 -16.36
N ARG G 74 11.53 -30.94 -16.94
CA ARG G 74 11.10 -30.30 -18.18
C ARG G 74 10.64 -28.86 -17.97
N THR G 75 10.33 -28.49 -16.73
CA THR G 75 9.94 -27.10 -16.46
C THR G 75 11.11 -26.15 -16.71
N GLN G 76 12.33 -26.56 -16.33
CA GLN G 76 13.52 -25.75 -16.51
C GLN G 76 14.19 -25.95 -17.86
N VAL G 77 13.70 -26.88 -18.68
CA VAL G 77 14.33 -27.22 -19.95
C VAL G 77 13.33 -26.97 -21.07
N GLU G 78 13.74 -26.19 -22.07
CA GLU G 78 12.92 -25.96 -23.26
C GLU G 78 13.26 -27.05 -24.27
N LEU G 79 12.51 -28.15 -24.21
CA LEU G 79 12.75 -29.29 -25.08
C LEU G 79 12.45 -28.93 -26.53
N LEU G 80 13.24 -29.49 -27.45
CA LEU G 80 13.07 -29.32 -28.89
C LEU G 80 12.94 -30.71 -29.52
N GLU G 81 11.71 -31.23 -29.55
CA GLU G 81 11.47 -32.50 -30.22
C GLU G 81 11.58 -32.36 -31.73
N ALA G 82 11.14 -31.22 -32.28
CA ALA G 82 11.21 -30.99 -33.71
C ALA G 82 12.66 -30.93 -34.18
N PRO G 83 12.93 -31.30 -35.43
CA PRO G 83 14.30 -31.25 -35.93
C PRO G 83 14.87 -29.84 -35.87
N THR G 84 16.15 -29.75 -35.50
CA THR G 84 16.85 -28.49 -35.32
C THR G 84 18.28 -28.65 -35.83
N PRO G 85 18.78 -27.67 -36.58
CA PRO G 85 20.16 -27.76 -37.10
C PRO G 85 21.19 -27.80 -35.97
N ALA G 86 22.49 -27.83 -36.32
CA ALA G 86 23.55 -28.07 -35.35
C ALA G 86 23.38 -29.46 -34.73
N LEU G 87 23.71 -30.47 -35.54
CA LEU G 87 23.42 -31.88 -35.32
C LEU G 87 21.91 -32.12 -35.44
N LYS G 88 21.40 -31.89 -36.65
CA LYS G 88 20.03 -32.24 -37.01
C LYS G 88 19.88 -33.67 -37.50
N ARG G 89 20.99 -34.36 -37.78
CA ARG G 89 20.92 -35.67 -38.42
C ARG G 89 20.48 -36.76 -37.46
N THR G 90 20.81 -36.65 -36.18
CA THR G 90 20.45 -37.71 -35.24
C THR G 90 18.94 -37.76 -35.00
N LEU G 91 18.26 -36.62 -35.09
CA LEU G 91 16.83 -36.59 -34.81
C LEU G 91 16.06 -37.46 -35.80
N ASP G 92 16.40 -37.39 -37.08
CA ASP G 92 15.78 -38.21 -38.09
C ASP G 92 16.61 -39.44 -38.44
N SER G 93 17.69 -39.70 -37.70
CA SER G 93 18.51 -40.88 -37.91
C SER G 93 18.29 -41.97 -36.86
N MET G 94 18.06 -41.59 -35.60
CA MET G 94 17.99 -42.56 -34.52
C MET G 94 16.80 -42.38 -33.58
N ASN G 95 16.22 -41.19 -33.49
CA ASN G 95 15.16 -40.95 -32.51
C ASN G 95 13.95 -41.86 -32.75
N SER G 96 13.57 -42.06 -34.01
CA SER G 96 12.47 -42.96 -34.34
C SER G 96 12.96 -44.40 -34.51
N LYS G 97 13.69 -44.90 -33.52
CA LYS G 97 14.20 -46.27 -33.56
C LYS G 97 14.08 -46.99 -32.22
N GLY G 98 13.15 -46.57 -31.37
CA GLY G 98 12.97 -47.17 -30.07
C GLY G 98 13.68 -46.46 -28.93
N CYS G 99 14.21 -45.27 -29.16
CA CYS G 99 14.90 -44.49 -28.15
C CYS G 99 14.13 -43.19 -27.92
N LYS G 100 14.72 -42.30 -27.12
CA LYS G 100 14.03 -41.07 -26.73
C LYS G 100 15.08 -40.02 -26.39
N VAL G 101 15.28 -39.05 -27.29
CA VAL G 101 16.33 -38.05 -27.16
C VAL G 101 15.73 -36.67 -27.44
N TYR G 102 15.96 -35.71 -26.53
CA TYR G 102 15.46 -34.36 -26.69
C TYR G 102 16.62 -33.36 -26.73
N PHE G 103 16.31 -32.15 -27.20
CA PHE G 103 17.27 -31.06 -27.27
C PHE G 103 16.72 -29.87 -26.50
N GLY G 104 17.55 -29.28 -25.61
CA GLY G 104 17.07 -28.23 -24.73
C GLY G 104 18.07 -27.09 -24.59
N ARG G 105 17.59 -26.01 -23.96
CA ARG G 105 18.35 -24.77 -23.78
C ARG G 105 18.67 -24.47 -22.32
N TRP G 106 17.93 -25.06 -21.38
CA TRP G 106 18.05 -24.93 -19.93
C TRP G 106 17.50 -23.63 -19.36
N LEU G 107 17.06 -22.69 -20.20
CA LEU G 107 16.64 -21.35 -19.77
C LEU G 107 17.85 -20.50 -19.37
N ILE G 108 19.05 -21.10 -19.34
CA ILE G 108 20.28 -20.34 -19.17
C ILE G 108 20.86 -20.06 -20.55
N GLU G 109 21.16 -18.79 -20.81
CA GLU G 109 21.61 -18.37 -22.14
C GLU G 109 23.13 -18.38 -22.26
N GLY G 110 23.74 -19.53 -21.95
CA GLY G 110 25.16 -19.73 -22.18
C GLY G 110 25.37 -20.58 -23.41
N GLY G 111 24.33 -20.69 -24.23
CA GLY G 111 24.32 -21.59 -25.37
C GLY G 111 24.46 -23.05 -25.02
N PRO G 112 23.73 -23.53 -23.98
CA PRO G 112 23.87 -24.94 -23.60
C PRO G 112 22.89 -25.86 -24.32
N LEU G 113 23.23 -26.22 -25.55
CA LEU G 113 22.41 -27.17 -26.31
C LEU G 113 22.55 -28.53 -25.65
N VAL G 114 21.58 -28.89 -24.82
CA VAL G 114 21.66 -30.09 -23.99
C VAL G 114 20.93 -31.23 -24.68
N VAL G 115 21.52 -32.42 -24.63
CA VAL G 115 20.95 -33.62 -25.22
C VAL G 115 20.38 -34.44 -24.08
N LEU G 116 19.07 -34.28 -23.85
CA LEU G 116 18.40 -34.98 -22.76
C LEU G 116 18.03 -36.39 -23.19
N LEU G 117 18.27 -37.35 -22.28
CA LEU G 117 18.06 -38.76 -22.55
C LEU G 117 17.06 -39.33 -21.53
N ASP G 118 16.04 -40.02 -22.03
CA ASP G 118 15.08 -40.66 -21.14
C ASP G 118 15.64 -41.98 -20.62
N VAL G 119 15.36 -42.26 -19.34
CA VAL G 119 15.88 -43.45 -18.68
C VAL G 119 14.87 -44.59 -18.72
N GLY G 120 13.61 -44.31 -18.36
CA GLY G 120 12.60 -45.35 -18.35
C GLY G 120 12.04 -45.70 -19.72
N ALA G 121 12.27 -44.86 -20.73
CA ALA G 121 11.76 -45.14 -22.06
C ALA G 121 12.41 -46.38 -22.66
N SER G 122 13.73 -46.53 -22.49
CA SER G 122 14.48 -47.66 -23.04
C SER G 122 15.07 -48.45 -21.88
N ALA G 123 14.27 -49.38 -21.33
CA ALA G 123 14.73 -50.23 -20.25
C ALA G 123 14.28 -51.67 -20.40
N TRP G 124 13.71 -52.04 -21.55
CA TRP G 124 13.16 -53.37 -21.76
C TRP G 124 14.21 -54.40 -22.14
N ALA G 125 15.43 -53.98 -22.45
CA ALA G 125 16.49 -54.88 -22.91
C ALA G 125 17.74 -54.71 -22.04
N LEU G 126 17.56 -54.72 -20.72
CA LEU G 126 18.70 -54.59 -19.82
C LEU G 126 19.57 -55.84 -19.84
N GLU G 127 18.99 -57.00 -20.16
CA GLU G 127 19.77 -58.24 -20.18
C GLU G 127 20.84 -58.21 -21.26
N ARG G 128 20.50 -57.71 -22.46
CA ARG G 128 21.50 -57.65 -23.52
C ARG G 128 22.60 -56.63 -23.20
N TRP G 129 22.26 -55.54 -22.52
CA TRP G 129 23.28 -54.59 -22.12
C TRP G 129 24.19 -55.17 -21.04
N LYS G 130 23.62 -55.95 -20.12
CA LYS G 130 24.43 -56.64 -19.13
C LYS G 130 25.37 -57.64 -19.79
N GLY G 131 24.88 -58.38 -20.79
CA GLY G 131 25.74 -59.28 -21.53
C GLY G 131 26.83 -58.55 -22.29
N GLU G 132 26.50 -57.39 -22.86
CA GLU G 132 27.51 -56.57 -23.54
C GLU G 132 28.59 -56.11 -22.57
N LEU G 133 28.18 -55.69 -21.36
CA LEU G 133 29.16 -55.31 -20.34
C LEU G 133 30.03 -56.49 -19.95
N TRP G 134 29.43 -57.68 -19.80
CA TRP G 134 30.21 -58.87 -19.50
C TRP G 134 31.23 -59.16 -20.60
N ASP G 135 30.83 -59.02 -21.86
CA ASP G 135 31.76 -59.25 -22.95
C ASP G 135 32.87 -58.21 -22.97
N THR G 136 32.54 -56.95 -22.67
CA THR G 136 33.50 -55.87 -22.84
C THR G 136 34.47 -55.76 -21.66
N CYS G 137 33.95 -55.51 -20.46
CA CYS G 137 34.81 -55.17 -19.33
C CYS G 137 34.48 -55.96 -18.06
N ASN G 138 33.65 -56.99 -18.14
CA ASN G 138 33.31 -57.84 -16.98
C ASN G 138 32.72 -57.00 -15.85
N ILE G 139 32.00 -55.94 -16.20
CA ILE G 139 31.45 -55.02 -15.21
C ILE G 139 29.94 -54.93 -15.36
N GLY G 140 29.32 -54.07 -14.56
CA GLY G 140 27.89 -53.90 -14.58
C GLY G 140 27.43 -53.35 -13.24
N VAL G 141 26.15 -53.59 -12.94
CA VAL G 141 25.56 -53.14 -11.69
C VAL G 141 24.61 -54.21 -11.15
N PRO G 142 24.76 -54.62 -9.90
CA PRO G 142 23.78 -55.54 -9.31
C PRO G 142 22.44 -54.86 -9.09
N TRP G 143 21.40 -55.66 -9.08
CA TRP G 143 20.00 -55.25 -8.92
C TRP G 143 19.66 -54.75 -7.52
N TYR G 144 20.61 -54.59 -6.59
CA TYR G 144 20.29 -54.02 -5.29
C TYR G 144 19.98 -52.54 -5.37
N ASP G 145 20.79 -51.77 -6.10
CA ASP G 145 20.61 -50.33 -6.20
C ASP G 145 20.20 -49.97 -7.62
N ARG G 146 19.06 -49.29 -7.75
CA ARG G 146 18.59 -48.88 -9.06
C ARG G 146 19.26 -47.61 -9.57
N GLU G 147 19.92 -46.85 -8.68
CA GLU G 147 20.61 -45.66 -9.09
C GLU G 147 21.71 -45.97 -10.10
N ALA G 148 22.55 -46.96 -9.77
CA ALA G 148 23.65 -47.32 -10.66
C ALA G 148 23.16 -48.01 -11.93
N ASN G 149 22.08 -48.79 -11.84
CA ASN G 149 21.48 -49.36 -13.05
C ASN G 149 20.99 -48.27 -14.00
N ASP G 150 20.32 -47.25 -13.45
CA ASP G 150 19.90 -46.13 -14.29
C ASP G 150 21.11 -45.40 -14.86
N ALA G 151 22.17 -45.26 -14.08
CA ALA G 151 23.38 -44.62 -14.58
C ALA G 151 23.99 -45.40 -15.76
N VAL G 152 24.05 -46.72 -15.63
CA VAL G 152 24.62 -47.55 -16.70
C VAL G 152 23.73 -47.50 -17.95
N LEU G 153 22.41 -47.54 -17.77
CA LEU G 153 21.50 -47.43 -18.90
C LEU G 153 21.67 -46.10 -19.62
N PHE G 154 21.79 -45.01 -18.85
CA PHE G 154 22.04 -43.71 -19.44
C PHE G 154 23.37 -43.67 -20.17
N GLY G 155 24.38 -44.37 -19.64
CA GLY G 155 25.66 -44.44 -20.33
C GLY G 155 25.57 -45.16 -21.66
N PHE G 156 24.84 -46.28 -21.69
CA PHE G 156 24.59 -46.96 -22.97
C PHE G 156 23.90 -46.04 -23.97
N LEU G 157 22.86 -45.34 -23.52
CA LEU G 157 22.15 -44.45 -24.44
C LEU G 157 23.05 -43.33 -24.94
N THR G 158 23.87 -42.76 -24.06
CA THR G 158 24.80 -41.71 -24.47
C THR G 158 25.80 -42.24 -25.50
N THR G 159 26.33 -43.44 -25.28
CA THR G 159 27.28 -44.00 -26.23
C THR G 159 26.62 -44.26 -27.58
N TRP G 160 25.37 -44.75 -27.58
CA TRP G 160 24.66 -44.91 -28.84
C TRP G 160 24.47 -43.58 -29.55
N PHE G 161 24.09 -42.54 -28.80
CA PHE G 161 23.89 -41.23 -29.43
C PHE G 161 25.19 -40.70 -30.03
N LEU G 162 26.30 -40.85 -29.29
CA LEU G 162 27.58 -40.36 -29.77
C LEU G 162 28.03 -41.13 -31.01
N GLY G 163 27.87 -42.46 -31.01
CA GLY G 163 28.22 -43.25 -32.18
C GLY G 163 27.37 -42.90 -33.39
N GLU G 164 26.06 -42.71 -33.17
CA GLU G 164 25.19 -42.31 -34.27
C GLU G 164 25.59 -40.96 -34.83
N PHE G 165 25.94 -40.02 -33.94
CA PHE G 165 26.39 -38.71 -34.41
C PHE G 165 27.67 -38.81 -35.24
N LEU G 166 28.63 -39.64 -34.79
CA LEU G 166 29.83 -39.81 -35.58
C LEU G 166 29.54 -40.45 -36.93
N ALA G 167 28.64 -41.42 -36.96
CA ALA G 167 28.27 -42.06 -38.23
C ALA G 167 27.62 -41.06 -39.18
N GLN G 168 26.74 -40.21 -38.65
CA GLN G 168 26.02 -39.26 -39.50
C GLN G 168 26.92 -38.13 -39.98
N SER G 169 27.89 -37.72 -39.18
CA SER G 169 28.73 -36.57 -39.48
C SER G 169 29.95 -36.94 -40.33
N GLU G 170 30.07 -38.20 -40.75
CA GLU G 170 31.18 -38.68 -41.58
C GLU G 170 32.53 -38.51 -40.89
N GLU G 171 32.54 -38.39 -39.56
CA GLU G 171 33.76 -38.27 -38.75
C GLU G 171 34.62 -37.08 -39.18
N LYS G 172 34.00 -36.03 -39.73
CA LYS G 172 34.78 -34.85 -40.13
C LYS G 172 35.45 -34.17 -38.95
N PRO G 173 34.77 -33.86 -37.83
CA PRO G 173 35.45 -33.28 -36.68
C PRO G 173 35.91 -34.34 -35.70
N HIS G 174 36.82 -33.93 -34.81
CA HIS G 174 37.35 -34.78 -33.75
C HIS G 174 36.80 -34.25 -32.44
N VAL G 175 35.60 -34.71 -32.06
CA VAL G 175 34.94 -34.20 -30.87
C VAL G 175 35.60 -34.76 -29.62
N VAL G 176 35.52 -34.00 -28.53
CA VAL G 176 36.11 -34.37 -27.25
C VAL G 176 34.98 -34.75 -26.30
N ALA G 177 35.08 -35.94 -25.70
CA ALA G 177 34.07 -36.42 -24.76
C ALA G 177 34.63 -36.31 -23.35
N HIS G 178 33.90 -35.61 -22.48
CA HIS G 178 34.30 -35.39 -21.10
C HIS G 178 33.25 -35.97 -20.18
N PHE G 179 33.70 -36.63 -19.11
CA PHE G 179 32.85 -37.40 -18.23
C PHE G 179 33.02 -36.92 -16.79
N HIS G 180 31.91 -36.91 -16.04
CA HIS G 180 31.89 -36.48 -14.65
C HIS G 180 31.33 -37.61 -13.78
N GLU G 181 32.06 -37.93 -12.71
CA GLU G 181 31.60 -38.87 -11.68
C GLU G 181 31.43 -40.29 -12.23
N TRP G 182 31.12 -41.23 -11.35
CA TRP G 182 30.87 -42.61 -11.75
C TRP G 182 29.47 -42.83 -12.30
N LEU G 183 28.56 -41.87 -12.11
CA LEU G 183 27.23 -41.99 -12.69
C LEU G 183 27.25 -41.87 -14.21
N ALA G 184 28.37 -41.45 -14.79
CA ALA G 184 28.53 -41.41 -16.25
C ALA G 184 29.89 -41.97 -16.66
N GLY G 185 30.42 -42.91 -15.89
CA GLY G 185 31.74 -43.48 -16.15
C GLY G 185 31.77 -44.71 -17.02
N VAL G 186 30.61 -45.36 -17.23
CA VAL G 186 30.57 -46.52 -18.12
C VAL G 186 30.80 -46.09 -19.58
N GLY G 187 30.63 -44.81 -19.88
CA GLY G 187 30.91 -44.33 -21.21
C GLY G 187 32.35 -44.53 -21.63
N LEU G 188 33.28 -44.41 -20.68
CA LEU G 188 34.69 -44.61 -21.00
C LEU G 188 34.95 -46.01 -21.55
N CYS G 189 34.50 -47.03 -20.81
CA CYS G 189 34.74 -48.40 -21.24
C CYS G 189 33.93 -48.74 -22.49
N LEU G 190 32.70 -48.23 -22.58
CA LEU G 190 31.88 -48.49 -23.77
C LEU G 190 32.51 -47.90 -25.01
N CYS G 191 33.07 -46.69 -24.94
CA CYS G 191 33.74 -46.10 -26.08
C CYS G 191 35.09 -46.76 -26.37
N ARG G 192 35.81 -47.19 -25.34
CA ARG G 192 37.08 -47.86 -25.57
C ARG G 192 36.90 -49.23 -26.21
N ALA G 193 35.81 -49.93 -25.88
CA ALA G 193 35.54 -51.21 -26.52
C ALA G 193 35.29 -51.05 -28.00
N ARG G 194 34.56 -50.00 -28.39
CA ARG G 194 34.23 -49.76 -29.78
C ARG G 194 35.30 -48.95 -30.52
N ARG G 195 36.32 -48.49 -29.81
CA ARG G 195 37.47 -47.78 -30.41
C ARG G 195 37.01 -46.55 -31.20
N LEU G 196 36.04 -45.83 -30.65
CA LEU G 196 35.58 -44.60 -31.29
C LEU G 196 36.67 -43.54 -31.25
N PRO G 197 37.00 -42.89 -32.37
CA PRO G 197 38.09 -41.90 -32.39
C PRO G 197 37.70 -40.56 -31.75
N VAL G 198 37.68 -40.55 -30.42
CA VAL G 198 37.36 -39.35 -29.65
C VAL G 198 38.41 -39.18 -28.56
N ALA G 199 38.55 -37.93 -28.10
CA ALA G 199 39.46 -37.60 -27.01
C ALA G 199 38.72 -37.71 -25.70
N THR G 200 39.15 -38.63 -24.84
CA THR G 200 38.44 -38.96 -23.61
C THR G 200 39.06 -38.21 -22.43
N ILE G 201 38.25 -37.44 -21.73
CA ILE G 201 38.63 -36.78 -20.49
C ILE G 201 37.67 -37.24 -19.40
N PHE G 202 38.21 -37.61 -18.25
CA PHE G 202 37.41 -38.00 -17.10
C PHE G 202 37.80 -37.16 -15.90
N THR G 203 36.81 -36.58 -15.22
CA THR G 203 37.04 -35.73 -14.07
C THR G 203 36.15 -36.23 -12.93
N THR G 204 36.76 -36.86 -11.93
CA THR G 204 36.03 -37.29 -10.75
C THR G 204 36.11 -36.20 -9.69
N HIS G 205 34.95 -35.75 -9.22
CA HIS G 205 34.87 -34.70 -8.23
C HIS G 205 34.78 -35.23 -6.81
N ALA G 206 34.66 -36.55 -6.64
CA ALA G 206 34.60 -37.14 -5.31
C ALA G 206 34.88 -38.63 -5.43
N THR G 207 35.98 -39.07 -4.83
CA THR G 207 36.25 -40.50 -4.72
C THR G 207 35.30 -41.07 -3.68
N LEU G 208 34.21 -41.68 -4.15
CA LEU G 208 33.13 -42.12 -3.25
C LEU G 208 33.63 -43.13 -2.23
N LEU G 209 34.65 -43.92 -2.59
CA LEU G 209 35.22 -44.85 -1.62
C LEU G 209 35.78 -44.11 -0.42
N GLY G 210 36.46 -42.98 -0.67
CA GLY G 210 36.92 -42.14 0.43
C GLY G 210 35.76 -41.62 1.27
N ARG G 211 34.67 -41.22 0.62
CA ARG G 211 33.50 -40.73 1.34
C ARG G 211 32.95 -41.79 2.29
N TYR G 212 32.83 -43.03 1.80
CA TYR G 212 32.22 -44.08 2.60
C TYR G 212 33.17 -44.70 3.63
N LEU G 213 34.49 -44.57 3.44
CA LEU G 213 35.41 -44.91 4.53
C LEU G 213 35.47 -43.82 5.60
N CYS G 214 35.37 -42.55 5.20
CA CYS G 214 35.41 -41.49 6.21
C CYS G 214 34.17 -41.48 7.10
N ALA G 215 33.09 -42.12 6.68
CA ALA G 215 31.91 -42.29 7.52
C ALA G 215 31.92 -43.60 8.29
N GLY G 216 32.97 -44.39 8.17
CA GLY G 216 33.04 -45.69 8.82
C GLY G 216 33.72 -45.65 10.17
N ALA G 217 33.82 -44.46 10.77
CA ALA G 217 34.45 -44.26 12.08
C ALA G 217 35.88 -44.78 12.10
N VAL G 218 36.62 -44.54 11.03
CA VAL G 218 38.01 -44.93 10.90
C VAL G 218 38.80 -43.75 10.35
N ASP G 219 40.00 -43.54 10.89
CA ASP G 219 40.84 -42.45 10.42
C ASP G 219 41.23 -42.67 8.96
N PHE G 220 41.29 -41.58 8.19
CA PHE G 220 41.47 -41.68 6.76
C PHE G 220 42.63 -40.81 6.28
N TYR G 221 42.94 -39.75 7.03
CA TYR G 221 43.96 -38.80 6.59
C TYR G 221 45.33 -39.06 7.21
N ASN G 222 45.41 -39.80 8.31
CA ASN G 222 46.70 -40.13 8.90
C ASN G 222 47.54 -40.98 7.95
N ASN G 223 46.91 -41.97 7.32
CA ASN G 223 47.56 -42.82 6.32
C ASN G 223 46.65 -42.98 5.12
N LEU G 224 47.26 -43.18 3.96
CA LEU G 224 46.50 -43.40 2.73
C LEU G 224 47.05 -44.61 1.97
N GLU G 225 48.33 -44.90 2.17
CA GLU G 225 48.99 -46.00 1.47
C GLU G 225 48.78 -47.35 2.15
N ASN G 226 48.17 -47.37 3.33
CA ASN G 226 47.94 -48.61 4.06
C ASN G 226 46.55 -49.19 3.81
N PHE G 227 45.74 -48.57 2.95
CA PHE G 227 44.41 -49.07 2.66
C PHE G 227 44.47 -50.22 1.65
N ASN G 228 43.62 -51.22 1.87
CA ASN G 228 43.43 -52.32 0.95
C ASN G 228 42.09 -52.07 0.25
N VAL G 229 42.15 -51.68 -1.03
CA VAL G 229 40.94 -51.24 -1.72
C VAL G 229 39.98 -52.40 -1.95
N ASP G 230 40.49 -53.57 -2.34
CA ASP G 230 39.59 -54.68 -2.65
C ASP G 230 38.92 -55.23 -1.39
N LYS G 231 39.66 -55.30 -0.29
CA LYS G 231 39.07 -55.76 0.97
C LYS G 231 37.97 -54.82 1.44
N GLU G 232 38.21 -53.51 1.35
CA GLU G 232 37.21 -52.55 1.81
C GLU G 232 36.01 -52.50 0.88
N ALA G 233 36.21 -52.69 -0.42
CA ALA G 233 35.13 -52.64 -1.39
C ALA G 233 34.29 -53.91 -1.28
N GLY G 234 33.02 -53.76 -0.91
CA GLY G 234 32.10 -54.87 -0.89
C GLY G 234 31.42 -55.09 0.45
N GLU G 235 32.18 -54.97 1.54
CA GLU G 235 31.55 -54.95 2.86
C GLU G 235 30.69 -53.71 3.03
N ARG G 236 31.16 -52.58 2.53
CA ARG G 236 30.37 -51.37 2.40
C ARG G 236 29.87 -51.16 0.99
N GLN G 237 29.99 -52.19 0.14
CA GLN G 237 29.77 -52.14 -1.32
C GLN G 237 30.87 -51.36 -2.00
N ILE G 238 30.53 -50.60 -3.04
CA ILE G 238 31.47 -49.86 -3.88
C ILE G 238 32.54 -50.82 -4.40
N TYR G 239 32.13 -51.99 -4.89
CA TYR G 239 33.09 -52.85 -5.58
C TYR G 239 32.98 -52.69 -7.09
N HIS G 240 31.79 -52.89 -7.64
CA HIS G 240 31.60 -52.63 -9.06
C HIS G 240 31.83 -51.16 -9.39
N ARG G 241 31.38 -50.26 -8.51
CA ARG G 241 31.62 -48.84 -8.72
C ARG G 241 33.10 -48.52 -8.72
N TYR G 242 33.85 -49.07 -7.76
CA TYR G 242 35.29 -48.85 -7.72
C TYR G 242 35.97 -49.42 -8.96
N CYS G 243 35.57 -50.62 -9.38
CA CYS G 243 36.20 -51.24 -10.54
C CYS G 243 35.96 -50.41 -11.79
N MET G 244 34.73 -49.95 -12.00
CA MET G 244 34.45 -49.17 -13.20
C MET G 244 35.10 -47.79 -13.12
N GLU G 245 35.19 -47.21 -11.93
CA GLU G 245 35.88 -45.94 -11.78
C GLU G 245 37.36 -46.07 -12.13
N ARG G 246 38.01 -47.11 -11.64
CA ARG G 246 39.43 -47.28 -11.92
C ARG G 246 39.65 -47.66 -13.39
N ALA G 247 38.74 -48.44 -13.97
CA ALA G 247 38.83 -48.75 -15.40
C ALA G 247 38.71 -47.49 -16.24
N ALA G 248 37.77 -46.61 -15.88
CA ALA G 248 37.63 -45.34 -16.60
C ALA G 248 38.88 -44.48 -16.42
N ALA G 249 39.43 -44.44 -15.20
CA ALA G 249 40.63 -43.64 -14.96
C ALA G 249 41.81 -44.16 -15.77
N HIS G 250 41.96 -45.48 -15.87
CA HIS G 250 43.06 -46.05 -16.63
C HIS G 250 42.88 -45.84 -18.12
N CYS G 251 41.66 -46.08 -18.63
CA CYS G 251 41.41 -46.03 -20.07
C CYS G 251 41.21 -44.60 -20.59
N ALA G 252 40.87 -43.65 -19.72
CA ALA G 252 40.69 -42.28 -20.17
C ALA G 252 42.02 -41.69 -20.61
N HIS G 253 41.99 -40.97 -21.73
CA HIS G 253 43.20 -40.33 -22.23
C HIS G 253 43.70 -39.26 -21.26
N VAL G 254 42.78 -38.47 -20.70
CA VAL G 254 43.11 -37.43 -19.74
C VAL G 254 42.30 -37.65 -18.47
N PHE G 255 43.00 -37.74 -17.34
CA PHE G 255 42.32 -37.92 -16.03
C PHE G 255 42.49 -36.60 -15.26
N THR G 256 41.46 -36.18 -14.53
CA THR G 256 41.51 -34.86 -13.83
C THR G 256 40.77 -35.00 -12.50
N THR G 257 41.10 -34.15 -11.52
CA THR G 257 40.41 -34.17 -10.21
C THR G 257 40.12 -32.72 -9.78
N VAL G 258 39.29 -32.54 -8.75
CA VAL G 258 38.90 -31.15 -8.33
C VAL G 258 40.07 -30.40 -7.69
N SER G 259 40.54 -30.82 -6.51
CA SER G 259 41.58 -30.03 -5.82
C SER G 259 42.91 -30.79 -5.81
N GLN G 260 43.96 -30.16 -5.26
CA GLN G 260 45.28 -30.84 -5.15
C GLN G 260 45.13 -32.00 -4.17
N ILE G 261 44.34 -31.79 -3.10
CA ILE G 261 44.10 -32.86 -2.09
C ILE G 261 43.36 -34.03 -2.76
N THR G 262 42.51 -33.72 -3.75
CA THR G 262 41.77 -34.79 -4.48
C THR G 262 42.77 -35.67 -5.24
N ALA G 263 43.68 -35.05 -5.98
CA ALA G 263 44.71 -35.78 -6.72
C ALA G 263 45.52 -36.67 -5.80
N ILE G 264 45.70 -36.26 -4.55
CA ILE G 264 46.50 -37.02 -3.59
C ILE G 264 45.85 -38.37 -3.34
N GLU G 265 44.54 -38.39 -3.06
CA GLU G 265 43.96 -39.72 -2.83
C GLU G 265 43.72 -40.44 -4.15
N ALA G 266 43.57 -39.68 -5.25
CA ALA G 266 43.38 -40.31 -6.55
C ALA G 266 44.59 -41.12 -6.99
N GLN G 267 45.79 -40.56 -6.85
CA GLN G 267 46.99 -41.28 -7.24
C GLN G 267 47.37 -42.36 -6.24
N HIS G 268 46.95 -42.23 -4.98
CA HIS G 268 47.28 -43.20 -3.94
C HIS G 268 46.26 -44.31 -3.81
N LEU G 269 45.08 -44.17 -4.41
CA LEU G 269 44.02 -45.16 -4.31
C LEU G 269 43.62 -45.71 -5.67
N LEU G 270 43.36 -44.85 -6.65
CA LEU G 270 43.04 -45.30 -8.00
C LEU G 270 44.28 -45.63 -8.82
N LYS G 271 45.47 -45.29 -8.32
CA LYS G 271 46.74 -45.57 -9.01
C LYS G 271 46.76 -44.96 -10.40
N ARG G 272 46.21 -43.75 -10.51
CA ARG G 272 46.22 -43.02 -11.79
C ARG G 272 46.32 -41.54 -11.45
N LYS G 273 47.53 -41.00 -11.52
CA LYS G 273 47.75 -39.61 -11.16
C LYS G 273 47.07 -38.69 -12.18
N PRO G 274 46.23 -37.76 -11.73
CA PRO G 274 45.57 -36.85 -12.68
C PRO G 274 46.59 -36.04 -13.48
N ASP G 275 46.25 -35.79 -14.75
CA ASP G 275 47.14 -35.02 -15.62
C ASP G 275 47.33 -33.60 -15.10
N ILE G 276 46.25 -32.96 -14.64
CA ILE G 276 46.31 -31.59 -14.16
C ILE G 276 45.19 -31.38 -13.16
N VAL G 277 45.40 -30.47 -12.22
CA VAL G 277 44.38 -30.12 -11.24
C VAL G 277 43.44 -29.10 -11.84
N THR G 278 42.14 -29.27 -11.58
CA THR G 278 41.10 -28.41 -12.16
C THR G 278 40.21 -27.89 -11.04
N PRO G 279 40.60 -26.78 -10.41
CA PRO G 279 39.77 -26.22 -9.34
C PRO G 279 38.40 -25.78 -9.85
N ASN G 280 37.41 -25.91 -8.98
CA ASN G 280 36.03 -25.59 -9.34
C ASN G 280 35.77 -24.11 -9.15
N GLY G 281 35.21 -23.46 -10.18
CA GLY G 281 34.90 -22.06 -10.14
C GLY G 281 33.42 -21.77 -10.00
N LEU G 282 33.09 -20.49 -10.13
CA LEU G 282 31.70 -20.03 -10.02
C LEU G 282 31.50 -18.85 -10.97
N ASN G 283 30.24 -18.67 -11.39
CA ASN G 283 29.85 -17.52 -12.20
C ASN G 283 29.45 -16.40 -11.25
N VAL G 284 30.42 -15.54 -10.91
CA VAL G 284 30.15 -14.45 -10.00
C VAL G 284 29.23 -13.44 -10.67
N LYS G 285 28.26 -12.93 -9.91
CA LYS G 285 27.33 -11.93 -10.39
C LYS G 285 27.89 -10.56 -10.07
N LYS G 286 28.49 -9.92 -11.06
CA LYS G 286 29.08 -8.60 -10.87
C LYS G 286 27.99 -7.54 -10.90
N PHE G 287 28.05 -6.60 -9.97
CA PHE G 287 27.10 -5.50 -9.89
C PHE G 287 27.78 -4.19 -10.27
N SER G 288 26.97 -3.22 -10.70
CA SER G 288 27.51 -1.93 -11.11
C SER G 288 28.14 -1.18 -9.94
N ALA G 289 27.83 -1.55 -8.70
CA ALA G 289 28.43 -0.94 -7.53
C ALA G 289 29.04 -2.03 -6.66
N MET G 290 30.12 -1.66 -5.96
CA MET G 290 30.85 -2.62 -5.16
C MET G 290 30.04 -3.08 -3.94
N HIS G 291 29.20 -2.21 -3.41
CA HIS G 291 28.51 -2.44 -2.14
C HIS G 291 27.13 -3.05 -2.30
N GLU G 292 26.72 -3.41 -3.52
CA GLU G 292 25.36 -3.93 -3.72
C GLU G 292 25.14 -5.23 -2.97
N PHE G 293 26.18 -6.03 -2.79
CA PHE G 293 26.02 -7.25 -2.01
C PHE G 293 25.70 -6.94 -0.55
N GLN G 294 26.16 -5.79 -0.05
CA GLN G 294 25.77 -5.36 1.30
C GLN G 294 24.28 -5.07 1.37
N ASN G 295 23.73 -4.39 0.36
CA ASN G 295 22.30 -4.13 0.33
C ASN G 295 21.50 -5.41 0.21
N LEU G 296 21.97 -6.35 -0.60
CA LEU G 296 21.31 -7.65 -0.70
C LEU G 296 21.33 -8.37 0.64
N HIS G 297 22.47 -8.30 1.34
CA HIS G 297 22.56 -8.88 2.68
C HIS G 297 21.57 -8.23 3.62
N ALA G 298 21.43 -6.91 3.55
CA ALA G 298 20.49 -6.21 4.42
C ALA G 298 19.06 -6.66 4.17
N GLN G 299 18.65 -6.72 2.91
CA GLN G 299 17.29 -7.13 2.59
C GLN G 299 17.03 -8.58 3.01
N SER G 300 17.98 -9.46 2.72
CA SER G 300 17.81 -10.87 3.06
C SER G 300 17.80 -11.08 4.57
N LYS G 301 18.63 -10.32 5.30
CA LYS G 301 18.60 -10.38 6.76
C LYS G 301 17.29 -9.85 7.31
N ALA G 302 16.70 -8.85 6.66
CA ALA G 302 15.36 -8.40 7.06
C ALA G 302 14.35 -9.53 6.89
N ARG G 303 14.42 -10.26 5.78
CA ARG G 303 13.50 -11.39 5.59
C ARG G 303 13.74 -12.47 6.63
N ILE G 304 15.00 -12.76 6.94
CA ILE G 304 15.30 -13.74 7.99
C ILE G 304 14.81 -13.25 9.35
N GLN G 305 14.89 -11.94 9.59
CA GLN G 305 14.37 -11.37 10.83
C GLN G 305 12.86 -11.55 10.92
N GLU G 306 12.15 -11.37 9.79
CA GLU G 306 10.72 -11.64 9.78
C GLU G 306 10.43 -13.10 10.11
N PHE G 307 11.21 -14.02 9.53
CA PHE G 307 11.03 -15.43 9.86
C PHE G 307 11.29 -15.70 11.33
N VAL G 308 12.33 -15.08 11.89
CA VAL G 308 12.67 -15.28 13.30
C VAL G 308 11.57 -14.75 14.20
N ARG G 309 11.04 -13.56 13.88
CA ARG G 309 9.93 -13.02 14.64
C ARG G 309 8.73 -13.95 14.58
N GLY G 310 8.48 -14.55 13.42
CA GLY G 310 7.42 -15.54 13.32
C GLY G 310 7.67 -16.76 14.20
N HIS G 311 8.89 -17.29 14.15
CA HIS G 311 9.20 -18.51 14.89
C HIS G 311 9.22 -18.26 16.39
N PHE G 312 9.85 -17.17 16.83
CA PHE G 312 9.94 -16.85 18.25
C PHE G 312 8.87 -15.82 18.61
N TYR G 313 7.61 -16.26 18.53
CA TYR G 313 6.50 -15.40 18.91
C TYR G 313 6.14 -15.66 20.38
N GLY G 314 5.94 -14.58 21.12
CA GLY G 314 5.78 -14.68 22.56
C GLY G 314 7.06 -14.90 23.32
N HIS G 315 8.21 -14.89 22.62
CA HIS G 315 9.51 -15.10 23.25
C HIS G 315 10.55 -14.14 22.69
N LEU G 316 10.13 -12.97 22.21
CA LEU G 316 11.05 -11.98 21.68
C LEU G 316 11.64 -11.14 22.81
N ASP G 317 12.33 -11.82 23.72
CA ASP G 317 12.97 -11.19 24.87
C ASP G 317 14.42 -10.81 24.61
N PHE G 318 14.92 -11.01 23.40
CA PHE G 318 16.30 -10.68 23.05
C PHE G 318 16.32 -9.64 21.94
N ASN G 319 17.29 -8.74 22.01
CA ASN G 319 17.45 -7.72 20.98
C ASN G 319 17.75 -8.38 19.64
N LEU G 320 17.05 -7.94 18.60
CA LEU G 320 17.28 -8.46 17.26
C LEU G 320 18.41 -7.76 16.52
N ASP G 321 18.86 -6.61 17.01
CA ASP G 321 20.03 -5.95 16.44
C ASP G 321 21.33 -6.60 16.89
N LYS G 322 21.29 -7.39 17.97
CA LYS G 322 22.44 -8.14 18.45
C LYS G 322 22.36 -9.60 18.05
N THR G 323 21.61 -9.93 17.00
CA THR G 323 21.41 -11.30 16.57
C THR G 323 22.25 -11.58 15.34
N LEU G 324 23.03 -12.66 15.39
CA LEU G 324 23.88 -13.10 14.30
C LEU G 324 23.37 -14.45 13.78
N TYR G 325 23.33 -14.59 12.46
CA TYR G 325 22.77 -15.77 11.81
C TYR G 325 23.89 -16.61 11.25
N PHE G 326 24.18 -17.73 11.91
CA PHE G 326 25.10 -18.74 11.41
C PHE G 326 24.30 -19.84 10.73
N PHE G 327 24.95 -20.56 9.83
CA PHE G 327 24.26 -21.64 9.13
C PHE G 327 25.28 -22.64 8.60
N ILE G 328 24.84 -23.88 8.47
CA ILE G 328 25.60 -24.94 7.80
C ILE G 328 24.65 -25.64 6.85
N ALA G 329 25.00 -25.64 5.56
CA ALA G 329 24.12 -26.15 4.52
C ALA G 329 24.78 -27.35 3.83
N GLY G 330 24.13 -27.84 2.79
CA GLY G 330 24.61 -28.98 2.04
C GLY G 330 23.82 -30.24 2.33
N ARG G 331 24.30 -31.34 1.78
CA ARG G 331 23.64 -32.62 1.98
C ARG G 331 23.77 -33.09 3.43
N TYR G 332 22.83 -33.94 3.83
CA TYR G 332 22.73 -34.38 5.23
C TYR G 332 23.76 -35.46 5.50
N GLU G 333 25.01 -35.02 5.69
CA GLU G 333 26.08 -35.87 6.20
C GLU G 333 26.51 -35.30 7.55
N PHE G 334 26.40 -36.12 8.60
CA PHE G 334 26.68 -35.63 9.95
C PHE G 334 28.17 -35.47 10.19
N SER G 335 28.92 -36.57 10.10
CA SER G 335 30.34 -36.56 10.40
C SER G 335 31.19 -36.07 9.23
N ASN G 336 30.64 -35.97 8.03
CA ASN G 336 31.41 -35.53 6.87
C ASN G 336 31.28 -34.03 6.63
N LYS G 337 30.08 -33.48 6.75
CA LYS G 337 29.88 -32.04 6.60
C LYS G 337 30.22 -31.26 7.86
N GLY G 338 30.54 -31.95 8.96
CA GLY G 338 30.92 -31.28 10.19
C GLY G 338 29.77 -30.62 10.91
N ALA G 339 28.76 -31.40 11.26
CA ALA G 339 27.63 -30.89 12.02
C ALA G 339 27.73 -31.17 13.51
N ASP G 340 28.41 -32.25 13.90
CA ASP G 340 28.59 -32.53 15.32
C ASP G 340 29.52 -31.50 15.97
N VAL G 341 30.64 -31.20 15.32
CA VAL G 341 31.57 -30.22 15.87
C VAL G 341 30.95 -28.84 15.90
N PHE G 342 30.14 -28.50 14.89
CA PHE G 342 29.46 -27.22 14.89
C PHE G 342 28.49 -27.12 16.05
N LEU G 343 27.76 -28.20 16.36
CA LEU G 343 26.81 -28.15 17.46
C LEU G 343 27.52 -28.10 18.81
N GLU G 344 28.64 -28.83 18.95
CA GLU G 344 29.43 -28.71 20.18
C GLU G 344 29.95 -27.30 20.36
N ALA G 345 30.44 -26.68 19.29
CA ALA G 345 30.91 -25.31 19.36
C ALA G 345 29.77 -24.34 19.67
N LEU G 346 28.57 -24.61 19.14
CA LEU G 346 27.42 -23.78 19.45
C LEU G 346 27.07 -23.87 20.93
N ALA G 347 27.09 -25.07 21.50
CA ALA G 347 26.81 -25.22 22.93
C ALA G 347 27.86 -24.51 23.77
N ARG G 348 29.14 -24.65 23.41
CA ARG G 348 30.19 -23.98 24.16
C ARG G 348 30.07 -22.46 24.05
N LEU G 349 29.79 -21.96 22.85
CA LEU G 349 29.62 -20.52 22.67
C LEU G 349 28.42 -20.01 23.45
N ASN G 350 27.35 -20.80 23.52
CA ASN G 350 26.22 -20.44 24.36
C ASN G 350 26.63 -20.34 25.82
N TYR G 351 27.44 -21.29 26.29
CA TYR G 351 27.90 -21.24 27.68
C TYR G 351 28.72 -20.00 27.95
N LEU G 352 29.67 -19.68 27.05
CA LEU G 352 30.48 -18.47 27.24
C LEU G 352 29.63 -17.20 27.17
N LEU G 353 28.67 -17.14 26.24
CA LEU G 353 27.83 -15.95 26.16
C LEU G 353 26.94 -15.80 27.38
N ARG G 354 26.51 -16.91 27.99
CA ARG G 354 25.71 -16.84 29.21
C ARG G 354 26.56 -16.39 30.39
N VAL G 355 27.75 -16.97 30.55
CA VAL G 355 28.59 -16.62 31.70
C VAL G 355 29.26 -15.27 31.54
N ASN G 356 29.29 -14.72 30.32
CA ASN G 356 29.88 -13.42 30.10
C ASN G 356 28.88 -12.27 30.23
N GLY G 357 27.60 -12.57 30.42
CA GLY G 357 26.58 -11.54 30.53
C GLY G 357 26.45 -10.71 29.27
N SER G 358 26.41 -11.39 28.12
CA SER G 358 26.40 -10.72 26.83
C SER G 358 24.98 -10.54 26.32
N GLU G 359 24.74 -9.40 25.68
CA GLU G 359 23.47 -9.14 25.02
C GLU G 359 23.40 -9.73 23.61
N GLN G 360 24.52 -10.20 23.08
CA GLN G 360 24.52 -10.83 21.76
C GLN G 360 23.80 -12.17 21.81
N THR G 361 23.04 -12.46 20.77
CA THR G 361 22.41 -13.75 20.57
C THR G 361 22.71 -14.24 19.17
N VAL G 362 22.77 -15.56 19.01
CA VAL G 362 23.15 -16.18 17.75
C VAL G 362 22.08 -17.18 17.36
N VAL G 363 21.51 -17.01 16.16
CA VAL G 363 20.56 -17.97 15.61
C VAL G 363 21.29 -18.79 14.56
N ALA G 364 21.38 -20.09 14.80
CA ALA G 364 22.13 -21.01 13.94
C ALA G 364 21.14 -21.87 13.15
N PHE G 365 21.24 -21.80 11.83
CA PHE G 365 20.40 -22.58 10.94
C PHE G 365 21.11 -23.86 10.51
N PHE G 366 20.32 -24.89 10.27
CA PHE G 366 20.83 -26.18 9.81
C PHE G 366 20.02 -26.60 8.60
N ILE G 367 20.56 -26.35 7.41
CA ILE G 367 19.87 -26.69 6.15
C ILE G 367 20.47 -28.02 5.69
N MET G 368 19.86 -29.11 6.17
CA MET G 368 20.26 -30.46 5.77
C MET G 368 19.02 -31.27 5.45
N PRO G 369 18.80 -31.66 4.20
CA PRO G 369 17.55 -32.34 3.82
C PRO G 369 17.44 -33.71 4.47
N ALA G 370 16.43 -33.88 5.32
CA ALA G 370 16.02 -35.17 5.82
C ALA G 370 14.55 -35.35 5.48
N ARG G 371 14.13 -36.58 5.21
CA ARG G 371 12.75 -36.80 4.79
C ARG G 371 11.80 -36.41 5.92
N THR G 372 10.79 -35.64 5.58
CA THR G 372 9.74 -35.24 6.51
C THR G 372 8.40 -35.67 5.93
N ASN G 373 7.32 -35.29 6.60
CA ASN G 373 5.98 -35.46 6.03
C ASN G 373 5.32 -34.14 5.70
N ASN G 374 5.47 -33.14 6.57
CA ASN G 374 5.04 -31.76 6.33
C ASN G 374 5.63 -30.91 7.44
N PHE G 375 5.24 -29.65 7.49
CA PHE G 375 5.61 -28.80 8.60
C PHE G 375 4.89 -29.23 9.88
N ASN G 376 5.40 -28.77 11.01
CA ASN G 376 4.68 -28.96 12.26
C ASN G 376 3.75 -27.76 12.50
N VAL G 377 2.76 -27.97 13.35
CA VAL G 377 1.76 -26.92 13.59
C VAL G 377 2.39 -25.69 14.22
N GLU G 378 3.41 -25.88 15.05
CA GLU G 378 3.97 -24.76 15.80
C GLU G 378 4.59 -23.71 14.88
N THR G 379 5.34 -24.13 13.86
CA THR G 379 6.05 -23.17 13.02
C THR G 379 5.09 -22.38 12.14
N LEU G 380 4.17 -23.08 11.47
CA LEU G 380 3.17 -22.40 10.64
C LEU G 380 2.29 -21.50 11.50
N LYS G 381 1.92 -21.98 12.69
CA LYS G 381 1.15 -21.16 13.61
C LYS G 381 1.92 -19.91 14.02
N GLY G 382 3.23 -20.05 14.25
CA GLY G 382 4.04 -18.89 14.62
C GLY G 382 4.10 -17.85 13.52
N GLN G 383 4.31 -18.29 12.29
CA GLN G 383 4.26 -17.35 11.17
C GLN G 383 2.88 -16.68 11.08
N ALA G 384 1.83 -17.47 11.29
CA ALA G 384 0.48 -16.94 11.23
C ALA G 384 0.23 -15.88 12.29
N VAL G 385 0.67 -16.11 13.52
CA VAL G 385 0.43 -15.12 14.57
C VAL G 385 1.31 -13.90 14.36
N ARG G 386 2.52 -14.10 13.84
CA ARG G 386 3.37 -12.95 13.52
C ARG G 386 2.68 -12.02 12.53
N LYS G 387 2.14 -12.59 11.45
CA LYS G 387 1.48 -11.75 10.47
C LYS G 387 0.09 -11.31 10.90
N GLN G 388 -0.53 -12.01 11.86
CA GLN G 388 -1.75 -11.50 12.49
C GLN G 388 -1.46 -10.25 13.32
N LEU G 389 -0.36 -10.27 14.09
CA LEU G 389 0.09 -9.08 14.79
C LEU G 389 0.42 -7.97 13.81
N TRP G 390 1.04 -8.32 12.69
CA TRP G 390 1.32 -7.34 11.65
C TRP G 390 0.04 -6.70 11.13
N ASP G 391 -1.00 -7.51 10.92
CA ASP G 391 -2.28 -6.98 10.45
C ASP G 391 -2.95 -6.09 11.50
N THR G 392 -2.90 -6.49 12.77
CA THR G 392 -3.49 -5.68 13.83
C THR G 392 -2.79 -4.33 13.96
N ALA G 393 -1.45 -4.37 13.97
CA ALA G 393 -0.67 -3.14 13.99
C ALA G 393 -0.98 -2.29 12.77
N ASN G 394 -1.18 -2.94 11.61
CA ASN G 394 -1.54 -2.20 10.41
C ASN G 394 -2.88 -1.49 10.58
N THR G 395 -3.87 -2.18 11.14
CA THR G 395 -5.19 -1.58 11.32
C THR G 395 -5.12 -0.37 12.24
N VAL G 396 -4.48 -0.53 13.39
CA VAL G 396 -4.27 0.61 14.28
C VAL G 396 -3.50 1.70 13.55
N LYS G 397 -2.61 1.30 12.64
CA LYS G 397 -1.79 2.26 11.91
C LYS G 397 -2.63 3.09 10.95
N GLU G 398 -3.55 2.47 10.20
CA GLU G 398 -4.40 3.28 9.32
C GLU G 398 -5.33 4.17 10.13
N LYS G 399 -5.89 3.66 11.23
CA LYS G 399 -6.76 4.51 12.05
C LYS G 399 -5.99 5.72 12.58
N PHE G 400 -4.77 5.49 13.09
CA PHE G 400 -3.95 6.58 13.58
C PHE G 400 -3.58 7.55 12.46
N GLY G 401 -3.25 7.02 11.28
CA GLY G 401 -2.90 7.87 10.17
C GLY G 401 -4.05 8.75 9.71
N ARG G 402 -5.26 8.20 9.68
CA ARG G 402 -6.42 8.99 9.30
C ARG G 402 -6.70 10.08 10.34
N LYS G 403 -6.63 9.74 11.63
CA LYS G 403 -6.85 10.76 12.65
C LYS G 403 -5.77 11.84 12.59
N LEU G 404 -4.52 11.43 12.38
CA LEU G 404 -3.42 12.39 12.26
C LEU G 404 -3.58 13.26 11.03
N TYR G 405 -4.06 12.69 9.92
CA TYR G 405 -4.30 13.47 8.71
C TYR G 405 -5.40 14.50 8.96
N GLU G 406 -6.45 14.11 9.67
CA GLU G 406 -7.49 15.08 10.05
C GLU G 406 -6.90 16.20 10.90
N SER G 407 -6.08 15.85 11.88
CA SER G 407 -5.47 16.86 12.75
C SER G 407 -4.60 17.83 11.95
N LEU G 408 -3.77 17.29 11.05
CA LEU G 408 -2.90 18.15 10.25
C LEU G 408 -3.70 19.01 9.27
N LEU G 409 -4.80 18.47 8.73
CA LEU G 409 -5.66 19.28 7.88
C LEU G 409 -6.28 20.44 8.65
N VAL G 410 -6.72 20.17 9.89
CA VAL G 410 -7.27 21.23 10.72
C VAL G 410 -6.20 22.29 11.00
N GLY G 411 -4.98 21.84 11.31
CA GLY G 411 -3.89 22.72 11.64
C GLY G 411 -3.41 22.66 13.07
N SER G 412 -3.79 21.62 13.83
CA SER G 412 -3.45 21.50 15.23
C SER G 412 -2.52 20.31 15.42
N LEU G 413 -1.43 20.53 16.15
CA LEU G 413 -0.52 19.45 16.48
C LEU G 413 -1.22 18.43 17.36
N PRO G 414 -1.04 17.13 17.12
CA PRO G 414 -1.71 16.13 17.96
C PRO G 414 -1.24 16.21 19.41
N ASP G 415 -2.18 15.97 20.32
CA ASP G 415 -1.86 15.77 21.72
C ASP G 415 -1.70 14.30 22.07
N MET G 416 -1.89 13.40 21.09
CA MET G 416 -1.49 12.00 21.10
C MET G 416 -2.36 11.14 22.00
N ASN G 417 -3.28 11.71 22.77
CA ASN G 417 -4.17 10.94 23.62
C ASN G 417 -5.63 10.96 23.18
N LYS G 418 -6.01 11.86 22.28
CA LYS G 418 -7.38 11.93 21.79
C LYS G 418 -7.65 11.00 20.61
N MET G 419 -6.58 10.45 20.04
CA MET G 419 -6.74 9.63 18.80
C MET G 419 -7.21 8.22 19.16
N LEU G 420 -6.40 7.47 19.91
CA LEU G 420 -6.75 6.05 20.17
C LEU G 420 -7.86 5.91 21.21
N ASP G 421 -8.95 5.21 20.84
CA ASP G 421 -10.11 5.02 21.68
C ASP G 421 -9.98 3.72 22.46
N LYS G 422 -11.08 3.24 23.04
CA LYS G 422 -11.04 2.03 23.84
C LYS G 422 -11.05 0.76 22.99
N GLU G 423 -11.68 0.80 21.80
CA GLU G 423 -11.83 -0.42 21.00
C GLU G 423 -10.48 -0.89 20.45
N ASP G 424 -9.62 0.03 19.98
CA ASP G 424 -8.36 -0.41 19.42
C ASP G 424 -7.37 -0.84 20.49
N PHE G 425 -7.43 -0.20 21.67
CA PHE G 425 -6.70 -0.73 22.81
C PHE G 425 -7.21 -2.11 23.19
N THR G 426 -8.53 -2.31 23.10
CA THR G 426 -9.09 -3.62 23.40
C THR G 426 -8.57 -4.69 22.45
N MET G 427 -8.50 -4.38 21.15
CA MET G 427 -8.03 -5.39 20.21
C MET G 427 -6.52 -5.58 20.30
N MET G 428 -5.76 -4.54 20.64
CA MET G 428 -4.34 -4.76 20.90
C MET G 428 -4.13 -5.64 22.12
N LYS G 429 -4.92 -5.43 23.17
CA LYS G 429 -4.81 -6.31 24.34
C LYS G 429 -5.17 -7.75 23.99
N ARG G 430 -6.23 -7.93 23.19
CA ARG G 430 -6.64 -9.27 22.79
C ARG G 430 -5.56 -9.94 21.93
N ALA G 431 -4.95 -9.18 21.01
CA ALA G 431 -3.88 -9.72 20.20
C ALA G 431 -2.67 -10.11 21.05
N ILE G 432 -2.31 -9.26 22.01
CA ILE G 432 -1.17 -9.58 22.88
C ILE G 432 -1.46 -10.84 23.69
N PHE G 433 -2.68 -10.96 24.21
CA PHE G 433 -3.05 -12.16 24.96
C PHE G 433 -3.04 -13.40 24.07
N ALA G 434 -3.48 -13.25 22.82
CA ALA G 434 -3.54 -14.40 21.91
C ALA G 434 -2.15 -14.93 21.58
N THR G 435 -1.14 -14.07 21.55
CA THR G 435 0.22 -14.47 21.22
C THR G 435 1.00 -14.99 22.42
N GLN G 436 0.42 -14.99 23.60
CA GLN G 436 1.10 -15.55 24.77
C GLN G 436 1.33 -17.05 24.56
N ARG G 437 2.54 -17.49 24.89
CA ARG G 437 2.96 -18.86 24.62
C ARG G 437 3.79 -19.37 25.79
N GLN G 438 3.50 -20.59 26.21
CA GLN G 438 4.21 -21.20 27.34
C GLN G 438 5.26 -22.21 26.91
N SER G 439 5.05 -22.92 25.80
CA SER G 439 6.03 -23.85 25.30
C SER G 439 7.14 -23.11 24.56
N PHE G 440 8.31 -23.74 24.51
CA PHE G 440 9.44 -23.15 23.83
C PHE G 440 9.32 -23.33 22.32
N PRO G 441 9.89 -22.42 21.53
CA PRO G 441 9.85 -22.56 20.07
C PRO G 441 10.55 -23.83 19.63
N PRO G 442 10.05 -24.50 18.60
CA PRO G 442 10.63 -25.77 18.18
C PRO G 442 11.98 -25.58 17.49
N VAL G 443 12.78 -26.64 17.53
CA VAL G 443 14.08 -26.63 16.87
C VAL G 443 14.00 -27.07 15.41
N CYS G 444 12.94 -27.79 15.03
CA CYS G 444 12.75 -28.27 13.67
C CYS G 444 11.48 -27.68 13.09
N THR G 445 11.60 -27.04 11.92
CA THR G 445 10.45 -26.41 11.29
C THR G 445 9.50 -27.42 10.66
N HIS G 446 9.99 -28.60 10.32
CA HIS G 446 9.17 -29.63 9.67
C HIS G 446 8.86 -30.74 10.66
N ASN G 447 7.95 -31.62 10.26
CA ASN G 447 7.58 -32.81 11.03
C ASN G 447 8.30 -34.00 10.42
N MET G 448 9.42 -34.38 11.03
CA MET G 448 10.21 -35.51 10.58
C MET G 448 9.60 -36.81 11.07
N LEU G 449 9.66 -37.84 10.23
CA LEU G 449 9.04 -39.11 10.55
C LEU G 449 9.91 -39.99 11.43
N ASP G 450 11.16 -39.62 11.68
CA ASP G 450 12.04 -40.37 12.58
C ASP G 450 12.87 -39.38 13.42
N ASP G 451 12.31 -39.01 14.57
CA ASP G 451 13.00 -38.09 15.47
C ASP G 451 13.90 -38.79 16.47
N SER G 452 13.59 -40.05 16.80
CA SER G 452 14.42 -40.81 17.73
C SER G 452 15.72 -41.29 17.10
N SER G 453 15.87 -41.17 15.78
CA SER G 453 17.07 -41.65 15.09
C SER G 453 17.76 -40.54 14.31
N ASP G 454 17.30 -39.30 14.40
CA ASP G 454 17.95 -38.20 13.69
C ASP G 454 19.18 -37.75 14.47
N PRO G 455 20.37 -37.79 13.87
CA PRO G 455 21.56 -37.34 14.62
C PRO G 455 21.49 -35.89 15.08
N ILE G 456 20.98 -34.98 14.24
CA ILE G 456 20.97 -33.57 14.59
C ILE G 456 20.08 -33.30 15.79
N LEU G 457 18.85 -33.80 15.76
CA LEU G 457 17.94 -33.59 16.88
C LEU G 457 18.43 -34.31 18.13
N THR G 458 19.03 -35.49 17.97
CA THR G 458 19.56 -36.22 19.10
C THR G 458 20.65 -35.42 19.81
N THR G 459 21.63 -34.91 19.06
CA THR G 459 22.68 -34.15 19.70
C THR G 459 22.19 -32.80 20.21
N ILE G 460 21.18 -32.21 19.55
CA ILE G 460 20.61 -30.96 20.03
C ILE G 460 19.98 -31.15 21.40
N ARG G 461 19.16 -32.19 21.53
CA ARG G 461 18.55 -32.47 22.83
C ARG G 461 19.57 -32.98 23.85
N ARG G 462 20.69 -33.53 23.39
CA ARG G 462 21.73 -33.95 24.31
C ARG G 462 22.49 -32.76 24.89
N ILE G 463 22.79 -31.77 24.07
CA ILE G 463 23.59 -30.63 24.51
C ILE G 463 22.71 -29.60 25.20
N GLY G 464 21.44 -29.93 25.38
CA GLY G 464 20.52 -29.07 26.12
C GLY G 464 20.25 -27.72 25.48
N LEU G 465 19.90 -27.71 24.21
CA LEU G 465 19.57 -26.50 23.48
C LEU G 465 18.13 -26.60 23.00
N PHE G 466 17.25 -25.75 23.57
CA PHE G 466 15.83 -25.81 23.24
C PHE G 466 15.24 -24.42 23.02
N ASN G 467 16.05 -23.48 22.54
CA ASN G 467 15.61 -22.12 22.25
C ASN G 467 14.99 -21.44 23.47
N SER G 468 15.51 -21.75 24.65
CA SER G 468 14.97 -21.21 25.89
C SER G 468 15.25 -19.72 25.99
N SER G 469 14.63 -19.09 26.99
CA SER G 469 14.87 -17.67 27.24
C SER G 469 16.29 -17.42 27.71
N ALA G 470 16.83 -18.33 28.53
CA ALA G 470 18.19 -18.17 29.01
C ALA G 470 19.23 -18.51 27.96
N ASP G 471 18.87 -19.36 26.99
CA ASP G 471 19.81 -19.74 25.95
C ASP G 471 20.22 -18.53 25.12
N ARG G 472 21.53 -18.36 24.92
CA ARG G 472 22.03 -17.28 24.10
C ARG G 472 22.15 -17.66 22.63
N VAL G 473 22.06 -18.96 22.31
CA VAL G 473 22.03 -19.41 20.93
C VAL G 473 20.73 -20.19 20.71
N LYS G 474 20.13 -19.97 19.54
CA LYS G 474 18.87 -20.60 19.17
C LYS G 474 19.08 -21.37 17.89
N VAL G 475 18.76 -22.66 17.90
CA VAL G 475 19.01 -23.55 16.78
C VAL G 475 17.72 -23.77 16.01
N ILE G 476 17.78 -23.60 14.69
CA ILE G 476 16.65 -23.85 13.80
C ILE G 476 17.09 -24.86 12.75
N PHE G 477 16.50 -26.04 12.79
CA PHE G 477 16.80 -27.10 11.83
C PHE G 477 15.72 -27.09 10.75
N HIS G 478 16.12 -26.81 9.52
CA HIS G 478 15.20 -26.73 8.39
C HIS G 478 15.48 -27.90 7.46
N PRO G 479 14.92 -29.09 7.72
CA PRO G 479 15.32 -30.28 6.96
C PRO G 479 14.79 -30.29 5.54
N GLU G 480 15.21 -29.31 4.73
CA GLU G 480 14.79 -29.21 3.34
C GLU G 480 15.61 -28.12 2.67
N PHE G 481 15.83 -28.28 1.37
CA PHE G 481 16.44 -27.22 0.59
C PHE G 481 15.52 -26.00 0.56
N LEU G 482 16.11 -24.82 0.61
CA LEU G 482 15.34 -23.60 0.57
C LEU G 482 14.83 -23.34 -0.84
N SER G 483 13.63 -22.77 -0.92
CA SER G 483 13.01 -22.45 -2.19
C SER G 483 12.28 -21.12 -2.08
N SER G 484 12.16 -20.42 -3.20
CA SER G 484 11.51 -19.12 -3.23
C SER G 484 9.99 -19.21 -3.18
N THR G 485 9.43 -20.40 -3.32
CA THR G 485 7.98 -20.59 -3.31
C THR G 485 7.56 -21.52 -2.19
N SER G 486 8.14 -21.33 -1.00
CA SER G 486 7.80 -22.10 0.18
C SER G 486 6.81 -21.33 1.04
N PRO G 487 5.88 -22.03 1.70
CA PRO G 487 4.90 -21.32 2.55
C PRO G 487 5.55 -20.48 3.63
N LEU G 488 6.67 -20.94 4.20
CA LEU G 488 7.48 -20.14 5.09
C LEU G 488 8.91 -20.12 4.58
N LEU G 489 9.63 -19.04 4.89
CA LEU G 489 10.95 -18.77 4.34
C LEU G 489 10.89 -18.74 2.82
N PRO G 490 10.24 -17.73 2.22
CA PRO G 490 10.15 -17.62 0.76
C PRO G 490 11.43 -17.08 0.12
N VAL G 491 12.57 -17.68 0.48
CA VAL G 491 13.87 -17.27 -0.02
C VAL G 491 14.55 -18.48 -0.63
N ASP G 492 15.14 -18.30 -1.81
CA ASP G 492 16.01 -19.33 -2.36
C ASP G 492 17.33 -19.34 -1.60
N TYR G 493 18.15 -20.34 -1.89
CA TYR G 493 19.36 -20.58 -1.10
C TYR G 493 20.31 -19.39 -1.14
N GLU G 494 20.51 -18.81 -2.34
CA GLU G 494 21.49 -17.73 -2.47
C GLU G 494 21.07 -16.51 -1.65
N GLU G 495 19.79 -16.16 -1.69
CA GLU G 495 19.31 -15.01 -0.92
C GLU G 495 19.46 -15.24 0.57
N PHE G 496 19.11 -16.43 1.05
CA PHE G 496 19.25 -16.74 2.47
C PHE G 496 20.71 -16.68 2.90
N VAL G 497 21.61 -17.22 2.08
CA VAL G 497 23.03 -17.17 2.42
C VAL G 497 23.52 -15.73 2.45
N ARG G 498 23.05 -14.91 1.50
CA ARG G 498 23.38 -13.49 1.54
C ARG G 498 22.89 -12.84 2.82
N GLY G 499 21.76 -13.31 3.37
CA GLY G 499 21.23 -12.73 4.59
C GLY G 499 21.95 -13.12 5.86
N CYS G 500 22.63 -14.26 5.87
CA CYS G 500 23.28 -14.72 7.08
C CYS G 500 24.53 -13.89 7.37
N HIS G 501 25.18 -14.19 8.49
CA HIS G 501 26.36 -13.45 8.92
C HIS G 501 27.65 -14.26 8.83
N LEU G 502 27.58 -15.58 8.97
CA LEU G 502 28.78 -16.41 8.97
C LEU G 502 28.39 -17.83 8.61
N GLY G 503 29.01 -18.38 7.56
CA GLY G 503 28.76 -19.75 7.18
C GLY G 503 29.82 -20.69 7.74
N VAL G 504 29.42 -21.57 8.65
CA VAL G 504 30.34 -22.48 9.31
C VAL G 504 30.22 -23.83 8.62
N PHE G 505 31.30 -24.25 7.96
CA PHE G 505 31.36 -25.53 7.26
C PHE G 505 32.61 -26.28 7.69
N PRO G 506 32.65 -26.78 8.93
CA PRO G 506 33.82 -27.54 9.40
C PRO G 506 33.81 -28.99 8.91
N SER G 507 33.78 -29.15 7.59
CA SER G 507 33.65 -30.47 7.00
C SER G 507 34.92 -31.27 7.18
N TYR G 508 34.78 -32.52 7.64
CA TYR G 508 35.94 -33.39 7.83
C TYR G 508 36.46 -33.89 6.49
N TYR G 509 35.61 -34.60 5.74
CA TYR G 509 35.98 -35.11 4.41
C TYR G 509 34.99 -34.57 3.38
N GLU G 510 35.49 -33.73 2.49
CA GLU G 510 34.76 -33.38 1.28
C GLU G 510 35.78 -32.85 0.28
N PRO G 511 35.68 -33.22 -0.99
CA PRO G 511 36.75 -32.90 -1.94
C PRO G 511 37.04 -31.41 -2.10
N TRP G 512 36.06 -30.62 -2.53
CA TRP G 512 36.29 -29.20 -2.77
C TRP G 512 35.48 -28.30 -1.84
N GLY G 513 34.16 -28.38 -1.86
CA GLY G 513 33.34 -27.51 -1.05
C GLY G 513 32.77 -26.34 -1.82
N TYR G 514 31.50 -26.42 -2.21
CA TYR G 514 30.87 -25.31 -2.91
C TYR G 514 30.29 -24.27 -1.96
N THR G 515 29.64 -24.71 -0.88
CA THR G 515 28.94 -23.75 -0.02
C THR G 515 29.85 -22.62 0.48
N PRO G 516 31.05 -22.88 1.01
CA PRO G 516 31.93 -21.74 1.35
C PRO G 516 32.34 -20.93 0.13
N ALA G 517 32.42 -21.57 -1.04
CA ALA G 517 32.84 -20.83 -2.23
C ALA G 517 31.86 -19.72 -2.57
N GLU G 518 30.57 -20.04 -2.68
CA GLU G 518 29.60 -18.96 -2.93
C GLU G 518 29.35 -18.12 -1.70
N CYS G 519 29.61 -18.61 -0.49
CA CYS G 519 29.57 -17.72 0.67
C CYS G 519 30.59 -16.59 0.52
N THR G 520 31.81 -16.94 0.11
CA THR G 520 32.83 -15.92 -0.08
C THR G 520 32.59 -15.11 -1.36
N VAL G 521 31.97 -15.70 -2.37
CA VAL G 521 31.62 -14.97 -3.58
C VAL G 521 30.59 -13.89 -3.26
N MET G 522 29.61 -14.22 -2.42
CA MET G 522 28.56 -13.29 -2.05
C MET G 522 28.94 -12.41 -0.87
N GLY G 523 30.15 -12.55 -0.34
CA GLY G 523 30.67 -11.66 0.68
C GLY G 523 30.56 -12.14 2.11
N ILE G 524 29.96 -13.31 2.33
CA ILE G 524 29.76 -13.80 3.70
C ILE G 524 31.04 -14.48 4.17
N PRO G 525 31.59 -14.09 5.33
CA PRO G 525 32.73 -14.83 5.87
C PRO G 525 32.35 -16.27 6.16
N SER G 526 33.33 -17.15 6.00
CA SER G 526 33.10 -18.58 6.12
C SER G 526 34.20 -19.22 6.97
N ILE G 527 33.87 -20.38 7.53
CA ILE G 527 34.80 -21.17 8.32
C ILE G 527 35.01 -22.47 7.57
N SER G 528 36.13 -22.57 6.85
CA SER G 528 36.49 -23.76 6.10
C SER G 528 37.44 -24.62 6.92
N THR G 529 38.00 -25.65 6.30
CA THR G 529 38.94 -26.54 6.96
C THR G 529 40.13 -26.79 6.05
N ASN G 530 41.24 -27.21 6.66
CA ASN G 530 42.43 -27.57 5.90
C ASN G 530 42.31 -28.95 5.27
N LEU G 531 41.26 -29.70 5.58
CA LEU G 531 40.95 -30.95 4.91
C LEU G 531 40.03 -30.74 3.72
N SER G 532 39.69 -29.50 3.39
CA SER G 532 38.78 -29.18 2.31
C SER G 532 39.54 -28.65 1.11
N GLY G 533 38.98 -28.88 -0.08
CA GLY G 533 39.59 -28.35 -1.29
C GLY G 533 39.54 -26.83 -1.35
N PHE G 534 38.44 -26.24 -0.88
CA PHE G 534 38.35 -24.78 -0.82
C PHE G 534 39.34 -24.22 0.18
N GLY G 535 39.42 -24.82 1.36
CA GLY G 535 40.37 -24.35 2.37
C GLY G 535 41.81 -24.49 1.91
N CYS G 536 42.15 -25.63 1.31
CA CYS G 536 43.50 -25.81 0.78
C CYS G 536 43.78 -24.82 -0.34
N PHE G 537 42.81 -24.60 -1.23
CA PHE G 537 43.00 -23.68 -2.34
C PHE G 537 43.25 -22.25 -1.83
N MET G 538 42.48 -21.82 -0.84
CA MET G 538 42.67 -20.48 -0.28
C MET G 538 43.85 -20.41 0.68
N GLU G 539 44.41 -21.55 1.08
CA GLU G 539 45.53 -21.55 2.03
C GLU G 539 46.78 -20.95 1.43
N GLU G 540 47.17 -21.41 0.23
CA GLU G 540 48.42 -20.98 -0.39
C GLU G 540 48.22 -19.89 -1.43
N HIS G 541 46.99 -19.39 -1.60
CA HIS G 541 46.74 -18.30 -2.54
C HIS G 541 46.74 -16.94 -1.85
N ILE G 542 46.64 -16.91 -0.53
CA ILE G 542 46.57 -15.66 0.23
C ILE G 542 47.52 -15.77 1.41
N ALA G 543 48.31 -14.72 1.63
CA ALA G 543 49.16 -14.66 2.80
C ALA G 543 48.33 -14.29 4.03
N ASP G 544 48.55 -15.02 5.12
CA ASP G 544 47.84 -14.80 6.38
C ASP G 544 46.32 -14.83 6.20
N PRO G 545 45.72 -16.00 6.00
CA PRO G 545 44.25 -16.07 5.95
C PRO G 545 43.62 -15.75 7.30
N SER G 546 42.29 -15.76 7.36
CA SER G 546 41.49 -15.40 8.52
C SER G 546 41.52 -13.89 8.74
N ALA G 547 42.33 -13.18 7.96
CA ALA G 547 42.24 -11.73 7.85
C ALA G 547 41.31 -11.29 6.72
N TYR G 548 40.82 -12.25 5.92
CA TYR G 548 39.89 -11.99 4.85
C TYR G 548 38.55 -12.71 5.07
N GLY G 549 38.25 -13.06 6.32
CA GLY G 549 37.03 -13.77 6.63
C GLY G 549 37.09 -15.27 6.41
N ILE G 550 38.22 -15.81 5.97
CA ILE G 550 38.35 -17.24 5.71
C ILE G 550 38.97 -17.85 6.96
N TYR G 551 38.13 -18.24 7.91
CA TYR G 551 38.59 -18.86 9.15
C TYR G 551 38.94 -20.31 8.87
N ILE G 552 40.16 -20.54 8.40
CA ILE G 552 40.62 -21.90 8.15
C ILE G 552 40.79 -22.62 9.48
N LEU G 553 40.18 -23.80 9.59
CA LEU G 553 40.17 -24.56 10.84
C LEU G 553 40.93 -25.85 10.62
N ASP G 554 41.94 -26.09 11.45
CA ASP G 554 42.80 -27.26 11.31
C ASP G 554 42.09 -28.48 11.88
N ARG G 555 41.89 -29.49 11.03
CA ARG G 555 41.31 -30.77 11.47
C ARG G 555 42.24 -31.95 11.20
N ARG G 556 43.40 -31.72 10.60
CA ARG G 556 44.33 -32.81 10.28
C ARG G 556 45.36 -33.02 11.39
N PHE G 557 45.90 -31.93 11.95
CA PHE G 557 46.91 -32.01 12.99
C PHE G 557 46.34 -31.83 14.40
N ARG G 558 45.02 -31.83 14.54
CA ARG G 558 44.38 -31.61 15.83
C ARG G 558 43.34 -32.70 16.07
N SER G 559 43.11 -32.99 17.35
CA SER G 559 42.09 -33.95 17.74
C SER G 559 40.70 -33.33 17.62
N LEU G 560 39.68 -34.16 17.84
CA LEU G 560 38.30 -33.69 17.71
C LEU G 560 38.00 -32.60 18.75
N ASP G 561 38.41 -32.82 19.99
CA ASP G 561 38.16 -31.85 21.05
C ASP G 561 38.89 -30.54 20.78
N ASP G 562 40.14 -30.62 20.32
CA ASP G 562 40.89 -29.41 20.01
C ASP G 562 40.27 -28.66 18.84
N SER G 563 39.78 -29.39 17.83
CA SER G 563 39.09 -28.75 16.72
C SER G 563 37.81 -28.06 17.20
N CYS G 564 37.07 -28.71 18.09
CA CYS G 564 35.87 -28.07 18.64
C CYS G 564 36.22 -26.81 19.42
N SER G 565 37.31 -26.85 20.20
CA SER G 565 37.73 -25.68 20.95
C SER G 565 38.14 -24.54 20.01
N GLN G 566 38.85 -24.87 18.93
CA GLN G 566 39.23 -23.84 17.96
C GLN G 566 38.00 -23.26 17.27
N LEU G 567 37.02 -24.10 16.95
CA LEU G 567 35.78 -23.59 16.35
C LEU G 567 35.05 -22.67 17.32
N THR G 568 35.01 -23.04 18.60
CA THR G 568 34.38 -22.18 19.59
C THR G 568 35.11 -20.84 19.70
N SER G 569 36.45 -20.87 19.66
CA SER G 569 37.21 -19.64 19.71
C SER G 569 36.93 -18.77 18.48
N PHE G 570 36.83 -19.39 17.31
CA PHE G 570 36.52 -18.63 16.10
C PHE G 570 35.14 -18.01 16.18
N LEU G 571 34.14 -18.77 16.66
CA LEU G 571 32.79 -18.24 16.79
C LEU G 571 32.75 -17.08 17.78
N TYR G 572 33.42 -17.22 18.93
CA TYR G 572 33.43 -16.14 19.91
C TYR G 572 34.13 -14.91 19.34
N SER G 573 35.24 -15.10 18.64
CA SER G 573 35.95 -13.97 18.05
C SER G 573 35.08 -13.25 17.03
N PHE G 574 34.31 -14.00 16.23
CA PHE G 574 33.35 -13.36 15.34
C PHE G 574 32.28 -12.61 16.13
N CYS G 575 31.87 -13.17 17.27
CA CYS G 575 30.82 -12.53 18.06
C CYS G 575 31.29 -11.20 18.65
N GLN G 576 32.55 -11.11 19.07
CA GLN G 576 33.01 -9.92 19.79
C GLN G 576 33.12 -8.68 18.91
N GLN G 577 33.35 -8.84 17.61
CA GLN G 577 33.55 -7.67 16.76
C GLN G 577 32.23 -6.95 16.50
N SER G 578 32.32 -5.63 16.36
CA SER G 578 31.15 -4.78 16.24
C SER G 578 30.62 -4.79 14.80
N ARG G 579 29.62 -3.94 14.53
CA ARG G 579 29.01 -3.89 13.21
C ARG G 579 30.00 -3.39 12.16
N ARG G 580 30.79 -2.36 12.49
CA ARG G 580 31.76 -1.84 11.54
C ARG G 580 32.79 -2.90 11.16
N GLN G 581 33.26 -3.66 12.14
CA GLN G 581 34.22 -4.73 11.86
C GLN G 581 33.59 -5.81 11.00
N ARG G 582 32.32 -6.14 11.25
CA ARG G 582 31.63 -7.13 10.43
C ARG G 582 31.51 -6.65 8.99
N ILE G 583 31.17 -5.38 8.79
CA ILE G 583 31.05 -4.83 7.44
C ILE G 583 32.40 -4.86 6.73
N ILE G 584 33.47 -4.47 7.42
CA ILE G 584 34.79 -4.48 6.83
C ILE G 584 35.21 -5.91 6.47
N GLN G 585 34.92 -6.86 7.36
CA GLN G 585 35.25 -8.25 7.10
C GLN G 585 34.49 -8.79 5.89
N ARG G 586 33.21 -8.41 5.76
CA ARG G 586 32.44 -8.84 4.60
C ARG G 586 33.02 -8.24 3.32
N ASN G 587 33.46 -6.98 3.38
CA ASN G 587 34.11 -6.38 2.21
C ASN G 587 35.37 -7.15 1.82
N ARG G 588 36.20 -7.47 2.81
CA ARG G 588 37.44 -8.19 2.53
CA ARG G 588 37.44 -8.19 2.53
C ARG G 588 37.15 -9.58 1.97
N THR G 589 36.14 -10.27 2.53
CA THR G 589 35.78 -11.59 2.02
C THR G 589 35.25 -11.50 0.59
N GLU G 590 34.45 -10.49 0.29
CA GLU G 590 33.94 -10.31 -1.06
C GLU G 590 35.06 -10.01 -2.04
N ARG G 591 36.13 -9.35 -1.59
CA ARG G 591 37.22 -9.01 -2.50
C ARG G 591 37.89 -10.25 -3.08
N LEU G 592 37.67 -11.43 -2.49
CA LEU G 592 38.32 -12.65 -2.94
C LEU G 592 37.53 -13.40 -4.01
N SER G 593 36.45 -12.80 -4.53
CA SER G 593 35.63 -13.50 -5.51
C SER G 593 36.39 -13.77 -6.80
N ASP G 594 37.38 -12.94 -7.13
CA ASP G 594 38.10 -13.10 -8.38
C ASP G 594 38.93 -14.38 -8.40
N LEU G 595 39.32 -14.89 -7.22
CA LEU G 595 40.09 -16.13 -7.18
C LEU G 595 39.27 -17.32 -7.67
N LEU G 596 37.98 -17.35 -7.34
CA LEU G 596 37.12 -18.48 -7.70
C LEU G 596 36.33 -18.24 -8.98
N ASP G 597 36.58 -17.14 -9.70
CA ASP G 597 35.90 -16.88 -10.94
C ASP G 597 36.28 -17.93 -11.98
N TRP G 598 35.32 -18.25 -12.86
CA TRP G 598 35.60 -19.21 -13.93
C TRP G 598 36.56 -18.64 -14.98
N LYS G 599 36.67 -17.32 -15.08
CA LYS G 599 37.65 -16.72 -15.97
C LYS G 599 39.06 -17.12 -15.56
N TYR G 600 39.36 -17.04 -14.26
CA TYR G 600 40.67 -17.41 -13.76
C TYR G 600 40.82 -18.93 -13.65
N LEU G 601 39.75 -19.62 -13.26
CA LEU G 601 39.81 -21.06 -13.02
C LEU G 601 39.43 -21.90 -14.23
N GLY G 602 39.04 -21.29 -15.34
CA GLY G 602 38.68 -22.05 -16.53
C GLY G 602 39.84 -22.44 -17.41
N ARG G 603 41.04 -21.93 -17.13
CA ARG G 603 42.20 -22.25 -17.96
C ARG G 603 42.60 -23.71 -17.83
N TYR G 604 42.34 -24.33 -16.67
CA TYR G 604 42.72 -25.71 -16.46
C TYR G 604 41.91 -26.66 -17.34
N TYR G 605 40.61 -26.37 -17.52
CA TYR G 605 39.82 -27.16 -18.47
C TYR G 605 40.34 -27.00 -19.90
N MET G 606 40.74 -25.78 -20.28
CA MET G 606 41.30 -25.58 -21.61
C MET G 606 42.59 -26.38 -21.77
N SER G 607 43.44 -26.38 -20.75
CA SER G 607 44.66 -27.18 -20.79
C SER G 607 44.34 -28.67 -20.92
N ALA G 608 43.33 -29.15 -20.17
CA ALA G 608 42.96 -30.55 -20.25
C ALA G 608 42.46 -30.92 -21.63
N ARG G 609 41.65 -30.04 -22.24
CA ARG G 609 41.18 -30.29 -23.60
C ARG G 609 42.34 -30.33 -24.59
N HIS G 610 43.31 -29.42 -24.41
CA HIS G 610 44.48 -29.41 -25.29
C HIS G 610 45.29 -30.69 -25.15
N MET G 611 45.49 -31.17 -23.92
CA MET G 611 46.21 -32.43 -23.74
C MET G 611 45.43 -33.59 -24.35
N ALA G 612 44.10 -33.59 -24.21
CA ALA G 612 43.30 -34.65 -24.81
C ALA G 612 43.42 -34.65 -26.33
N LEU G 613 43.38 -33.46 -26.94
CA LEU G 613 43.53 -33.36 -28.38
C LEU G 613 44.92 -33.83 -28.81
N SER G 614 45.95 -33.45 -28.06
CA SER G 614 47.31 -33.86 -28.40
C SER G 614 47.47 -35.38 -28.30
N LYS G 615 46.87 -35.99 -27.27
CA LYS G 615 47.02 -37.42 -27.06
C LYS G 615 46.22 -38.21 -28.10
N ALA G 616 45.01 -37.77 -28.41
CA ALA G 616 44.16 -38.52 -29.34
C ALA G 616 44.61 -38.32 -30.78
N PHE G 617 44.51 -37.07 -31.27
CA PHE G 617 44.93 -36.77 -32.63
C PHE G 617 45.18 -35.27 -32.77
N PRO G 618 46.37 -34.85 -33.21
CA PRO G 618 46.71 -33.43 -33.40
C PRO G 618 45.87 -32.77 -34.50
N LEU H 29 -32.08 -3.39 41.78
CA LEU H 29 -32.17 -4.57 40.94
C LEU H 29 -30.90 -5.41 41.03
N PHE H 30 -31.07 -6.72 41.18
CA PHE H 30 -29.96 -7.67 41.27
C PHE H 30 -30.20 -8.78 40.26
N GLU H 31 -29.54 -8.69 39.10
CA GLU H 31 -29.62 -9.72 38.07
C GLU H 31 -28.46 -10.71 38.26
N VAL H 32 -28.60 -11.55 39.27
CA VAL H 32 -27.56 -12.50 39.60
C VAL H 32 -27.58 -13.66 38.61
N ALA H 33 -26.41 -14.01 38.09
CA ALA H 33 -26.29 -15.09 37.12
C ALA H 33 -24.85 -15.57 37.08
N TRP H 34 -24.65 -16.74 36.47
CA TRP H 34 -23.33 -17.35 36.37
C TRP H 34 -22.53 -16.91 35.15
N GLU H 35 -23.18 -16.40 34.12
CA GLU H 35 -22.50 -16.00 32.89
C GLU H 35 -22.57 -14.49 32.75
N VAL H 36 -21.62 -13.80 33.39
CA VAL H 36 -21.54 -12.35 33.30
C VAL H 36 -20.14 -11.94 32.85
N ALA H 37 -19.16 -12.79 33.13
CA ALA H 37 -17.76 -12.45 32.87
C ALA H 37 -17.13 -13.51 31.98
N ASN H 38 -17.61 -14.75 32.10
CA ASN H 38 -17.16 -15.85 31.26
C ASN H 38 -18.09 -16.01 30.06
N LYS H 39 -17.50 -16.26 28.90
CA LYS H 39 -18.24 -16.29 27.64
C LYS H 39 -18.88 -17.67 27.46
N VAL H 40 -20.20 -17.72 27.60
CA VAL H 40 -21.01 -18.88 27.25
C VAL H 40 -22.16 -18.39 26.39
N GLY H 41 -22.63 -19.23 25.47
CA GLY H 41 -23.63 -18.79 24.50
C GLY H 41 -24.90 -18.27 25.17
N GLY H 42 -25.42 -19.01 26.14
CA GLY H 42 -26.58 -18.56 26.86
C GLY H 42 -26.23 -17.60 27.99
N ILE H 43 -27.29 -16.97 28.53
CA ILE H 43 -27.20 -16.09 29.70
C ILE H 43 -26.35 -14.87 29.41
N TYR H 44 -25.10 -15.10 28.99
CA TYR H 44 -24.17 -14.00 28.74
C TYR H 44 -24.72 -13.02 27.72
N THR H 45 -25.17 -13.53 26.57
CA THR H 45 -25.66 -12.66 25.52
C THR H 45 -26.92 -11.90 25.93
N VAL H 46 -27.87 -12.59 26.59
CA VAL H 46 -29.11 -11.91 26.96
C VAL H 46 -28.85 -10.83 27.99
N LEU H 47 -27.99 -11.11 28.99
CA LEU H 47 -27.67 -10.07 29.97
C LEU H 47 -26.91 -8.91 29.33
N GLN H 48 -25.95 -9.22 28.45
CA GLN H 48 -25.15 -8.16 27.83
C GLN H 48 -26.01 -7.27 26.94
N THR H 49 -27.00 -7.85 26.26
CA THR H 49 -27.90 -7.05 25.45
C THR H 49 -28.93 -6.29 26.28
N LYS H 50 -29.39 -6.87 27.39
CA LYS H 50 -30.40 -6.21 28.20
C LYS H 50 -29.83 -5.06 29.02
N ALA H 51 -28.57 -5.18 29.46
CA ALA H 51 -28.01 -4.23 30.43
C ALA H 51 -28.19 -2.79 30.00
N LYS H 52 -28.00 -2.50 28.71
CA LYS H 52 -28.06 -1.11 28.25
C LYS H 52 -29.43 -0.50 28.52
N VAL H 53 -30.50 -1.15 28.07
CA VAL H 53 -31.83 -0.59 28.24
C VAL H 53 -32.25 -0.64 29.70
N THR H 54 -31.96 -1.75 30.39
CA THR H 54 -32.38 -1.87 31.78
C THR H 54 -31.63 -0.91 32.70
N GLY H 55 -30.50 -0.37 32.25
CA GLY H 55 -29.79 0.63 33.02
C GLY H 55 -30.16 2.04 32.65
N ASP H 56 -30.39 2.30 31.36
CA ASP H 56 -30.79 3.64 30.94
C ASP H 56 -32.21 3.97 31.39
N GLU H 57 -33.10 2.98 31.46
CA GLU H 57 -34.46 3.26 31.88
C GLU H 57 -34.56 3.44 33.40
N TRP H 58 -33.70 2.76 34.16
CA TRP H 58 -33.79 2.79 35.62
C TRP H 58 -32.72 3.67 36.26
N GLY H 59 -31.45 3.45 35.93
CA GLY H 59 -30.39 4.28 36.46
C GLY H 59 -29.23 3.52 37.08
N ASP H 60 -28.66 4.06 38.14
CA ASP H 60 -27.49 3.49 38.80
C ASP H 60 -27.86 2.51 39.90
N ASN H 61 -29.14 2.25 40.12
CA ASN H 61 -29.59 1.26 41.10
C ASN H 61 -29.59 -0.16 40.54
N TYR H 62 -28.90 -0.37 39.42
CA TYR H 62 -28.85 -1.67 38.76
C TYR H 62 -27.53 -2.36 39.13
N PHE H 63 -27.62 -3.56 39.68
CA PHE H 63 -26.46 -4.31 40.15
C PHE H 63 -26.45 -5.70 39.55
N LEU H 64 -25.27 -6.15 39.15
CA LEU H 64 -25.07 -7.43 38.48
C LEU H 64 -24.08 -8.28 39.27
N VAL H 65 -24.43 -9.54 39.49
CA VAL H 65 -23.66 -10.42 40.35
C VAL H 65 -23.26 -11.65 39.54
N GLY H 66 -21.98 -12.03 39.62
CA GLY H 66 -21.48 -13.18 38.91
C GLY H 66 -20.19 -13.72 39.50
N PRO H 67 -19.69 -14.81 38.91
CA PRO H 67 -18.50 -15.47 39.47
C PRO H 67 -17.19 -14.93 38.90
N TYR H 68 -16.08 -15.47 39.41
CA TYR H 68 -14.73 -15.12 38.94
C TYR H 68 -14.04 -16.39 38.50
N THR H 69 -13.57 -16.41 37.25
CA THR H 69 -12.82 -17.53 36.71
C THR H 69 -11.50 -17.01 36.15
N GLU H 70 -10.41 -17.74 36.43
CA GLU H 70 -9.08 -17.34 35.95
C GLU H 70 -8.92 -17.76 34.49
N GLN H 71 -9.72 -17.11 33.64
CA GLN H 71 -9.71 -17.37 32.21
C GLN H 71 -9.60 -16.11 31.36
N GLY H 72 -9.27 -14.97 31.96
CA GLY H 72 -9.22 -13.71 31.26
C GLY H 72 -10.44 -12.83 31.43
N VAL H 73 -11.33 -13.13 32.38
CA VAL H 73 -12.53 -12.34 32.58
C VAL H 73 -12.18 -10.93 33.05
N ARG H 74 -11.04 -10.75 33.71
CA ARG H 74 -10.64 -9.42 34.17
C ARG H 74 -10.19 -8.53 33.01
N THR H 75 -9.88 -9.10 31.85
CA THR H 75 -9.52 -8.28 30.69
C THR H 75 -10.71 -7.46 30.23
N GLN H 76 -11.91 -8.04 30.24
CA GLN H 76 -13.12 -7.36 29.82
C GLN H 76 -13.81 -6.58 30.92
N VAL H 77 -13.31 -6.67 32.16
CA VAL H 77 -13.95 -6.04 33.31
C VAL H 77 -12.97 -5.08 33.94
N GLU H 78 -13.40 -3.82 34.13
CA GLU H 78 -12.61 -2.82 34.82
C GLU H 78 -12.93 -2.91 36.30
N LEU H 79 -12.16 -3.73 37.02
CA LEU H 79 -12.39 -3.94 38.44
C LEU H 79 -12.11 -2.68 39.24
N LEU H 80 -12.90 -2.47 40.28
CA LEU H 80 -12.75 -1.34 41.20
C LEU H 80 -12.61 -1.89 42.62
N GLU H 81 -11.37 -2.23 43.00
CA GLU H 81 -11.12 -2.67 44.37
C GLU H 81 -11.24 -1.52 45.36
N ALA H 82 -10.84 -0.32 44.95
CA ALA H 82 -10.92 0.84 45.82
C ALA H 82 -12.38 1.18 46.13
N PRO H 83 -12.65 1.77 47.29
CA PRO H 83 -14.04 2.13 47.63
C PRO H 83 -14.63 3.09 46.60
N THR H 84 -15.91 2.86 46.29
CA THR H 84 -16.62 3.63 45.28
C THR H 84 -18.05 3.85 45.77
N PRO H 85 -18.59 5.07 45.63
CA PRO H 85 -19.98 5.32 46.06
C PRO H 85 -20.99 4.49 45.28
N ALA H 86 -22.28 4.69 45.56
CA ALA H 86 -23.33 3.81 45.04
C ALA H 86 -23.13 2.38 45.55
N LEU H 87 -23.45 2.22 46.84
CA LEU H 87 -23.13 1.05 47.65
C LEU H 87 -21.62 1.00 47.90
N LYS H 88 -21.12 2.01 48.62
CA LYS H 88 -19.75 2.05 49.11
C LYS H 88 -19.58 1.35 50.46
N ARG H 89 -20.68 1.03 51.15
CA ARG H 89 -20.59 0.54 52.51
C ARG H 89 -20.12 -0.91 52.58
N THR H 90 -20.44 -1.72 51.58
CA THR H 90 -20.05 -3.13 51.62
C THR H 90 -18.55 -3.31 51.48
N LEU H 91 -17.88 -2.41 50.75
CA LEU H 91 -16.45 -2.55 50.53
C LEU H 91 -15.66 -2.47 51.84
N ASP H 92 -16.03 -1.54 52.71
CA ASP H 92 -15.40 -1.42 54.02
C ASP H 92 -16.22 -2.07 55.12
N SER H 93 -17.28 -2.80 54.77
CA SER H 93 -18.08 -3.52 55.75
C SER H 93 -17.84 -5.03 55.74
N MET H 94 -17.59 -5.63 54.58
CA MET H 94 -17.49 -7.08 54.47
C MET H 94 -16.30 -7.56 53.67
N ASN H 95 -15.73 -6.75 52.77
CA ASN H 95 -14.66 -7.23 51.89
C ASN H 95 -13.45 -7.70 52.69
N SER H 96 -13.08 -6.97 53.73
CA SER H 96 -11.96 -7.38 54.59
C SER H 96 -12.42 -8.30 55.71
N LYS H 97 -13.14 -9.37 55.35
CA LYS H 97 -13.63 -10.33 56.33
C LYS H 97 -13.47 -11.76 55.86
N GLY H 98 -12.53 -12.03 54.96
CA GLY H 98 -12.33 -13.37 54.43
C GLY H 98 -13.03 -13.67 53.13
N CYS H 99 -13.61 -12.65 52.47
CA CYS H 99 -14.29 -12.82 51.20
C CYS H 99 -13.55 -12.01 50.12
N LYS H 100 -14.13 -11.95 48.93
CA LYS H 100 -13.47 -11.32 47.81
C LYS H 100 -14.53 -10.82 46.84
N VAL H 101 -14.77 -9.50 46.81
CA VAL H 101 -15.83 -8.89 46.02
C VAL H 101 -15.25 -7.70 45.27
N TYR H 102 -15.50 -7.63 43.96
CA TYR H 102 -15.02 -6.53 43.12
C TYR H 102 -16.20 -5.82 42.47
N PHE H 103 -15.92 -4.62 41.96
CA PHE H 103 -16.91 -3.80 41.26
C PHE H 103 -16.36 -3.47 39.88
N GLY H 104 -17.18 -3.68 38.84
CA GLY H 104 -16.73 -3.52 37.47
C GLY H 104 -17.74 -2.82 36.59
N ARG H 105 -17.28 -2.47 35.38
CA ARG H 105 -18.05 -1.71 34.39
C ARG H 105 -18.36 -2.52 33.14
N TRP H 106 -17.60 -3.58 32.86
CA TRP H 106 -17.71 -4.50 31.72
C TRP H 106 -17.18 -3.94 30.41
N LEU H 107 -16.75 -2.68 30.37
CA LEU H 107 -16.37 -2.00 29.12
C LEU H 107 -17.59 -1.70 28.26
N ILE H 108 -18.77 -2.18 28.65
CA ILE H 108 -20.02 -1.77 28.00
C ILE H 108 -20.62 -0.63 28.80
N GLU H 109 -20.95 0.46 28.12
CA GLU H 109 -21.42 1.68 28.78
C GLU H 109 -22.94 1.72 28.89
N GLY H 110 -23.52 0.67 29.46
CA GLY H 110 -24.94 0.65 29.77
C GLY H 110 -25.16 0.89 31.25
N GLY H 111 -24.12 1.40 31.91
CA GLY H 111 -24.11 1.55 33.35
C GLY H 111 -24.22 0.24 34.12
N PRO H 112 -23.46 -0.80 33.71
CA PRO H 112 -23.57 -2.10 34.40
C PRO H 112 -22.57 -2.22 35.56
N LEU H 113 -22.92 -1.63 36.70
CA LEU H 113 -22.10 -1.78 37.90
C LEU H 113 -22.21 -3.23 38.37
N VAL H 114 -21.22 -4.04 38.01
CA VAL H 114 -21.28 -5.47 38.25
C VAL H 114 -20.53 -5.80 39.54
N VAL H 115 -21.10 -6.71 40.32
CA VAL H 115 -20.51 -7.14 41.58
C VAL H 115 -19.91 -8.52 41.32
N LEU H 116 -18.60 -8.53 41.05
CA LEU H 116 -17.89 -9.77 40.74
C LEU H 116 -17.51 -10.50 42.02
N LEU H 117 -17.72 -11.81 42.04
CA LEU H 117 -17.48 -12.64 43.21
C LEU H 117 -16.47 -13.72 42.86
N ASP H 118 -15.44 -13.87 43.70
CA ASP H 118 -14.45 -14.92 43.50
C ASP H 118 -14.98 -16.24 44.04
N VAL H 119 -14.69 -17.32 43.32
CA VAL H 119 -15.17 -18.66 43.67
C VAL H 119 -14.14 -19.43 44.48
N GLY H 120 -12.88 -19.45 44.02
CA GLY H 120 -11.85 -20.17 44.74
C GLY H 120 -11.31 -19.47 45.95
N ALA H 121 -11.57 -18.17 46.10
CA ALA H 121 -11.07 -17.44 47.26
C ALA H 121 -11.70 -17.94 48.55
N SER H 122 -13.01 -18.18 48.54
CA SER H 122 -13.74 -18.63 49.72
C SER H 122 -14.31 -20.02 49.44
N ALA H 123 -13.49 -21.05 49.68
CA ALA H 123 -13.92 -22.43 49.49
C ALA H 123 -13.44 -23.34 50.60
N TRP H 124 -12.87 -22.80 51.68
CA TRP H 124 -12.31 -23.60 52.76
C TRP H 124 -13.34 -24.10 53.75
N ALA H 125 -14.58 -23.62 53.67
CA ALA H 125 -15.63 -23.97 54.63
C ALA H 125 -16.87 -24.48 53.91
N LEU H 126 -16.66 -25.39 52.95
CA LEU H 126 -17.80 -25.94 52.22
C LEU H 126 -18.65 -26.85 53.10
N GLU H 127 -18.06 -27.45 54.14
CA GLU H 127 -18.80 -28.34 55.02
C GLU H 127 -19.89 -27.60 55.79
N ARG H 128 -19.58 -26.41 56.30
CA ARG H 128 -20.59 -25.64 57.02
C ARG H 128 -21.70 -25.16 56.10
N TRP H 129 -21.37 -24.83 54.85
CA TRP H 129 -22.41 -24.45 53.89
C TRP H 129 -23.30 -25.63 53.53
N LYS H 130 -22.70 -26.82 53.40
CA LYS H 130 -23.49 -28.02 53.17
C LYS H 130 -24.42 -28.30 54.35
N GLY H 131 -23.91 -28.14 55.58
CA GLY H 131 -24.77 -28.29 56.74
C GLY H 131 -25.89 -27.26 56.79
N GLU H 132 -25.58 -26.03 56.39
CA GLU H 132 -26.62 -24.99 56.32
C GLU H 132 -27.68 -25.35 55.30
N LEU H 133 -27.27 -25.88 54.14
CA LEU H 133 -28.24 -26.33 53.15
C LEU H 133 -29.10 -27.48 53.69
N TRP H 134 -28.47 -28.41 54.40
CA TRP H 134 -29.22 -29.50 55.02
C TRP H 134 -30.24 -28.98 56.01
N ASP H 135 -29.86 -27.98 56.83
CA ASP H 135 -30.81 -27.41 57.78
C ASP H 135 -31.94 -26.67 57.07
N THR H 136 -31.63 -25.98 55.97
CA THR H 136 -32.62 -25.10 55.35
C THR H 136 -33.56 -25.86 54.44
N CYS H 137 -33.03 -26.49 53.39
CA CYS H 137 -33.89 -27.06 52.35
C CYS H 137 -33.53 -28.50 51.98
N ASN H 138 -32.68 -29.17 52.75
CA ASN H 138 -32.32 -30.57 52.50
C ASN H 138 -31.72 -30.74 51.10
N ILE H 139 -31.02 -29.71 50.62
CA ILE H 139 -30.48 -29.74 49.26
C ILE H 139 -28.98 -29.52 49.30
N GLY H 140 -28.38 -29.45 48.13
CA GLY H 140 -26.94 -29.28 48.01
C GLY H 140 -26.47 -29.81 46.67
N VAL H 141 -25.18 -30.16 46.61
CA VAL H 141 -24.59 -30.70 45.39
C VAL H 141 -23.62 -31.81 45.74
N PRO H 142 -23.74 -32.98 45.12
CA PRO H 142 -22.74 -34.03 45.34
C PRO H 142 -21.40 -33.66 44.70
N TRP H 143 -20.34 -34.23 45.25
CA TRP H 143 -18.97 -34.01 44.85
C TRP H 143 -18.61 -34.61 43.47
N TYR H 144 -19.55 -35.16 42.71
CA TYR H 144 -19.23 -35.65 41.38
C TYR H 144 -18.94 -34.52 40.41
N ASP H 145 -19.78 -33.48 40.40
CA ASP H 145 -19.63 -32.36 39.47
C ASP H 145 -19.24 -31.11 40.23
N ARG H 146 -18.12 -30.51 39.85
CA ARG H 146 -17.66 -29.29 40.52
C ARG H 146 -18.37 -28.04 40.00
N GLU H 147 -19.02 -28.13 38.84
CA GLU H 147 -19.75 -26.99 38.31
C GLU H 147 -20.85 -26.55 39.26
N ALA H 148 -21.67 -27.51 39.72
CA ALA H 148 -22.77 -27.17 40.61
C ALA H 148 -22.28 -26.78 42.01
N ASN H 149 -21.18 -27.38 42.47
CA ASN H 149 -20.60 -26.94 43.73
C ASN H 149 -20.14 -25.49 43.65
N ASP H 150 -19.48 -25.11 42.56
CA ASP H 150 -19.09 -23.72 42.37
C ASP H 150 -20.32 -22.81 42.30
N ALA H 151 -21.38 -23.29 41.64
CA ALA H 151 -22.61 -22.50 41.57
C ALA H 151 -23.21 -22.25 42.94
N VAL H 152 -23.24 -23.30 43.78
CA VAL H 152 -23.81 -23.15 45.13
C VAL H 152 -22.95 -22.24 45.99
N LEU H 153 -21.62 -22.37 45.87
CA LEU H 153 -20.72 -21.49 46.62
C LEU H 153 -20.93 -20.03 46.20
N PHE H 154 -21.07 -19.79 44.90
CA PHE H 154 -21.34 -18.44 44.42
C PHE H 154 -22.69 -17.95 44.93
N GLY H 155 -23.68 -18.83 45.03
CA GLY H 155 -24.96 -18.44 45.58
C GLY H 155 -24.87 -18.03 47.04
N PHE H 156 -24.11 -18.80 47.85
CA PHE H 156 -23.87 -18.40 49.23
C PHE H 156 -23.21 -17.04 49.31
N LEU H 157 -22.18 -16.80 48.48
CA LEU H 157 -21.49 -15.52 48.53
C LEU H 157 -22.41 -14.38 48.12
N THR H 158 -23.24 -14.61 47.09
CA THR H 158 -24.20 -13.58 46.67
C THR H 158 -25.21 -13.27 47.77
N THR H 159 -25.70 -14.30 48.46
CA THR H 159 -26.65 -14.06 49.53
C THR H 159 -26.01 -13.29 50.68
N TRP H 160 -24.75 -13.62 51.02
CA TRP H 160 -24.05 -12.86 52.04
C TRP H 160 -23.89 -11.39 51.62
N PHE H 161 -23.52 -11.15 50.37
CA PHE H 161 -23.35 -9.78 49.91
C PHE H 161 -24.67 -9.01 49.97
N LEU H 162 -25.77 -9.65 49.55
CA LEU H 162 -27.06 -8.99 49.56
C LEU H 162 -27.52 -8.69 50.99
N GLY H 163 -27.32 -9.65 51.91
CA GLY H 163 -27.68 -9.41 53.30
C GLY H 163 -26.85 -8.31 53.94
N GLU H 164 -25.55 -8.29 53.64
CA GLU H 164 -24.69 -7.22 54.16
C GLU H 164 -25.12 -5.87 53.61
N PHE H 165 -25.49 -5.81 52.33
CA PHE H 165 -25.95 -4.55 51.75
C PHE H 165 -27.24 -4.09 52.43
N LEU H 166 -28.18 -5.00 52.68
CA LEU H 166 -29.40 -4.61 53.37
C LEU H 166 -29.11 -4.13 54.78
N ALA H 167 -28.18 -4.79 55.48
CA ALA H 167 -27.83 -4.37 56.83
C ALA H 167 -27.19 -2.98 56.83
N GLN H 168 -26.33 -2.70 55.85
CA GLN H 168 -25.64 -1.41 55.80
C GLN H 168 -26.57 -0.28 55.37
N SER H 169 -27.54 -0.58 54.50
CA SER H 169 -28.41 0.46 53.94
C SER H 169 -29.62 0.75 54.80
N GLU H 170 -29.73 0.13 55.97
CA GLU H 170 -30.84 0.33 56.91
C GLU H 170 -32.19 -0.06 56.31
N GLU H 171 -32.18 -0.89 55.27
CA GLU H 171 -33.39 -1.39 54.62
C GLU H 171 -34.27 -0.26 54.09
N LYS H 172 -33.68 0.90 53.76
CA LYS H 172 -34.48 2.00 53.23
C LYS H 172 -35.15 1.66 51.90
N PRO H 173 -34.47 1.12 50.89
CA PRO H 173 -35.16 0.73 49.67
C PRO H 173 -35.58 -0.73 49.70
N HIS H 174 -36.48 -1.07 48.77
CA HIS H 174 -36.98 -2.42 48.61
C HIS H 174 -36.43 -2.94 47.27
N VAL H 175 -35.22 -3.51 47.33
CA VAL H 175 -34.55 -3.95 46.12
C VAL H 175 -35.19 -5.24 45.60
N VAL H 176 -35.11 -5.45 44.30
CA VAL H 176 -35.67 -6.62 43.63
C VAL H 176 -34.53 -7.52 43.20
N ALA H 177 -34.60 -8.79 43.60
CA ALA H 177 -33.58 -9.78 43.26
C ALA H 177 -34.11 -10.69 42.17
N HIS H 178 -33.39 -10.76 41.05
CA HIS H 178 -33.77 -11.57 39.90
C HIS H 178 -32.69 -12.62 39.63
N PHE H 179 -33.13 -13.82 39.32
CA PHE H 179 -32.25 -14.98 39.22
C PHE H 179 -32.40 -15.64 37.85
N HIS H 180 -31.29 -16.12 37.30
CA HIS H 180 -31.26 -16.77 36.00
C HIS H 180 -30.68 -18.17 36.16
N GLU H 181 -31.38 -19.18 35.61
CA GLU H 181 -30.90 -20.55 35.52
C GLU H 181 -30.71 -21.18 36.89
N TRP H 182 -30.36 -22.48 36.92
CA TRP H 182 -30.09 -23.18 38.16
C TRP H 182 -28.69 -22.94 38.70
N LEU H 183 -27.80 -22.35 37.90
CA LEU H 183 -26.47 -22.00 38.39
C LEU H 183 -26.51 -20.86 39.41
N ALA H 184 -27.65 -20.18 39.54
CA ALA H 184 -27.84 -19.15 40.55
C ALA H 184 -29.18 -19.30 41.25
N GLY H 185 -29.69 -20.52 41.35
CA GLY H 185 -31.00 -20.77 41.93
C GLY H 185 -31.01 -21.06 43.42
N VAL H 186 -29.85 -21.35 44.01
CA VAL H 186 -29.80 -21.56 45.46
C VAL H 186 -30.06 -20.27 46.21
N GLY H 187 -29.91 -19.12 45.54
CA GLY H 187 -30.21 -17.85 46.17
C GLY H 187 -31.66 -17.74 46.61
N LEU H 188 -32.58 -18.33 45.84
CA LEU H 188 -33.99 -18.29 46.22
C LEU H 188 -34.22 -18.92 47.59
N CYS H 189 -33.75 -20.16 47.77
CA CYS H 189 -33.97 -20.85 49.03
C CYS H 189 -33.17 -20.22 50.16
N LEU H 190 -31.95 -19.76 49.87
CA LEU H 190 -31.14 -19.11 50.89
C LEU H 190 -31.80 -17.83 51.40
N CYS H 191 -32.38 -17.03 50.50
CA CYS H 191 -33.07 -15.81 50.92
C CYS H 191 -34.40 -16.12 51.59
N ARG H 192 -35.10 -17.16 51.15
CA ARG H 192 -36.38 -17.51 51.78
C ARG H 192 -36.18 -18.04 53.19
N ALA H 193 -35.07 -18.75 53.43
CA ALA H 193 -34.78 -19.23 54.78
C ALA H 193 -34.55 -18.08 55.74
N ARG H 194 -33.84 -17.04 55.29
CA ARG H 194 -33.53 -15.88 56.12
C ARG H 194 -34.62 -14.82 56.09
N ARG H 195 -35.66 -15.01 55.26
CA ARG H 195 -36.81 -14.10 55.22
C ARG H 195 -36.39 -12.66 54.92
N LEU H 196 -35.43 -12.50 54.01
CA LEU H 196 -35.00 -11.16 53.64
C LEU H 196 -36.11 -10.45 52.87
N PRO H 197 -36.46 -9.22 53.24
CA PRO H 197 -37.57 -8.50 52.56
C PRO H 197 -37.19 -7.99 51.18
N VAL H 198 -37.17 -8.90 50.21
CA VAL H 198 -36.86 -8.57 48.81
C VAL H 198 -37.90 -9.22 47.91
N ALA H 199 -38.06 -8.64 46.73
CA ALA H 199 -38.97 -9.17 45.71
C ALA H 199 -38.20 -10.15 44.83
N THR H 200 -38.61 -11.42 44.86
CA THR H 200 -37.88 -12.49 44.20
C THR H 200 -38.50 -12.79 42.84
N ILE H 201 -37.68 -12.69 41.79
CA ILE H 201 -38.07 -13.10 40.45
C ILE H 201 -37.08 -14.15 39.97
N PHE H 202 -37.60 -15.23 39.40
CA PHE H 202 -36.77 -16.29 38.84
C PHE H 202 -37.18 -16.53 37.40
N THR H 203 -36.19 -16.56 36.50
CA THR H 203 -36.42 -16.76 35.08
C THR H 203 -35.51 -17.87 34.60
N THR H 204 -36.09 -19.05 34.33
CA THR H 204 -35.34 -20.16 33.77
C THR H 204 -35.42 -20.11 32.25
N HIS H 205 -34.27 -20.09 31.60
CA HIS H 205 -34.20 -20.01 30.16
C HIS H 205 -34.09 -21.38 29.50
N ALA H 206 -33.94 -22.44 30.29
CA ALA H 206 -33.84 -23.80 29.74
C ALA H 206 -34.11 -24.78 30.86
N THR H 207 -35.19 -25.55 30.74
CA THR H 207 -35.44 -26.65 31.66
C THR H 207 -34.46 -27.77 31.30
N LEU H 208 -33.35 -27.86 32.06
CA LEU H 208 -32.27 -28.76 31.70
C LEU H 208 -32.73 -30.22 31.68
N LEU H 209 -33.73 -30.56 32.48
CA LEU H 209 -34.28 -31.91 32.44
C LEU H 209 -34.84 -32.22 31.05
N GLY H 210 -35.54 -31.25 30.46
CA GLY H 210 -36.00 -31.42 29.08
C GLY H 210 -34.85 -31.61 28.11
N ARG H 211 -33.77 -30.84 28.31
CA ARG H 211 -32.61 -30.97 27.43
C ARG H 211 -32.02 -32.37 27.49
N TYR H 212 -31.89 -32.92 28.69
CA TYR H 212 -31.25 -34.23 28.85
C TYR H 212 -32.18 -35.40 28.54
N LEU H 213 -33.50 -35.20 28.59
CA LEU H 213 -34.39 -36.23 28.05
C LEU H 213 -34.47 -36.18 26.52
N CYS H 214 -34.39 -35.00 25.93
CA CYS H 214 -34.44 -34.92 24.46
C CYS H 214 -33.19 -35.51 23.81
N ALA H 215 -32.11 -35.67 24.55
CA ALA H 215 -30.91 -36.34 24.06
C ALA H 215 -30.88 -37.82 24.42
N GLY H 216 -31.93 -38.33 25.06
CA GLY H 216 -31.96 -39.72 25.48
C GLY H 216 -32.63 -40.65 24.48
N ALA H 217 -32.74 -40.19 23.23
CA ALA H 217 -33.35 -40.98 22.16
C ALA H 217 -34.77 -41.40 22.51
N VAL H 218 -35.53 -40.48 23.12
CA VAL H 218 -36.92 -40.72 23.48
C VAL H 218 -37.73 -39.50 23.06
N ASP H 219 -38.93 -39.75 22.53
CA ASP H 219 -39.80 -38.65 22.12
C ASP H 219 -40.20 -37.82 23.33
N PHE H 220 -40.29 -36.50 23.12
CA PHE H 220 -40.49 -35.57 24.23
C PHE H 220 -41.67 -34.65 23.97
N TYR H 221 -42.00 -34.41 22.70
CA TYR H 221 -43.04 -33.45 22.36
C TYR H 221 -44.39 -34.09 22.11
N ASN H 222 -44.44 -35.39 21.82
CA ASN H 222 -45.73 -36.05 21.63
C ASN H 222 -46.55 -36.04 22.92
N ASN H 223 -45.91 -36.30 24.06
CA ASN H 223 -46.56 -36.24 25.35
C ASN H 223 -45.66 -35.50 26.33
N LEU H 224 -46.29 -34.84 27.31
CA LEU H 224 -45.53 -34.14 28.34
C LEU H 224 -46.07 -34.48 29.73
N GLU H 225 -47.35 -34.87 29.80
CA GLU H 225 -47.99 -35.19 31.07
C GLU H 225 -47.75 -36.62 31.51
N ASN H 226 -47.12 -37.45 30.67
CA ASN H 226 -46.85 -38.84 31.01
C ASN H 226 -45.46 -39.05 31.59
N PHE H 227 -44.68 -37.99 31.78
CA PHE H 227 -43.34 -38.13 32.32
C PHE H 227 -43.38 -38.25 33.84
N ASN H 228 -42.51 -39.11 34.37
CA ASN H 228 -42.31 -39.25 35.81
C ASN H 228 -40.99 -38.57 36.13
N VAL H 229 -41.07 -37.39 36.77
CA VAL H 229 -39.89 -36.57 36.97
C VAL H 229 -38.90 -37.23 37.92
N ASP H 230 -39.39 -37.82 39.02
CA ASP H 230 -38.48 -38.37 40.02
C ASP H 230 -37.79 -39.62 39.49
N LYS H 231 -38.51 -40.46 38.74
CA LYS H 231 -37.89 -41.65 38.16
C LYS H 231 -36.81 -41.28 37.16
N GLU H 232 -37.07 -40.28 36.31
CA GLU H 232 -36.09 -39.88 35.32
C GLU H 232 -34.89 -39.17 35.95
N ALA H 233 -35.12 -38.41 37.01
CA ALA H 233 -34.04 -37.68 37.68
C ALA H 233 -33.18 -38.66 38.47
N GLY H 234 -31.91 -38.77 38.09
CA GLY H 234 -30.96 -39.58 38.84
C GLY H 234 -30.27 -40.64 38.03
N GLU H 235 -31.02 -41.33 37.15
CA GLU H 235 -30.37 -42.22 36.20
C GLU H 235 -29.52 -41.42 35.21
N ARG H 236 -30.03 -40.27 34.78
CA ARG H 236 -29.26 -39.29 34.03
C ARG H 236 -28.79 -38.15 34.92
N GLN H 237 -28.89 -38.30 36.24
CA GLN H 237 -28.68 -37.26 37.24
C GLN H 237 -29.82 -36.25 37.20
N ILE H 238 -29.50 -34.97 37.42
CA ILE H 238 -30.46 -33.87 37.52
C ILE H 238 -31.52 -34.23 38.57
N TYR H 239 -31.10 -34.72 39.73
CA TYR H 239 -32.05 -34.88 40.82
C TYR H 239 -31.97 -33.71 41.80
N HIS H 240 -30.77 -33.45 42.33
CA HIS H 240 -30.59 -32.27 43.18
C HIS H 240 -30.87 -31.00 42.40
N ARG H 241 -30.43 -30.94 41.14
CA ARG H 241 -30.69 -29.78 40.30
C ARG H 241 -32.18 -29.59 40.08
N TYR H 242 -32.90 -30.67 39.77
CA TYR H 242 -34.35 -30.57 39.60
C TYR H 242 -35.04 -30.13 40.89
N CYS H 243 -34.62 -30.70 42.03
CA CYS H 243 -35.25 -30.35 43.30
C CYS H 243 -35.04 -28.88 43.62
N MET H 244 -33.81 -28.38 43.44
CA MET H 244 -33.57 -26.97 43.76
C MET H 244 -34.25 -26.05 42.77
N GLU H 245 -34.33 -26.46 41.50
CA GLU H 245 -35.04 -25.67 40.50
C GLU H 245 -36.52 -25.54 40.86
N ARG H 246 -37.15 -26.66 41.23
CA ARG H 246 -38.57 -26.61 41.57
C ARG H 246 -38.80 -25.87 42.88
N ALA H 247 -37.88 -26.01 43.84
CA ALA H 247 -37.99 -25.24 45.08
C ALA H 247 -37.89 -23.75 44.82
N ALA H 248 -36.96 -23.34 43.94
CA ALA H 248 -36.86 -21.94 43.57
C ALA H 248 -38.12 -21.46 42.85
N ALA H 249 -38.66 -22.29 41.95
CA ALA H 249 -39.87 -21.91 41.23
C ALA H 249 -41.05 -21.74 42.18
N HIS H 250 -41.17 -22.63 43.17
CA HIS H 250 -42.28 -22.54 44.11
C HIS H 250 -42.11 -21.34 45.05
N CYS H 251 -40.90 -21.15 45.58
CA CYS H 251 -40.67 -20.10 46.57
C CYS H 251 -40.51 -18.71 45.96
N ALA H 252 -40.17 -18.62 44.67
CA ALA H 252 -40.02 -17.31 44.04
C ALA H 252 -41.36 -16.61 43.95
N HIS H 253 -41.37 -15.32 44.26
CA HIS H 253 -42.59 -14.54 44.17
C HIS H 253 -43.09 -14.45 42.73
N VAL H 254 -42.19 -14.26 41.78
CA VAL H 254 -42.53 -14.18 40.37
C VAL H 254 -41.69 -15.20 39.61
N PHE H 255 -42.39 -16.06 38.85
CA PHE H 255 -41.69 -17.08 38.04
C PHE H 255 -41.87 -16.67 36.57
N THR H 256 -40.84 -16.86 35.75
CA THR H 256 -40.91 -16.39 34.33
C THR H 256 -40.15 -17.40 33.45
N THR H 257 -40.48 -17.47 32.17
CA THR H 257 -39.77 -18.37 31.23
C THR H 257 -39.50 -17.63 29.92
N VAL H 258 -38.66 -18.19 29.04
CA VAL H 258 -38.30 -17.48 27.79
C VAL H 258 -39.47 -17.41 26.80
N SER H 259 -39.91 -18.54 26.24
CA SER H 259 -40.98 -18.47 25.20
C SER H 259 -42.29 -19.05 25.72
N GLN H 260 -43.34 -19.00 24.90
CA GLN H 260 -44.64 -19.59 25.30
C GLN H 260 -44.46 -21.11 25.39
N ILE H 261 -43.66 -21.69 24.48
CA ILE H 261 -43.39 -23.15 24.50
C ILE H 261 -42.63 -23.50 25.79
N THR H 262 -41.80 -22.59 26.28
CA THR H 262 -41.05 -22.83 27.54
C THR H 262 -42.05 -22.96 28.70
N ALA H 263 -42.98 -22.02 28.82
CA ALA H 263 -43.99 -22.05 29.85
C ALA H 263 -44.78 -23.35 29.82
N ILE H 264 -44.96 -23.92 28.62
CA ILE H 264 -45.73 -25.15 28.47
C ILE H 264 -45.05 -26.29 29.23
N GLU H 265 -43.74 -26.47 29.03
CA GLU H 265 -43.14 -27.57 29.79
C GLU H 265 -42.89 -27.16 31.23
N ALA H 266 -42.77 -25.86 31.51
CA ALA H 266 -42.58 -25.41 32.88
C ALA H 266 -43.78 -25.71 33.75
N GLN H 267 -45.00 -25.43 33.27
CA GLN H 267 -46.19 -25.71 34.05
C GLN H 267 -46.54 -27.19 34.08
N HIS H 268 -46.10 -27.96 33.09
CA HIS H 268 -46.40 -29.37 33.01
C HIS H 268 -45.35 -30.24 33.69
N LEU H 269 -44.18 -29.70 34.01
CA LEU H 269 -43.11 -30.46 34.63
C LEU H 269 -42.72 -29.91 35.99
N LEU H 270 -42.48 -28.60 36.09
CA LEU H 270 -42.18 -27.98 37.37
C LEU H 270 -43.42 -27.68 38.20
N LYS H 271 -44.61 -27.81 37.61
CA LYS H 271 -45.87 -27.57 38.30
C LYS H 271 -45.92 -26.16 38.89
N ARG H 272 -45.39 -25.19 38.13
CA ARG H 272 -45.43 -23.78 38.54
C ARG H 272 -45.56 -22.96 37.27
N LYS H 273 -46.77 -22.55 36.95
CA LYS H 273 -47.03 -21.79 35.72
C LYS H 273 -46.37 -20.42 35.83
N PRO H 274 -45.54 -20.03 34.85
CA PRO H 274 -44.91 -18.70 34.90
C PRO H 274 -45.95 -17.60 34.92
N ASP H 275 -45.63 -16.52 35.65
CA ASP H 275 -46.54 -15.39 35.74
C ASP H 275 -46.75 -14.73 34.39
N ILE H 276 -45.69 -14.56 33.61
CA ILE H 276 -45.77 -13.91 32.32
C ILE H 276 -44.64 -14.43 31.44
N VAL H 277 -44.86 -14.42 30.13
CA VAL H 277 -43.84 -14.84 29.18
C VAL H 277 -42.91 -13.66 28.90
N THR H 278 -41.62 -13.93 28.83
CA THR H 278 -40.60 -12.90 28.65
C THR H 278 -39.70 -13.27 27.48
N PRO H 279 -40.10 -12.93 26.26
CA PRO H 279 -39.27 -13.25 25.08
C PRO H 279 -37.92 -12.55 25.15
N ASN H 280 -36.91 -13.22 24.61
CA ASN H 280 -35.55 -12.71 24.63
C ASN H 280 -35.31 -11.76 23.47
N GLY H 281 -34.77 -10.58 23.76
CA GLY H 281 -34.50 -9.58 22.76
C GLY H 281 -33.02 -9.45 22.45
N LEU H 282 -32.70 -8.42 21.67
CA LEU H 282 -31.34 -8.14 21.26
C LEU H 282 -31.15 -6.63 21.13
N ASN H 283 -29.91 -6.18 21.28
CA ASN H 283 -29.55 -4.79 21.07
C ASN H 283 -29.16 -4.63 19.61
N VAL H 284 -30.14 -4.26 18.78
CA VAL H 284 -29.88 -4.10 17.35
C VAL H 284 -28.99 -2.89 17.13
N LYS H 285 -28.01 -3.04 16.24
CA LYS H 285 -27.11 -1.95 15.88
C LYS H 285 -27.70 -1.19 14.70
N LYS H 286 -28.33 -0.06 14.98
CA LYS H 286 -28.93 0.74 13.92
C LYS H 286 -27.86 1.54 13.20
N PHE H 287 -27.93 1.57 11.88
CA PHE H 287 -27.00 2.33 11.06
C PHE H 287 -27.71 3.52 10.43
N SER H 288 -26.92 4.54 10.06
CA SER H 288 -27.49 5.74 9.46
C SER H 288 -28.13 5.46 8.10
N ALA H 289 -27.79 4.34 7.47
CA ALA H 289 -28.38 3.95 6.20
C ALA H 289 -28.98 2.55 6.32
N MET H 290 -30.05 2.31 5.58
CA MET H 290 -30.75 1.04 5.67
C MET H 290 -29.92 -0.12 5.11
N HIS H 291 -29.08 0.16 4.11
CA HIS H 291 -28.38 -0.86 3.36
C HIS H 291 -26.98 -1.17 3.90
N GLU H 292 -26.59 -0.58 5.02
CA GLU H 292 -25.22 -0.78 5.51
C GLU H 292 -24.96 -2.23 5.87
N PHE H 293 -25.99 -2.96 6.31
CA PHE H 293 -25.80 -4.38 6.59
C PHE H 293 -25.47 -5.15 5.32
N GLN H 294 -25.94 -4.68 4.17
CA GLN H 294 -25.54 -5.29 2.90
C GLN H 294 -24.06 -5.10 2.63
N ASN H 295 -23.53 -3.90 2.90
CA ASN H 295 -22.10 -3.66 2.72
C ASN H 295 -21.28 -4.49 3.70
N LEU H 296 -21.74 -4.60 4.94
CA LEU H 296 -21.06 -5.46 5.90
C LEU H 296 -21.06 -6.92 5.44
N HIS H 297 -22.19 -7.38 4.89
CA HIS H 297 -22.24 -8.72 4.34
C HIS H 297 -21.26 -8.89 3.20
N ALA H 298 -21.15 -7.88 2.33
CA ALA H 298 -20.21 -7.96 1.21
C ALA H 298 -18.77 -8.09 1.69
N GLN H 299 -18.37 -7.24 2.65
CA GLN H 299 -17.01 -7.29 3.16
C GLN H 299 -16.73 -8.61 3.86
N SER H 300 -17.66 -9.07 4.68
CA SER H 300 -17.45 -10.31 5.41
C SER H 300 -17.43 -11.51 4.47
N LYS H 301 -18.26 -11.49 3.43
CA LYS H 301 -18.22 -12.55 2.42
C LYS H 301 -16.91 -12.51 1.64
N ALA H 302 -16.34 -11.33 1.42
CA ALA H 302 -15.01 -11.26 0.81
C ALA H 302 -13.97 -11.93 1.71
N ARG H 303 -14.05 -11.69 3.01
CA ARG H 303 -13.11 -12.35 3.93
C ARG H 303 -13.31 -13.87 3.93
N ILE H 304 -14.57 -14.32 3.92
CA ILE H 304 -14.84 -15.75 3.85
C ILE H 304 -14.34 -16.33 2.53
N GLN H 305 -14.44 -15.56 1.44
CA GLN H 305 -13.91 -15.99 0.15
C GLN H 305 -12.40 -16.15 0.21
N GLU H 306 -11.72 -15.23 0.89
CA GLU H 306 -10.27 -15.37 1.08
C GLU H 306 -9.96 -16.65 1.86
N PHE H 307 -10.72 -16.93 2.91
CA PHE H 307 -10.52 -18.17 3.66
C PHE H 307 -10.76 -19.39 2.78
N VAL H 308 -11.79 -19.35 1.94
CA VAL H 308 -12.11 -20.48 1.09
C VAL H 308 -11.02 -20.70 0.04
N ARG H 309 -10.52 -19.61 -0.55
CA ARG H 309 -9.40 -19.72 -1.47
C ARG H 309 -8.18 -20.32 -0.78
N GLY H 310 -7.94 -19.95 0.47
CA GLY H 310 -6.86 -20.57 1.21
C GLY H 310 -7.07 -22.05 1.43
N HIS H 311 -8.29 -22.44 1.84
CA HIS H 311 -8.56 -23.84 2.16
C HIS H 311 -8.57 -24.69 0.91
N PHE H 312 -9.22 -24.24 -0.16
CA PHE H 312 -9.29 -24.99 -1.41
C PHE H 312 -8.24 -24.47 -2.39
N TYR H 313 -6.98 -24.70 -2.03
CA TYR H 313 -5.87 -24.33 -2.90
C TYR H 313 -5.50 -25.52 -3.78
N GLY H 314 -5.31 -25.26 -5.07
CA GLY H 314 -5.12 -26.32 -6.03
C GLY H 314 -6.40 -27.03 -6.42
N HIS H 315 -7.55 -26.57 -5.93
CA HIS H 315 -8.83 -27.19 -6.23
C HIS H 315 -9.91 -26.13 -6.49
N LEU H 316 -9.51 -24.94 -6.95
CA LEU H 316 -10.46 -23.88 -7.26
C LEU H 316 -11.05 -24.07 -8.66
N ASP H 317 -11.71 -25.21 -8.82
CA ASP H 317 -12.35 -25.57 -10.08
C ASP H 317 -13.81 -25.15 -10.16
N PHE H 318 -14.32 -24.46 -9.14
CA PHE H 318 -15.71 -24.02 -9.11
C PHE H 318 -15.76 -22.49 -9.05
N ASN H 319 -16.75 -21.91 -9.71
CA ASN H 319 -16.94 -20.48 -9.68
C ASN H 319 -17.25 -20.02 -8.26
N LEU H 320 -16.57 -18.97 -7.81
CA LEU H 320 -16.80 -18.42 -6.48
C LEU H 320 -17.96 -17.43 -6.44
N ASP H 321 -18.42 -16.94 -7.59
CA ASP H 321 -19.61 -16.10 -7.62
C ASP H 321 -20.89 -16.92 -7.49
N LYS H 322 -20.82 -18.22 -7.73
CA LYS H 322 -21.95 -19.12 -7.54
C LYS H 322 -21.85 -19.91 -6.24
N THR H 323 -21.11 -19.39 -5.27
CA THR H 323 -20.88 -20.07 -4.00
C THR H 323 -21.74 -19.44 -2.91
N LEU H 324 -22.49 -20.28 -2.21
CA LEU H 324 -23.35 -19.85 -1.11
C LEU H 324 -22.81 -20.45 0.20
N TYR H 325 -22.79 -19.63 1.24
CA TYR H 325 -22.21 -20.02 2.53
C TYR H 325 -23.34 -20.26 3.53
N PHE H 326 -23.59 -21.53 3.83
CA PHE H 326 -24.49 -21.93 4.89
C PHE H 326 -23.68 -22.24 6.14
N PHE H 327 -24.33 -22.15 7.29
CA PHE H 327 -23.64 -22.43 8.55
C PHE H 327 -24.64 -22.79 9.62
N ILE H 328 -24.18 -23.59 10.58
CA ILE H 328 -24.92 -23.91 11.79
C ILE H 328 -23.98 -23.72 12.97
N ALA H 329 -24.34 -22.84 13.89
CA ALA H 329 -23.47 -22.47 15.00
C ALA H 329 -24.11 -22.87 16.33
N GLY H 330 -23.47 -22.48 17.41
CA GLY H 330 -23.93 -22.79 18.75
C GLY H 330 -23.11 -23.89 19.40
N ARG H 331 -23.58 -24.31 20.57
CA ARG H 331 -22.89 -25.35 21.31
C ARG H 331 -22.99 -26.69 20.59
N TYR H 332 -22.04 -27.57 20.89
CA TYR H 332 -21.90 -28.85 20.18
C TYR H 332 -22.92 -29.85 20.74
N GLU H 333 -24.16 -29.68 20.30
CA GLU H 333 -25.22 -30.67 20.52
C GLU H 333 -25.64 -31.21 19.17
N PHE H 334 -25.51 -32.52 18.98
CA PHE H 334 -25.78 -33.11 17.67
C PHE H 334 -27.27 -33.21 17.39
N SER H 335 -28.00 -33.95 18.22
CA SER H 335 -29.41 -34.17 18.00
C SER H 335 -30.29 -33.03 18.50
N ASN H 336 -29.75 -32.11 19.30
CA ASN H 336 -30.54 -31.01 19.84
C ASN H 336 -30.45 -29.76 18.97
N LYS H 337 -29.25 -29.42 18.50
CA LYS H 337 -29.09 -28.27 17.61
C LYS H 337 -29.43 -28.59 16.16
N GLY H 338 -29.72 -29.86 15.85
CA GLY H 338 -30.10 -30.24 14.50
C GLY H 338 -28.95 -30.24 13.52
N ALA H 339 -27.92 -31.02 13.80
CA ALA H 339 -26.78 -31.16 12.89
C ALA H 339 -26.87 -32.40 12.01
N ASP H 340 -27.52 -33.46 12.48
CA ASP H 340 -27.69 -34.65 11.66
C ASP H 340 -28.62 -34.38 10.48
N VAL H 341 -29.75 -33.73 10.75
CA VAL H 341 -30.71 -33.44 9.68
C VAL H 341 -30.10 -32.45 8.69
N PHE H 342 -29.31 -31.48 9.19
CA PHE H 342 -28.65 -30.54 8.28
C PHE H 342 -27.67 -31.26 7.38
N LEU H 343 -26.93 -32.23 7.89
CA LEU H 343 -25.96 -32.95 7.07
C LEU H 343 -26.66 -33.86 6.07
N GLU H 344 -27.76 -34.50 6.48
CA GLU H 344 -28.53 -35.29 5.52
C GLU H 344 -29.08 -34.41 4.40
N ALA H 345 -29.59 -33.22 4.76
CA ALA H 345 -30.09 -32.30 3.75
C ALA H 345 -28.96 -31.80 2.85
N LEU H 346 -27.77 -31.61 3.42
CA LEU H 346 -26.62 -31.20 2.61
C LEU H 346 -26.26 -32.28 1.60
N ALA H 347 -26.24 -33.54 2.03
CA ALA H 347 -25.95 -34.63 1.10
C ALA H 347 -27.01 -34.72 0.00
N ARG H 348 -28.28 -34.60 0.37
CA ARG H 348 -29.34 -34.66 -0.64
C ARG H 348 -29.24 -33.49 -1.60
N LEU H 349 -28.99 -32.28 -1.10
CA LEU H 349 -28.85 -31.12 -1.96
C LEU H 349 -27.65 -31.26 -2.89
N ASN H 350 -26.56 -31.87 -2.39
CA ASN H 350 -25.42 -32.17 -3.25
C ASN H 350 -25.83 -33.11 -4.37
N TYR H 351 -26.62 -34.14 -4.05
CA TYR H 351 -27.05 -35.08 -5.08
C TYR H 351 -27.90 -34.39 -6.13
N LEU H 352 -28.87 -33.56 -5.70
CA LEU H 352 -29.69 -32.84 -6.67
C LEU H 352 -28.87 -31.86 -7.51
N LEU H 353 -27.92 -31.15 -6.89
CA LEU H 353 -27.10 -30.21 -7.65
C LEU H 353 -26.20 -30.94 -8.65
N ARG H 354 -25.75 -32.14 -8.31
CA ARG H 354 -24.93 -32.92 -9.24
C ARG H 354 -25.78 -33.43 -10.41
N VAL H 355 -26.96 -33.99 -10.11
CA VAL H 355 -27.78 -34.56 -11.17
C VAL H 355 -28.48 -33.48 -11.99
N ASN H 356 -28.53 -32.25 -11.50
CA ASN H 356 -29.15 -31.17 -12.24
C ASN H 356 -28.17 -30.40 -13.13
N GLY H 357 -26.89 -30.73 -13.07
CA GLY H 357 -25.89 -30.04 -13.86
C GLY H 357 -25.79 -28.57 -13.53
N SER H 358 -25.75 -28.25 -12.24
CA SER H 358 -25.77 -26.87 -11.77
C SER H 358 -24.35 -26.36 -11.53
N GLU H 359 -24.15 -25.09 -11.86
CA GLU H 359 -22.88 -24.42 -11.58
C GLU H 359 -22.82 -23.88 -10.16
N GLN H 360 -23.94 -23.86 -9.44
CA GLN H 360 -23.94 -23.41 -8.05
C GLN H 360 -23.20 -24.39 -7.16
N THR H 361 -22.45 -23.85 -6.21
CA THR H 361 -21.79 -24.64 -5.18
C THR H 361 -22.10 -24.03 -3.83
N VAL H 362 -22.14 -24.87 -2.80
CA VAL H 362 -22.53 -24.44 -1.46
C VAL H 362 -21.43 -24.86 -0.48
N VAL H 363 -20.89 -23.91 0.26
CA VAL H 363 -19.92 -24.19 1.32
C VAL H 363 -20.65 -24.07 2.65
N ALA H 364 -20.71 -25.18 3.37
CA ALA H 364 -21.45 -25.26 4.63
C ALA H 364 -20.47 -25.31 5.79
N PHE H 365 -20.57 -24.34 6.69
CA PHE H 365 -19.73 -24.27 7.87
C PHE H 365 -20.42 -24.91 9.06
N PHE H 366 -19.62 -25.46 9.97
CA PHE H 366 -20.11 -26.09 11.19
C PHE H 366 -19.30 -25.52 12.35
N ILE H 367 -19.86 -24.53 13.03
CA ILE H 367 -19.18 -23.89 14.18
C ILE H 367 -19.75 -24.55 15.43
N MET H 368 -19.13 -25.65 15.84
CA MET H 368 -19.51 -26.35 17.06
C MET H 368 -18.25 -26.69 17.86
N PRO H 369 -18.04 -26.09 19.03
CA PRO H 369 -16.79 -26.30 19.76
C PRO H 369 -16.64 -27.73 20.25
N ALA H 370 -15.63 -28.42 19.74
CA ALA H 370 -15.17 -29.68 20.28
C ALA H 370 -13.70 -29.54 20.64
N ARG H 371 -13.27 -30.24 21.69
CA ARG H 371 -11.89 -30.08 22.13
C ARG H 371 -10.94 -30.56 21.05
N THR H 372 -9.94 -29.74 20.75
CA THR H 372 -8.90 -30.08 19.81
C THR H 372 -7.55 -29.95 20.51
N ASN H 373 -6.47 -30.13 19.77
CA ASN H 373 -5.14 -29.82 20.28
C ASN H 373 -4.51 -28.62 19.60
N ASN H 374 -4.66 -28.51 18.28
CA ASN H 374 -4.26 -27.35 17.51
C ASN H 374 -4.85 -27.52 16.11
N PHE H 375 -4.48 -26.63 15.19
CA PHE H 375 -4.86 -26.80 13.80
C PHE H 375 -4.11 -27.97 13.19
N ASN H 376 -4.61 -28.45 12.05
CA ASN H 376 -3.87 -29.43 11.27
C ASN H 376 -2.97 -28.71 10.27
N VAL H 377 -1.97 -29.43 9.79
CA VAL H 377 -0.98 -28.83 8.90
C VAL H 377 -1.63 -28.39 7.59
N GLU H 378 -2.64 -29.12 7.13
CA GLU H 378 -3.21 -28.85 5.81
C GLU H 378 -3.86 -27.47 5.74
N THR H 379 -4.61 -27.08 6.78
CA THR H 379 -5.36 -25.82 6.72
C THR H 379 -4.41 -24.61 6.81
N LEU H 380 -3.49 -24.63 7.77
CA LEU H 380 -2.52 -23.56 7.88
C LEU H 380 -1.64 -23.49 6.64
N LYS H 381 -1.25 -24.65 6.11
CA LYS H 381 -0.48 -24.68 4.87
C LYS H 381 -1.27 -24.08 3.73
N GLY H 382 -2.57 -24.36 3.65
CA GLY H 382 -3.40 -23.81 2.59
C GLY H 382 -3.50 -22.30 2.66
N GLN H 383 -3.71 -21.76 3.86
CA GLN H 383 -3.69 -20.31 4.01
C GLN H 383 -2.33 -19.74 3.60
N ALA H 384 -1.26 -20.42 3.99
CA ALA H 384 0.09 -19.97 3.66
C ALA H 384 0.32 -19.94 2.16
N VAL H 385 -0.10 -20.98 1.44
CA VAL H 385 0.14 -20.98 -0.01
C VAL H 385 -0.77 -19.97 -0.69
N ARG H 386 -1.99 -19.78 -0.18
CA ARG H 386 -2.86 -18.76 -0.74
C ARG H 386 -2.20 -17.39 -0.68
N LYS H 387 -1.66 -17.04 0.49
CA LYS H 387 -1.02 -15.73 0.62
C LYS H 387 0.37 -15.69 -0.01
N GLN H 388 1.01 -16.83 -0.22
CA GLN H 388 2.23 -16.87 -1.03
C GLN H 388 1.92 -16.57 -2.49
N LEU H 389 0.83 -17.14 -3.02
CA LEU H 389 0.37 -16.78 -4.36
C LEU H 389 0.01 -15.30 -4.42
N TRP H 390 -0.62 -14.79 -3.36
CA TRP H 390 -0.94 -13.37 -3.29
C TRP H 390 0.33 -12.52 -3.37
N ASP H 391 1.38 -12.93 -2.66
CA ASP H 391 2.65 -12.20 -2.69
C ASP H 391 3.31 -12.27 -4.07
N THR H 392 3.28 -13.45 -4.71
CA THR H 392 3.88 -13.58 -6.04
C THR H 392 3.14 -12.72 -7.06
N ALA H 393 1.80 -12.78 -7.04
CA ALA H 393 1.01 -11.92 -7.90
C ALA H 393 1.28 -10.46 -7.60
N ASN H 394 1.49 -10.12 -6.34
CA ASN H 394 1.81 -8.75 -5.98
C ASN H 394 3.14 -8.32 -6.60
N THR H 395 4.15 -9.19 -6.53
CA THR H 395 5.46 -8.86 -7.08
C THR H 395 5.38 -8.62 -8.59
N VAL H 396 4.75 -9.55 -9.30
CA VAL H 396 4.54 -9.35 -10.73
C VAL H 396 3.74 -8.07 -10.96
N LYS H 397 2.84 -7.75 -10.03
CA LYS H 397 2.00 -6.57 -10.15
C LYS H 397 2.82 -5.29 -10.04
N GLU H 398 3.74 -5.19 -9.07
CA GLU H 398 4.57 -3.99 -9.01
C GLU H 398 5.48 -3.89 -10.22
N LYS H 399 6.06 -5.01 -10.65
CA LYS H 399 6.93 -4.94 -11.83
C LYS H 399 6.14 -4.45 -13.06
N PHE H 400 4.93 -5.00 -13.26
CA PHE H 400 4.09 -4.58 -14.36
C PHE H 400 3.69 -3.11 -14.22
N GLY H 401 3.37 -2.68 -13.00
CA GLY H 401 2.97 -1.30 -12.80
C GLY H 401 4.10 -0.32 -13.08
N ARG H 402 5.33 -0.68 -12.69
CA ARG H 402 6.47 0.18 -12.98
C ARG H 402 6.74 0.26 -14.47
N LYS H 403 6.69 -0.88 -15.17
CA LYS H 403 6.90 -0.86 -16.61
C LYS H 403 5.80 -0.06 -17.31
N LEU H 404 4.55 -0.23 -16.86
CA LEU H 404 3.44 0.51 -17.45
C LEU H 404 3.57 2.00 -17.16
N TYR H 405 4.05 2.37 -15.97
CA TYR H 405 4.26 3.76 -15.64
C TYR H 405 5.34 4.36 -16.53
N GLU H 406 6.41 3.61 -16.79
CA GLU H 406 7.43 4.07 -17.73
C GLU H 406 6.84 4.28 -19.12
N SER H 407 6.02 3.32 -19.57
CA SER H 407 5.42 3.44 -20.90
C SER H 407 4.52 4.66 -21.00
N LEU H 408 3.69 4.89 -19.97
CA LEU H 408 2.79 6.05 -19.98
C LEU H 408 3.56 7.36 -19.87
N LEU H 409 4.66 7.38 -19.12
CA LEU H 409 5.51 8.56 -19.07
C LEU H 409 6.10 8.87 -20.43
N VAL H 410 6.57 7.84 -21.14
CA VAL H 410 7.10 8.04 -22.49
C VAL H 410 6.01 8.57 -23.42
N GLY H 411 4.81 8.02 -23.32
CA GLY H 411 3.71 8.40 -24.17
C GLY H 411 3.25 7.34 -25.15
N SER H 412 3.66 6.09 -24.96
CA SER H 412 3.34 5.01 -25.89
C SER H 412 2.43 4.00 -25.21
N LEU H 413 1.35 3.63 -25.89
CA LEU H 413 0.46 2.61 -25.36
C LEU H 413 1.20 1.28 -25.29
N PRO H 414 1.04 0.51 -24.22
CA PRO H 414 1.72 -0.78 -24.14
C PRO H 414 1.28 -1.74 -25.23
N ASP H 415 2.24 -2.52 -25.72
CA ASP H 415 1.92 -3.65 -26.59
C ASP H 415 1.80 -4.96 -25.82
N MET H 416 1.99 -4.91 -24.50
CA MET H 416 1.63 -5.94 -23.52
C MET H 416 2.52 -7.17 -23.58
N ASN H 417 3.44 -7.26 -24.55
CA ASN H 417 4.35 -8.39 -24.62
C ASN H 417 5.80 -8.04 -24.33
N LYS H 418 6.16 -6.77 -24.30
CA LYS H 418 7.52 -6.35 -24.00
C LYS H 418 7.79 -6.18 -22.51
N MET H 419 6.73 -6.20 -21.70
CA MET H 419 6.89 -5.94 -20.26
C MET H 419 7.39 -7.19 -19.53
N LEU H 420 6.61 -8.27 -19.55
CA LEU H 420 6.98 -9.46 -18.75
C LEU H 420 8.11 -10.27 -19.41
N ASP H 421 9.20 -10.48 -18.67
CA ASP H 421 10.39 -11.18 -19.15
C ASP H 421 10.28 -12.66 -18.79
N LYS H 422 11.40 -13.38 -18.88
CA LYS H 422 11.39 -14.81 -18.62
C LYS H 422 11.42 -15.13 -17.13
N GLU H 423 12.03 -14.27 -16.31
CA GLU H 423 12.19 -14.58 -14.90
C GLU H 423 10.85 -14.58 -14.15
N ASP H 424 9.97 -13.61 -14.46
CA ASP H 424 8.70 -13.55 -13.74
C ASP H 424 7.74 -14.63 -14.22
N PHE H 425 7.80 -14.99 -15.50
CA PHE H 425 7.09 -16.19 -15.96
C PHE H 425 7.64 -17.43 -15.28
N THR H 426 8.96 -17.48 -15.07
CA THR H 426 9.55 -18.63 -14.38
C THR H 426 9.03 -18.74 -12.96
N MET H 427 8.94 -17.62 -12.23
CA MET H 427 8.48 -17.70 -10.86
C MET H 427 6.98 -17.93 -10.77
N MET H 428 6.20 -17.43 -11.74
CA MET H 428 4.78 -17.80 -11.78
C MET H 428 4.61 -19.28 -12.03
N LYS H 429 5.40 -19.86 -12.94
CA LYS H 429 5.33 -21.30 -13.18
C LYS H 429 5.71 -22.07 -11.92
N ARG H 430 6.76 -21.64 -11.23
CA ARG H 430 7.18 -22.32 -10.01
C ARG H 430 6.12 -22.22 -8.93
N ALA H 431 5.48 -21.06 -8.80
CA ALA H 431 4.41 -20.90 -7.82
C ALA H 431 3.22 -21.79 -8.16
N ILE H 432 2.85 -21.86 -9.44
CA ILE H 432 1.74 -22.71 -9.84
C ILE H 432 2.05 -24.18 -9.55
N PHE H 433 3.29 -24.60 -9.84
CA PHE H 433 3.68 -25.98 -9.56
C PHE H 433 3.68 -26.25 -8.06
N ALA H 434 4.10 -25.27 -7.26
CA ALA H 434 4.17 -25.46 -5.81
C ALA H 434 2.79 -25.65 -5.20
N THR H 435 1.77 -25.03 -5.77
CA THR H 435 0.41 -25.12 -5.24
C THR H 435 -0.35 -26.34 -5.74
N GLN H 436 0.25 -27.15 -6.60
CA GLN H 436 -0.40 -28.37 -7.04
C GLN H 436 -0.61 -29.31 -5.86
N ARG H 437 -1.80 -29.89 -5.78
CA ARG H 437 -2.20 -30.70 -4.64
C ARG H 437 -3.01 -31.89 -5.12
N GLN H 438 -2.70 -33.06 -4.59
CA GLN H 438 -3.38 -34.29 -4.97
C GLN H 438 -4.42 -34.75 -3.95
N SER H 439 -4.20 -34.48 -2.67
CA SER H 439 -5.17 -34.82 -1.65
C SER H 439 -6.31 -33.80 -1.64
N PHE H 440 -7.46 -34.25 -1.15
CA PHE H 440 -8.61 -33.37 -1.06
C PHE H 440 -8.50 -32.45 0.15
N PRO H 441 -9.10 -31.27 0.09
CA PRO H 441 -9.08 -30.35 1.24
C PRO H 441 -9.76 -30.99 2.44
N PRO H 442 -9.26 -30.74 3.65
CA PRO H 442 -9.82 -31.38 4.83
C PRO H 442 -11.18 -30.79 5.20
N VAL H 443 -11.96 -31.59 5.91
CA VAL H 443 -13.27 -31.15 6.38
C VAL H 443 -13.19 -30.46 7.75
N CYS H 444 -12.13 -30.69 8.51
CA CYS H 444 -11.95 -30.10 9.82
C CYS H 444 -10.70 -29.23 9.82
N THR H 445 -10.84 -27.97 10.22
CA THR H 445 -9.71 -27.05 10.23
C THR H 445 -8.76 -27.32 11.39
N HIS H 446 -9.22 -27.95 12.45
CA HIS H 446 -8.40 -28.22 13.63
C HIS H 446 -8.04 -29.70 13.69
N ASN H 447 -7.12 -30.03 14.58
CA ASN H 447 -6.72 -31.41 14.85
C ASN H 447 -7.42 -31.87 16.12
N MET H 448 -8.53 -32.59 15.94
CA MET H 448 -9.31 -33.11 17.06
C MET H 448 -8.67 -34.37 17.60
N LEU H 449 -8.73 -34.53 18.92
CA LEU H 449 -8.06 -35.65 19.57
C LEU H 449 -8.91 -36.92 19.56
N ASP H 450 -10.16 -36.84 19.13
CA ASP H 450 -11.02 -38.03 18.99
C ASP H 450 -11.85 -37.93 17.71
N ASP H 451 -11.29 -38.43 16.62
CA ASP H 451 -11.99 -38.41 15.34
C ASP H 451 -12.87 -39.63 15.11
N SER H 452 -12.52 -40.76 15.74
CA SER H 452 -13.33 -41.97 15.60
C SER H 452 -14.63 -41.91 16.39
N SER H 453 -14.80 -40.92 17.26
CA SER H 453 -15.99 -40.80 18.08
C SER H 453 -16.72 -39.48 17.90
N ASP H 454 -16.28 -38.65 16.97
CA ASP H 454 -16.95 -37.38 16.72
C ASP H 454 -18.18 -37.61 15.85
N PRO H 455 -19.39 -37.25 16.31
CA PRO H 455 -20.58 -37.47 15.47
C PRO H 455 -20.52 -36.74 14.13
N ILE H 456 -20.03 -35.51 14.11
CA ILE H 456 -20.05 -34.72 12.88
C ILE H 456 -19.16 -35.35 11.82
N LEU H 457 -17.92 -35.66 12.19
CA LEU H 457 -17.00 -36.26 11.23
C LEU H 457 -17.46 -37.66 10.83
N THR H 458 -18.04 -38.41 11.76
CA THR H 458 -18.55 -39.73 11.46
C THR H 458 -19.63 -39.67 10.39
N THR H 459 -20.63 -38.80 10.58
CA THR H 459 -21.70 -38.73 9.59
C THR H 459 -21.22 -38.08 8.29
N ILE H 460 -20.23 -37.19 8.36
CA ILE H 460 -19.68 -36.61 7.14
C ILE H 460 -19.02 -37.68 6.29
N ARG H 461 -18.18 -38.52 6.91
CA ARG H 461 -17.55 -39.60 6.15
C ARG H 461 -18.54 -40.69 5.80
N ARG H 462 -19.67 -40.79 6.50
CA ARG H 462 -20.69 -41.77 6.14
C ARG H 462 -21.46 -41.32 4.90
N ILE H 463 -21.79 -40.03 4.80
CA ILE H 463 -22.61 -39.55 3.69
C ILE H 463 -21.74 -39.26 2.48
N GLY H 464 -20.46 -39.60 2.57
CA GLY H 464 -19.55 -39.48 1.45
C GLY H 464 -19.32 -38.06 0.97
N LEU H 465 -18.98 -37.15 1.88
CA LEU H 465 -18.68 -35.77 1.55
C LEU H 465 -17.24 -35.48 1.96
N PHE H 466 -16.38 -35.24 0.96
CA PHE H 466 -14.96 -35.03 1.23
C PHE H 466 -14.39 -33.85 0.43
N ASN H 467 -15.22 -32.87 0.12
CA ASN H 467 -14.81 -31.67 -0.61
C ASN H 467 -14.20 -32.02 -1.96
N SER H 468 -14.70 -33.08 -2.59
CA SER H 468 -14.15 -33.54 -3.86
C SER H 468 -14.46 -32.54 -4.98
N SER H 469 -13.84 -32.76 -6.14
CA SER H 469 -14.09 -31.92 -7.29
C SER H 469 -15.52 -32.10 -7.80
N ALA H 470 -16.04 -33.33 -7.76
CA ALA H 470 -17.39 -33.58 -8.22
C ALA H 470 -18.44 -33.11 -7.21
N ASP H 471 -18.07 -33.06 -5.93
CA ASP H 471 -19.02 -32.62 -4.91
C ASP H 471 -19.46 -31.19 -5.15
N ARG H 472 -20.76 -30.96 -5.12
CA ARG H 472 -21.31 -29.62 -5.27
C ARG H 472 -21.43 -28.87 -3.95
N VAL H 473 -21.33 -29.58 -2.82
CA VAL H 473 -21.30 -28.95 -1.50
C VAL H 473 -19.99 -29.33 -0.82
N LYS H 474 -19.40 -28.35 -0.13
CA LYS H 474 -18.14 -28.52 0.56
C LYS H 474 -18.36 -28.18 2.03
N VAL H 475 -18.00 -29.12 2.91
CA VAL H 475 -18.26 -28.99 4.34
C VAL H 475 -16.97 -28.59 5.04
N ILE H 476 -17.05 -27.55 5.87
CA ILE H 476 -15.92 -27.08 6.68
C ILE H 476 -16.37 -27.10 8.14
N PHE H 477 -15.74 -27.95 8.93
CA PHE H 477 -16.03 -28.06 10.35
C PHE H 477 -14.97 -27.28 11.12
N HIS H 478 -15.40 -26.23 11.82
CA HIS H 478 -14.48 -25.38 12.57
C HIS H 478 -14.76 -25.57 14.06
N PRO H 479 -14.17 -26.60 14.68
CA PRO H 479 -14.55 -26.94 16.06
C PRO H 479 -14.04 -25.95 17.09
N GLU H 480 -14.50 -24.70 16.99
CA GLU H 480 -14.08 -23.65 17.91
C GLU H 480 -14.94 -22.42 17.65
N PHE H 481 -15.17 -21.64 18.70
CA PHE H 481 -15.81 -20.34 18.54
C PHE H 481 -14.92 -19.43 17.70
N LEU H 482 -15.54 -18.63 16.85
CA LEU H 482 -14.78 -17.70 16.02
C LEU H 482 -14.29 -16.52 16.86
N SER H 483 -13.11 -16.04 16.52
CA SER H 483 -12.51 -14.90 17.22
C SER H 483 -11.80 -14.01 16.20
N SER H 484 -11.70 -12.73 16.54
CA SER H 484 -11.08 -11.75 15.64
C SER H 484 -9.56 -11.82 15.66
N THR H 485 -8.97 -12.58 16.59
CA THR H 485 -7.52 -12.68 16.71
C THR H 485 -7.08 -14.13 16.54
N SER H 486 -7.64 -14.82 15.55
CA SER H 486 -7.28 -16.18 15.24
C SER H 486 -6.28 -16.20 14.08
N PRO H 487 -5.33 -17.14 14.08
CA PRO H 487 -4.37 -17.21 12.98
C PRO H 487 -5.01 -17.37 11.61
N LEU H 488 -6.11 -18.11 11.53
CA LEU H 488 -6.92 -18.18 10.34
C LEU H 488 -8.37 -17.84 10.70
N LEU H 489 -9.10 -17.29 9.72
CA LEU H 489 -10.43 -16.74 9.94
C LEU H 489 -10.40 -15.66 11.02
N PRO H 490 -9.77 -14.50 10.75
CA PRO H 490 -9.70 -13.41 11.73
C PRO H 490 -11.00 -12.60 11.81
N VAL H 491 -12.12 -13.31 11.98
CA VAL H 491 -13.44 -12.70 12.05
C VAL H 491 -14.11 -13.16 13.34
N ASP H 492 -14.71 -12.22 14.07
CA ASP H 492 -15.56 -12.61 15.17
C ASP H 492 -16.87 -13.17 14.64
N TYR H 493 -17.68 -13.71 15.56
CA TYR H 493 -18.87 -14.45 15.16
C TYR H 493 -19.85 -13.59 14.37
N GLU H 494 -20.08 -12.35 14.82
CA GLU H 494 -21.07 -11.51 14.16
C GLU H 494 -20.67 -11.18 12.74
N GLU H 495 -19.38 -10.86 12.52
CA GLU H 495 -18.92 -10.56 11.17
C GLU H 495 -19.06 -11.77 10.24
N PHE H 496 -18.67 -12.95 10.73
CA PHE H 496 -18.80 -14.16 9.92
C PHE H 496 -20.25 -14.45 9.58
N VAL H 497 -21.16 -14.28 10.55
CA VAL H 497 -22.56 -14.52 10.28
C VAL H 497 -23.08 -13.52 9.25
N ARG H 498 -22.64 -12.26 9.36
CA ARG H 498 -22.99 -11.27 8.34
C ARG H 498 -22.50 -11.69 6.97
N GLY H 499 -21.37 -12.38 6.91
CA GLY H 499 -20.83 -12.79 5.62
C GLY H 499 -21.52 -13.96 4.98
N CYS H 500 -22.18 -14.82 5.76
CA CYS H 500 -22.81 -16.01 5.21
C CYS H 500 -24.07 -15.62 4.43
N HIS H 501 -24.70 -16.63 3.84
CA HIS H 501 -25.89 -16.44 3.03
C HIS H 501 -27.16 -16.98 3.65
N LEU H 502 -27.07 -18.03 4.47
CA LEU H 502 -28.25 -18.65 5.05
C LEU H 502 -27.84 -19.40 6.29
N GLY H 503 -28.47 -19.08 7.43
CA GLY H 503 -28.19 -19.81 8.66
C GLY H 503 -29.22 -20.89 8.91
N VAL H 504 -28.79 -22.14 8.86
CA VAL H 504 -29.69 -23.29 9.02
C VAL H 504 -29.56 -23.78 10.45
N PHE H 505 -30.64 -23.64 11.23
CA PHE H 505 -30.68 -24.08 12.62
C PHE H 505 -31.92 -24.95 12.84
N PRO H 506 -31.93 -26.16 12.29
CA PRO H 506 -33.08 -27.07 12.48
C PRO H 506 -33.03 -27.76 13.84
N SER H 507 -33.03 -26.97 14.90
CA SER H 507 -32.88 -27.50 16.25
C SER H 507 -34.14 -28.24 16.68
N TYR H 508 -33.96 -29.44 17.21
CA TYR H 508 -35.10 -30.23 17.69
C TYR H 508 -35.63 -29.68 19.01
N TYR H 509 -34.78 -29.66 20.03
CA TYR H 509 -35.15 -29.11 21.33
C TYR H 509 -34.19 -27.98 21.70
N GLU H 510 -34.71 -26.75 21.75
CA GLU H 510 -34.00 -25.65 22.39
C GLU H 510 -35.04 -24.61 22.75
N PRO H 511 -34.95 -23.99 23.92
CA PRO H 511 -36.05 -23.12 24.39
C PRO H 511 -36.35 -21.94 23.47
N TRP H 512 -35.39 -21.05 23.22
CA TRP H 512 -35.66 -19.87 22.42
C TRP H 512 -34.86 -19.85 21.11
N GLY H 513 -33.53 -19.87 21.19
CA GLY H 513 -32.72 -19.79 19.99
C GLY H 513 -32.18 -18.39 19.72
N TYR H 514 -30.91 -18.15 20.06
CA TYR H 514 -30.32 -16.86 19.79
C TYR H 514 -29.74 -16.76 18.38
N THR H 515 -29.07 -17.80 17.90
CA THR H 515 -28.38 -17.70 16.61
C THR H 515 -29.30 -17.25 15.48
N PRO H 516 -30.49 -17.83 15.27
CA PRO H 516 -31.38 -17.27 14.25
C PRO H 516 -31.84 -15.86 14.57
N ALA H 517 -31.91 -15.49 15.85
CA ALA H 517 -32.36 -14.15 16.21
C ALA H 517 -31.40 -13.09 15.68
N GLU H 518 -30.11 -13.22 15.96
CA GLU H 518 -29.17 -12.25 15.40
C GLU H 518 -28.91 -12.48 13.92
N CYS H 519 -29.14 -13.69 13.39
CA CYS H 519 -29.12 -13.85 11.94
C CYS H 519 -30.16 -12.96 11.27
N THR H 520 -31.38 -12.94 11.81
CA THR H 520 -32.43 -12.09 11.25
C THR H 520 -32.20 -10.62 11.59
N VAL H 521 -31.59 -10.34 12.75
CA VAL H 521 -31.27 -8.96 13.10
C VAL H 521 -30.25 -8.38 12.12
N MET H 522 -29.26 -9.18 11.74
CA MET H 522 -28.21 -8.75 10.82
C MET H 522 -28.60 -8.94 9.37
N GLY H 523 -29.80 -9.43 9.09
CA GLY H 523 -30.32 -9.51 7.74
C GLY H 523 -30.18 -10.85 7.05
N ILE H 524 -29.57 -11.83 7.68
CA ILE H 524 -29.34 -13.13 7.05
C ILE H 524 -30.60 -13.97 7.18
N PRO H 525 -31.14 -14.51 6.08
CA PRO H 525 -32.27 -15.44 6.20
C PRO H 525 -31.86 -16.67 6.99
N SER H 526 -32.82 -17.21 7.73
CA SER H 526 -32.57 -18.33 8.63
C SER H 526 -33.63 -19.40 8.46
N ILE H 527 -33.28 -20.61 8.87
CA ILE H 527 -34.18 -21.75 8.85
C ILE H 527 -34.38 -22.17 10.30
N SER H 528 -35.51 -21.77 10.88
CA SER H 528 -35.86 -22.11 12.25
C SER H 528 -36.79 -23.32 12.26
N THR H 529 -37.33 -23.65 13.42
CA THR H 529 -38.25 -24.77 13.57
C THR H 529 -39.44 -24.34 14.40
N ASN H 530 -40.54 -25.08 14.26
CA ASN H 530 -41.72 -24.85 15.06
C ASN H 530 -41.59 -25.40 16.47
N LEU H 531 -40.52 -26.14 16.76
CA LEU H 531 -40.19 -26.56 18.11
C LEU H 531 -39.29 -25.57 18.83
N SER H 532 -38.99 -24.44 18.20
CA SER H 532 -38.08 -23.43 18.75
C SER H 532 -38.87 -22.23 19.24
N GLY H 533 -38.32 -21.56 20.27
CA GLY H 533 -38.95 -20.36 20.76
C GLY H 533 -38.93 -19.23 19.75
N PHE H 534 -37.84 -19.10 19.01
CA PHE H 534 -37.78 -18.09 17.96
C PHE H 534 -38.76 -18.39 16.84
N GLY H 535 -38.82 -19.66 16.41
CA GLY H 535 -39.76 -20.03 15.37
C GLY H 535 -41.20 -19.85 15.79
N CYS H 536 -41.53 -20.25 17.02
CA CYS H 536 -42.88 -20.05 17.53
C CYS H 536 -43.20 -18.56 17.66
N PHE H 537 -42.25 -17.77 18.14
CA PHE H 537 -42.47 -16.34 18.29
C PHE H 537 -42.73 -15.67 16.96
N MET H 538 -41.97 -16.03 15.93
CA MET H 538 -42.17 -15.47 14.60
C MET H 538 -43.34 -16.10 13.86
N GLU H 539 -43.87 -17.21 14.37
CA GLU H 539 -44.98 -17.90 13.68
C GLU H 539 -46.26 -17.06 13.71
N GLU H 540 -46.65 -16.58 14.89
CA GLU H 540 -47.91 -15.86 15.05
C GLU H 540 -47.74 -14.35 15.05
N HIS H 541 -46.53 -13.86 14.82
CA HIS H 541 -46.30 -12.42 14.72
C HIS H 541 -46.32 -11.90 13.30
N ILE H 542 -46.21 -12.80 12.31
CA ILE H 542 -46.16 -12.43 10.90
C ILE H 542 -47.09 -13.36 10.13
N ALA H 543 -47.90 -12.77 9.26
CA ALA H 543 -48.73 -13.55 8.36
C ALA H 543 -47.89 -14.11 7.22
N ASP H 544 -48.09 -15.40 6.94
CA ASP H 544 -47.36 -16.11 5.88
C ASP H 544 -45.85 -15.97 6.03
N PRO H 545 -45.23 -16.67 6.98
CA PRO H 545 -43.76 -16.64 7.06
C PRO H 545 -43.12 -17.32 5.85
N SER H 546 -41.79 -17.35 5.82
CA SER H 546 -40.98 -17.88 4.72
C SER H 546 -41.03 -16.94 3.53
N ALA H 547 -41.87 -15.91 3.60
CA ALA H 547 -41.81 -14.78 2.67
C ALA H 547 -40.91 -13.67 3.18
N TYR H 548 -40.40 -13.80 4.41
CA TYR H 548 -39.48 -12.84 5.00
C TYR H 548 -38.14 -13.49 5.33
N GLY H 549 -37.81 -14.60 4.68
CA GLY H 549 -36.57 -15.30 4.95
C GLY H 549 -36.61 -16.23 6.14
N ILE H 550 -37.74 -16.34 6.83
CA ILE H 550 -37.85 -17.19 8.02
C ILE H 550 -38.44 -18.51 7.54
N TYR H 551 -37.57 -19.43 7.14
CA TYR H 551 -38.01 -20.74 6.66
C TYR H 551 -38.33 -21.61 7.87
N ILE H 552 -39.56 -21.46 8.37
CA ILE H 552 -39.99 -22.29 9.50
C ILE H 552 -40.13 -23.72 9.04
N LEU H 553 -39.50 -24.64 9.78
CA LEU H 553 -39.46 -26.05 9.41
C LEU H 553 -40.21 -26.85 10.47
N ASP H 554 -41.20 -27.62 10.04
CA ASP H 554 -42.03 -28.38 10.95
C ASP H 554 -41.29 -29.65 11.39
N ARG H 555 -41.08 -29.79 12.70
CA ARG H 555 -40.48 -30.98 13.27
C ARG H 555 -41.38 -31.67 14.28
N ARG H 556 -42.56 -31.12 14.57
CA ARG H 556 -43.47 -31.69 15.54
C ARG H 556 -44.48 -32.64 14.90
N PHE H 557 -45.03 -32.26 13.74
CA PHE H 557 -46.04 -33.06 13.06
C PHE H 557 -45.46 -33.89 11.91
N ARG H 558 -44.14 -33.97 11.81
CA ARG H 558 -43.48 -34.68 10.73
C ARG H 558 -42.41 -35.61 11.29
N SER H 559 -42.16 -36.71 10.58
CA SER H 559 -41.12 -37.64 10.97
C SER H 559 -39.75 -37.08 10.61
N LEU H 560 -38.71 -37.80 11.03
CA LEU H 560 -37.34 -37.35 10.77
C LEU H 560 -37.04 -37.29 9.28
N ASP H 561 -37.44 -38.32 8.53
CA ASP H 561 -37.19 -38.34 7.10
C ASP H 561 -37.95 -37.22 6.39
N ASP H 562 -39.20 -37.01 6.78
CA ASP H 562 -39.98 -35.92 6.17
C ASP H 562 -39.39 -34.56 6.49
N SER H 563 -38.90 -34.38 7.72
CA SER H 563 -38.24 -33.12 8.07
C SER H 563 -36.96 -32.93 7.25
N CYS H 564 -36.20 -34.00 7.04
CA CYS H 564 -35.01 -33.90 6.20
C CYS H 564 -35.37 -33.54 4.77
N SER H 565 -36.44 -34.14 4.24
CA SER H 565 -36.89 -33.81 2.88
C SER H 565 -37.31 -32.36 2.78
N GLN H 566 -38.03 -31.86 3.79
CA GLN H 566 -38.45 -30.47 3.78
C GLN H 566 -37.25 -29.53 3.87
N LEU H 567 -36.25 -29.89 4.67
CA LEU H 567 -35.03 -29.09 4.75
C LEU H 567 -34.30 -29.08 3.41
N THR H 568 -34.23 -30.23 2.74
CA THR H 568 -33.62 -30.29 1.42
C THR H 568 -34.37 -29.41 0.43
N SER H 569 -35.70 -29.44 0.47
CA SER H 569 -36.49 -28.59 -0.41
C SER H 569 -36.24 -27.12 -0.14
N PHE H 570 -36.15 -26.74 1.14
CA PHE H 570 -35.86 -25.35 1.49
C PHE H 570 -34.49 -24.93 0.99
N LEU H 571 -33.48 -25.80 1.16
CA LEU H 571 -32.13 -25.47 0.70
C LEU H 571 -32.10 -25.33 -0.81
N TYR H 572 -32.75 -26.23 -1.54
CA TYR H 572 -32.77 -26.13 -2.99
C TYR H 572 -33.50 -24.88 -3.44
N SER H 573 -34.62 -24.54 -2.79
CA SER H 573 -35.36 -23.34 -3.15
C SER H 573 -34.52 -22.10 -2.92
N PHE H 574 -33.73 -22.06 -1.84
CA PHE H 574 -32.81 -20.96 -1.63
C PHE H 574 -31.74 -20.95 -2.71
N CYS H 575 -31.30 -22.13 -3.16
CA CYS H 575 -30.26 -22.21 -4.18
C CYS H 575 -30.74 -21.65 -5.52
N GLN H 576 -32.01 -21.92 -5.89
CA GLN H 576 -32.47 -21.57 -7.23
C GLN H 576 -32.61 -20.06 -7.44
N GLN H 577 -32.86 -19.28 -6.40
CA GLN H 577 -33.09 -17.86 -6.61
C GLN H 577 -31.78 -17.13 -6.93
N SER H 578 -31.91 -16.09 -7.73
CA SER H 578 -30.75 -15.36 -8.24
C SER H 578 -30.24 -14.36 -7.20
N ARG H 579 -29.26 -13.54 -7.61
CA ARG H 579 -28.67 -12.57 -6.69
C ARG H 579 -29.67 -11.51 -6.27
N ARG H 580 -30.48 -11.01 -7.22
CA ARG H 580 -31.48 -10.00 -6.89
C ARG H 580 -32.48 -10.52 -5.88
N GLN H 581 -32.94 -11.76 -6.06
CA GLN H 581 -33.87 -12.35 -5.11
C GLN H 581 -33.23 -12.53 -3.74
N ARG H 582 -31.96 -12.91 -3.70
CA ARG H 582 -31.25 -13.03 -2.42
C ARG H 582 -31.16 -11.68 -1.72
N ILE H 583 -30.85 -10.62 -2.46
CA ILE H 583 -30.76 -9.29 -1.87
C ILE H 583 -32.11 -8.85 -1.32
N ILE H 584 -33.18 -9.06 -2.10
CA ILE H 584 -34.51 -8.70 -1.66
C ILE H 584 -34.90 -9.48 -0.40
N GLN H 585 -34.59 -10.78 -0.39
CA GLN H 585 -34.90 -11.61 0.76
C GLN H 585 -34.14 -11.15 2.00
N ARG H 586 -32.87 -10.76 1.84
CA ARG H 586 -32.11 -10.24 2.96
C ARG H 586 -32.70 -8.93 3.47
N ASN H 587 -33.18 -8.08 2.56
CA ASN H 587 -33.85 -6.85 2.98
C ASN H 587 -35.09 -7.16 3.80
N ARG H 588 -35.91 -8.10 3.32
CA ARG H 588 -37.14 -8.45 4.03
CA ARG H 588 -37.14 -8.45 4.03
C ARG H 588 -36.83 -9.05 5.39
N THR H 589 -35.81 -9.91 5.47
CA THR H 589 -35.42 -10.50 6.74
C THR H 589 -34.91 -9.44 7.72
N GLU H 590 -34.13 -8.48 7.21
CA GLU H 590 -33.64 -7.40 8.06
C GLU H 590 -34.78 -6.53 8.57
N ARG H 591 -35.85 -6.40 7.79
CA ARG H 591 -36.97 -5.55 8.22
C ARG H 591 -37.62 -6.05 9.50
N LEU H 592 -37.36 -7.29 9.89
CA LEU H 592 -38.00 -7.88 11.07
C LEU H 592 -37.21 -7.66 12.35
N SER H 593 -36.16 -6.85 12.31
CA SER H 593 -35.33 -6.65 13.49
C SER H 593 -36.10 -5.97 14.62
N ASP H 594 -37.10 -5.16 14.27
CA ASP H 594 -37.84 -4.43 15.29
C ASP H 594 -38.64 -5.35 16.20
N LEU H 595 -39.00 -6.55 15.71
CA LEU H 595 -39.75 -7.49 16.53
C LEU H 595 -38.92 -7.98 17.71
N LEU H 596 -37.63 -8.20 17.50
CA LEU H 596 -36.75 -8.75 18.53
C LEU H 596 -35.98 -7.67 19.28
N ASP H 597 -36.26 -6.40 19.03
CA ASP H 597 -35.59 -5.33 19.75
C ASP H 597 -35.96 -5.37 21.23
N TRP H 598 -35.02 -4.96 22.08
CA TRP H 598 -35.29 -4.92 23.51
C TRP H 598 -36.27 -3.80 23.88
N LYS H 599 -36.41 -2.79 23.03
CA LYS H 599 -37.41 -1.75 23.27
C LYS H 599 -38.81 -2.36 23.25
N TYR H 600 -39.08 -3.21 22.26
CA TYR H 600 -40.39 -3.86 22.17
C TYR H 600 -40.50 -5.03 23.14
N LEU H 601 -39.42 -5.78 23.34
CA LEU H 601 -39.46 -6.98 24.16
C LEU H 601 -39.08 -6.74 25.62
N GLY H 602 -38.71 -5.52 25.99
CA GLY H 602 -38.35 -5.23 27.37
C GLY H 602 -39.51 -4.93 28.28
N ARG H 603 -40.71 -4.77 27.74
CA ARG H 603 -41.88 -4.46 28.56
C ARG H 603 -42.26 -5.61 29.47
N TYR H 604 -41.95 -6.85 29.06
CA TYR H 604 -42.32 -8.00 29.88
C TYR H 604 -41.49 -8.06 31.17
N TYR H 605 -40.21 -7.70 31.10
CA TYR H 605 -39.42 -7.58 32.32
C TYR H 605 -39.95 -6.50 33.24
N MET H 606 -40.38 -5.36 32.67
CA MET H 606 -40.97 -4.31 33.50
C MET H 606 -42.24 -4.80 34.18
N SER H 607 -43.07 -5.53 33.44
CA SER H 607 -44.28 -6.10 34.03
C SER H 607 -43.93 -7.08 35.15
N ALA H 608 -42.90 -7.91 34.93
CA ALA H 608 -42.50 -8.87 35.96
C ALA H 608 -42.01 -8.16 37.22
N ARG H 609 -41.24 -7.08 37.05
CA ARG H 609 -40.78 -6.32 38.19
C ARG H 609 -41.95 -5.68 38.93
N HIS H 610 -42.93 -5.17 38.18
CA HIS H 610 -44.12 -4.59 38.81
C HIS H 610 -44.89 -5.62 39.61
N MET H 611 -45.08 -6.82 39.05
CA MET H 611 -45.76 -7.88 39.80
C MET H 611 -44.97 -8.27 41.04
N ALA H 612 -43.64 -8.34 40.93
CA ALA H 612 -42.83 -8.66 42.10
C ALA H 612 -42.97 -7.61 43.19
N LEU H 613 -42.95 -6.33 42.80
CA LEU H 613 -43.13 -5.27 43.77
C LEU H 613 -44.51 -5.32 44.42
N SER H 614 -45.54 -5.61 43.62
CA SER H 614 -46.90 -5.70 44.16
C SER H 614 -47.02 -6.87 45.13
N LYS H 615 -46.40 -8.00 44.81
CA LYS H 615 -46.52 -9.18 45.67
C LYS H 615 -45.72 -9.01 46.95
N ALA H 616 -44.51 -8.45 46.86
CA ALA H 616 -43.67 -8.33 48.05
C ALA H 616 -44.13 -7.19 48.95
N PHE H 617 -44.07 -5.96 48.44
CA PHE H 617 -44.51 -4.79 49.21
C PHE H 617 -44.79 -3.62 48.27
N PRO H 618 -45.99 -3.04 48.30
CA PRO H 618 -46.36 -1.90 47.45
C PRO H 618 -45.55 -0.65 47.78
#